data_6TEQ
#
_entry.id   6TEQ
#
_cell.length_a   52.218
_cell.length_b   164.386
_cell.length_c   115.874
_cell.angle_alpha   90.000
_cell.angle_beta   95.940
_cell.angle_gamma   90.000
#
_symmetry.space_group_name_H-M   'P 1 21 1'
#
loop_
_entity.id
_entity.type
_entity.pdbx_description
1 polymer Galactokinase
2 non-polymer '2-(N-MORPHOLINO)-ETHANESULFONIC ACID'
3 non-polymer DI(HYDROXYETHYL)ETHER
4 non-polymer GLYCEROL
5 non-polymer 2-deoxy-2-fluoro-alpha-D-galactopyranose
6 non-polymer 2-deoxy-2-fluoro-beta-D-galactopyranose
7 non-polymer 'CHLORIDE ION'
8 non-polymer 1,2-ETHANEDIOL
9 non-polymer 'TRIETHYLENE GLYCOL'
10 water water
#
_entity_poly.entity_id   1
_entity_poly.type   'polypeptide(L)'
_entity_poly.pdbx_seq_one_letter_code
;MTAVEFIEPLTHEEGVSQATKLFVDTYGAAPEGVWAAPGRVNLIGEHTDYNAGLCLPIALPHRTFIALKPREDTKVRVVS
GVAPDKVAEADLDGLKARGVDGWSAYPTGVAWALRQAGFDKVKGFDAAFVSCVPLGSGLSSSAAMTCSTALALDDVYGLG
YGDSDAGRVTLINAAIKSENEMAGASTGGLDQNASMRCTEGHALLLDCRPELTPLENVSQQEFDLDKYNLELLVVDTQAP
HQLNDGQYAQRRATCEEAAKILGVANLRVTADGISKADDQFQALKETLDALPDETMKKRVRHVVTEIERVRSFVRAFAQG
DIKAAGRLFNASHDSLAADYEVTVPELDIAVDVARKNGAYGARMTGGGFGGSIIALVDKGQGHEIAQKIADRFEKEGFNA
PRALPAFAAASASREAKLAAALEHHHHHH
;
_entity_poly.pdbx_strand_id   A,B,C,D
#
# COMPACT_ATOMS: atom_id res chain seq x y z
N MET A 1 -49.19 -21.35 -3.80
CA MET A 1 -47.74 -21.66 -3.95
C MET A 1 -47.24 -22.21 -2.61
N THR A 2 -46.19 -22.99 -2.67
CA THR A 2 -45.50 -23.54 -1.50
C THR A 2 -44.23 -22.68 -1.26
N ALA A 3 -43.97 -22.39 0.00
CA ALA A 3 -42.71 -21.80 0.48
C ALA A 3 -41.53 -22.63 -0.04
N VAL A 4 -40.39 -21.98 -0.23
CA VAL A 4 -39.17 -22.65 -0.74
C VAL A 4 -38.76 -23.73 0.27
N GLU A 5 -38.43 -24.89 -0.24
CA GLU A 5 -37.98 -26.05 0.55
C GLU A 5 -36.50 -25.92 0.92
N PHE A 6 -36.17 -26.23 2.17
CA PHE A 6 -34.78 -26.48 2.65
C PHE A 6 -34.65 -27.99 2.83
N ILE A 7 -33.63 -28.55 2.18
N ILE A 7 -33.52 -28.53 2.41
CA ILE A 7 -33.29 -30.00 2.16
CA ILE A 7 -33.20 -29.97 2.62
C ILE A 7 -32.34 -30.25 3.32
C ILE A 7 -32.30 -30.06 3.83
N GLU A 8 -32.80 -30.86 4.39
N GLU A 8 -32.82 -30.60 4.92
CA GLU A 8 -32.05 -31.01 5.65
CA GLU A 8 -32.04 -30.93 6.12
C GLU A 8 -31.04 -32.15 5.51
C GLU A 8 -31.18 -32.16 5.83
N PRO A 9 -29.88 -32.13 6.20
CA PRO A 9 -29.00 -33.28 6.11
C PRO A 9 -29.52 -34.38 7.04
N LEU A 10 -29.31 -35.60 6.61
CA LEU A 10 -29.49 -36.80 7.42
C LEU A 10 -28.53 -36.73 8.60
N THR A 11 -29.04 -37.04 9.77
CA THR A 11 -28.19 -37.25 10.95
C THR A 11 -27.40 -38.56 10.78
N HIS A 12 -26.34 -38.68 11.57
CA HIS A 12 -25.56 -39.94 11.67
C HIS A 12 -26.57 -41.08 11.87
N GLU A 13 -27.49 -40.91 12.84
CA GLU A 13 -28.42 -42.01 13.22
C GLU A 13 -29.33 -42.36 12.04
N GLU A 14 -29.84 -41.38 11.31
CA GLU A 14 -30.77 -41.57 10.18
C GLU A 14 -30.05 -42.25 9.04
N GLY A 15 -28.86 -41.76 8.70
CA GLY A 15 -28.08 -42.32 7.59
C GLY A 15 -27.75 -43.77 7.85
N VAL A 16 -27.26 -44.05 9.05
CA VAL A 16 -26.91 -45.46 9.41
C VAL A 16 -28.20 -46.28 9.36
N SER A 17 -29.25 -45.80 10.00
CA SER A 17 -30.53 -46.57 10.12
C SER A 17 -31.06 -46.90 8.71
N GLN A 18 -31.07 -45.92 7.82
CA GLN A 18 -31.69 -46.06 6.49
C GLN A 18 -30.83 -46.90 5.58
N ALA A 19 -29.51 -46.71 5.59
CA ALA A 19 -28.58 -47.49 4.74
C ALA A 19 -28.60 -48.93 5.20
N THR A 20 -28.65 -49.15 6.52
CA THR A 20 -28.65 -50.53 7.09
C THR A 20 -29.95 -51.23 6.69
N LYS A 21 -31.09 -50.58 6.85
CA LYS A 21 -32.40 -51.16 6.51
C LYS A 21 -32.43 -51.50 5.00
N LEU A 22 -31.98 -50.61 4.12
CA LEU A 22 -32.03 -50.91 2.68
C LEU A 22 -31.13 -52.11 2.40
N PHE A 23 -30.02 -52.18 3.08
CA PHE A 23 -29.06 -53.30 2.88
C PHE A 23 -29.74 -54.62 3.32
N VAL A 24 -30.37 -54.64 4.49
CA VAL A 24 -30.98 -55.88 5.06
C VAL A 24 -32.19 -56.23 4.20
N ASP A 25 -33.02 -55.24 3.83
CA ASP A 25 -34.19 -55.46 2.92
C ASP A 25 -33.79 -56.05 1.56
N THR A 26 -32.64 -55.68 1.06
CA THR A 26 -32.22 -56.01 -0.32
C THR A 26 -31.46 -57.35 -0.28
N TYR A 27 -30.52 -57.51 0.65
CA TYR A 27 -29.53 -58.62 0.64
C TYR A 27 -29.69 -59.62 1.77
N GLY A 28 -30.59 -59.37 2.72
CA GLY A 28 -30.93 -60.19 3.90
C GLY A 28 -29.84 -60.19 4.93
N ALA A 29 -28.60 -60.41 4.53
CA ALA A 29 -27.41 -60.33 5.42
C ALA A 29 -27.33 -58.94 6.11
N ALA A 30 -26.67 -58.86 7.25
CA ALA A 30 -26.24 -57.59 7.89
C ALA A 30 -25.03 -57.06 7.13
N PRO A 31 -24.86 -55.72 6.94
CA PRO A 31 -23.65 -55.22 6.31
C PRO A 31 -22.52 -55.29 7.34
N GLU A 32 -21.29 -55.25 6.85
CA GLU A 32 -20.09 -55.22 7.75
C GLU A 32 -20.05 -53.89 8.49
N GLY A 33 -20.50 -52.78 7.88
CA GLY A 33 -20.61 -51.49 8.56
C GLY A 33 -21.31 -50.50 7.62
N VAL A 34 -21.26 -49.24 7.99
CA VAL A 34 -21.77 -48.11 7.21
C VAL A 34 -20.68 -47.05 7.21
N TRP A 35 -20.40 -46.57 5.99
CA TRP A 35 -19.50 -45.44 5.80
C TRP A 35 -20.28 -44.29 5.19
N ALA A 36 -19.71 -43.09 5.20
CA ALA A 36 -20.38 -41.96 4.56
C ALA A 36 -19.38 -40.95 4.10
N ALA A 37 -19.73 -40.28 3.00
CA ALA A 37 -18.92 -39.18 2.47
C ALA A 37 -19.84 -38.02 2.18
N PRO A 38 -19.36 -36.81 2.41
CA PRO A 38 -20.20 -35.63 2.16
C PRO A 38 -20.14 -35.14 0.73
N GLY A 39 -21.19 -34.40 0.37
CA GLY A 39 -21.13 -33.50 -0.77
C GLY A 39 -20.33 -32.27 -0.39
N ARG A 40 -20.22 -31.31 -1.31
CA ARG A 40 -19.32 -30.19 -1.09
C ARG A 40 -19.87 -28.94 -1.74
N VAL A 41 -19.44 -27.79 -1.23
N VAL A 41 -19.44 -27.81 -1.17
CA VAL A 41 -19.53 -26.52 -1.99
CA VAL A 41 -19.49 -26.47 -1.81
C VAL A 41 -18.13 -25.93 -2.14
C VAL A 41 -18.05 -26.08 -2.16
N ASN A 42 -17.82 -25.57 -3.37
CA ASN A 42 -16.56 -24.86 -3.65
C ASN A 42 -16.80 -23.40 -3.34
N LEU A 43 -16.09 -22.87 -2.36
CA LEU A 43 -16.32 -21.46 -2.02
C LEU A 43 -15.84 -20.61 -3.18
N ILE A 44 -14.65 -20.91 -3.71
CA ILE A 44 -14.05 -20.16 -4.82
C ILE A 44 -12.89 -20.98 -5.34
N GLY A 45 -12.51 -20.69 -6.57
CA GLY A 45 -11.49 -21.44 -7.29
C GLY A 45 -12.14 -22.46 -8.16
N GLU A 46 -12.89 -21.97 -9.11
CA GLU A 46 -13.75 -22.76 -9.97
C GLU A 46 -13.12 -22.89 -11.34
N HIS A 47 -13.15 -24.13 -11.80
CA HIS A 47 -12.55 -24.50 -13.07
C HIS A 47 -11.04 -24.29 -13.04
N THR A 48 -10.45 -24.49 -11.88
CA THR A 48 -9.01 -24.38 -11.69
C THR A 48 -8.38 -25.71 -11.34
N ASP A 49 -9.14 -26.67 -10.80
CA ASP A 49 -8.53 -27.94 -10.37
C ASP A 49 -7.76 -28.65 -11.50
N TYR A 50 -8.39 -28.82 -12.65
CA TYR A 50 -7.79 -29.58 -13.76
C TYR A 50 -6.76 -28.71 -14.47
N ASN A 51 -6.61 -27.44 -14.05
CA ASN A 51 -5.51 -26.52 -14.50
C ASN A 51 -4.38 -26.44 -13.46
N ALA A 52 -4.34 -27.33 -12.47
CA ALA A 52 -3.28 -27.39 -11.42
C ALA A 52 -3.38 -26.12 -10.54
N GLY A 53 -4.59 -25.55 -10.39
CA GLY A 53 -4.77 -24.30 -9.67
C GLY A 53 -5.07 -24.52 -8.21
N LEU A 54 -5.64 -23.48 -7.64
CA LEU A 54 -6.06 -23.44 -6.23
C LEU A 54 -7.57 -23.55 -6.17
N CYS A 55 -8.06 -24.20 -5.10
N CYS A 55 -8.08 -24.07 -5.07
CA CYS A 55 -9.51 -24.34 -4.83
CA CYS A 55 -9.53 -24.05 -4.83
C CYS A 55 -9.73 -24.13 -3.34
C CYS A 55 -9.77 -24.25 -3.36
N LEU A 56 -10.98 -23.94 -2.97
CA LEU A 56 -11.36 -23.72 -1.56
C LEU A 56 -12.73 -24.30 -1.26
N PRO A 57 -12.84 -25.64 -1.25
CA PRO A 57 -14.13 -26.24 -0.87
C PRO A 57 -14.29 -26.46 0.63
N ILE A 58 -15.57 -26.56 0.98
CA ILE A 58 -16.03 -27.10 2.28
C ILE A 58 -16.85 -28.34 2.01
N ALA A 59 -16.86 -29.20 3.00
CA ALA A 59 -17.74 -30.38 2.95
C ALA A 59 -19.08 -29.96 3.53
N LEU A 60 -20.17 -30.32 2.86
CA LEU A 60 -21.51 -30.10 3.42
C LEU A 60 -21.81 -31.10 4.55
N PRO A 61 -22.80 -30.81 5.40
CA PRO A 61 -23.25 -31.82 6.34
C PRO A 61 -24.00 -32.96 5.65
N HIS A 62 -24.47 -32.71 4.44
CA HIS A 62 -25.24 -33.65 3.61
C HIS A 62 -24.28 -34.74 3.13
N ARG A 63 -24.59 -36.00 3.39
CA ARG A 63 -23.73 -37.14 3.11
C ARG A 63 -24.49 -38.22 2.33
N THR A 64 -23.70 -39.03 1.65
CA THR A 64 -24.13 -40.32 1.09
C THR A 64 -23.64 -41.37 2.09
N PHE A 65 -24.54 -42.25 2.50
CA PHE A 65 -24.28 -43.35 3.43
C PHE A 65 -24.30 -44.66 2.68
N ILE A 66 -23.23 -45.41 2.86
CA ILE A 66 -23.06 -46.71 2.17
C ILE A 66 -23.03 -47.78 3.24
N ALA A 67 -23.99 -48.69 3.17
CA ALA A 67 -23.90 -49.96 3.96
C ALA A 67 -23.22 -50.97 3.03
N LEU A 68 -22.11 -51.56 3.45
CA LEU A 68 -21.34 -52.47 2.58
C LEU A 68 -20.93 -53.75 3.28
N LYS A 69 -20.84 -54.81 2.50
CA LYS A 69 -20.24 -56.09 2.97
C LYS A 69 -19.40 -56.62 1.83
N PRO A 70 -18.16 -57.05 2.11
CA PRO A 70 -17.33 -57.60 1.03
C PRO A 70 -17.89 -58.98 0.66
N ARG A 71 -17.51 -59.43 -0.50
CA ARG A 71 -17.82 -60.78 -1.00
C ARG A 71 -16.53 -61.56 -1.23
N GLU A 72 -16.59 -62.90 -1.22
N GLU A 72 -16.63 -62.90 -1.19
CA GLU A 72 -15.41 -63.76 -1.56
CA GLU A 72 -15.53 -63.83 -1.53
C GLU A 72 -15.37 -64.03 -3.07
C GLU A 72 -15.33 -63.81 -3.06
N ASP A 73 -16.41 -63.66 -3.82
CA ASP A 73 -16.34 -63.62 -5.31
C ASP A 73 -16.09 -62.20 -5.78
N THR A 74 -16.18 -61.98 -7.09
CA THR A 74 -15.89 -60.68 -7.76
C THR A 74 -17.19 -60.01 -8.17
N LYS A 75 -18.33 -60.52 -7.69
CA LYS A 75 -19.66 -59.91 -7.95
C LYS A 75 -19.79 -58.61 -7.14
N VAL A 76 -20.40 -57.62 -7.74
CA VAL A 76 -20.73 -56.30 -7.14
C VAL A 76 -22.21 -56.08 -7.35
N ARG A 77 -22.91 -56.09 -6.23
CA ARG A 77 -24.34 -55.72 -6.18
C ARG A 77 -24.44 -54.37 -5.49
N VAL A 78 -25.22 -53.48 -6.05
CA VAL A 78 -25.48 -52.17 -5.42
C VAL A 78 -26.96 -51.83 -5.60
N VAL A 79 -27.47 -51.13 -4.62
CA VAL A 79 -28.85 -50.62 -4.66
C VAL A 79 -28.81 -49.21 -4.10
N SER A 80 -29.71 -48.36 -4.53
CA SER A 80 -29.82 -46.98 -4.02
C SER A 80 -31.23 -46.74 -3.52
N GLY A 81 -31.37 -45.92 -2.49
CA GLY A 81 -32.68 -45.57 -1.92
C GLY A 81 -33.55 -44.87 -2.97
N VAL A 82 -32.98 -44.23 -3.97
N VAL A 82 -32.92 -44.29 -4.00
CA VAL A 82 -33.87 -43.63 -5.01
CA VAL A 82 -33.58 -43.63 -5.20
C VAL A 82 -34.71 -44.76 -5.60
C VAL A 82 -34.50 -44.63 -5.94
N ALA A 83 -34.09 -45.91 -5.94
CA ALA A 83 -34.71 -46.97 -6.76
C ALA A 83 -34.55 -48.29 -6.05
N PRO A 84 -35.19 -48.48 -4.89
CA PRO A 84 -34.80 -49.58 -4.01
C PRO A 84 -35.11 -50.97 -4.58
N ASP A 85 -35.97 -51.06 -5.60
CA ASP A 85 -36.36 -52.35 -6.19
C ASP A 85 -35.45 -52.70 -7.38
N LYS A 86 -34.43 -51.89 -7.67
CA LYS A 86 -33.53 -52.07 -8.85
C LYS A 86 -32.08 -52.28 -8.35
N VAL A 87 -31.70 -53.52 -8.13
CA VAL A 87 -30.32 -53.95 -7.80
C VAL A 87 -29.52 -54.07 -9.10
N ALA A 88 -28.39 -53.39 -9.11
CA ALA A 88 -27.46 -53.43 -10.24
C ALA A 88 -26.39 -54.46 -9.92
N GLU A 89 -25.96 -55.23 -10.92
N GLU A 89 -26.07 -55.35 -10.86
CA GLU A 89 -25.07 -56.41 -10.65
CA GLU A 89 -24.96 -56.30 -10.63
C GLU A 89 -24.02 -56.44 -11.76
C GLU A 89 -23.97 -56.14 -11.76
N ALA A 90 -22.72 -56.38 -11.40
CA ALA A 90 -21.60 -56.44 -12.35
C ALA A 90 -20.60 -57.42 -11.75
N ASP A 91 -19.56 -57.70 -12.50
CA ASP A 91 -18.51 -58.61 -12.05
C ASP A 91 -17.20 -57.91 -12.37
N LEU A 92 -16.31 -57.83 -11.38
CA LEU A 92 -15.00 -57.18 -11.53
C LEU A 92 -14.02 -58.00 -12.36
N ASP A 93 -14.21 -59.33 -12.44
CA ASP A 93 -13.27 -60.25 -13.09
C ASP A 93 -13.18 -59.89 -14.56
N GLY A 94 -12.06 -59.29 -14.99
CA GLY A 94 -11.83 -58.91 -16.40
C GLY A 94 -12.67 -57.70 -16.83
N LEU A 95 -13.25 -56.98 -15.88
CA LEU A 95 -14.02 -55.77 -16.15
C LEU A 95 -13.10 -54.73 -16.77
N LYS A 96 -13.60 -54.08 -17.82
CA LYS A 96 -12.84 -53.04 -18.54
C LYS A 96 -13.52 -51.68 -18.31
N ALA A 97 -12.77 -50.62 -18.55
CA ALA A 97 -13.28 -49.25 -18.63
C ALA A 97 -14.61 -49.24 -19.41
N ARG A 98 -15.63 -48.59 -18.86
CA ARG A 98 -16.96 -48.39 -19.50
C ARG A 98 -17.75 -49.70 -19.54
N GLY A 99 -17.35 -50.67 -18.71
CA GLY A 99 -17.93 -52.01 -18.76
C GLY A 99 -19.18 -52.12 -17.94
N VAL A 100 -19.59 -51.00 -17.31
CA VAL A 100 -20.68 -51.11 -16.33
C VAL A 100 -21.84 -50.23 -16.73
N ASP A 101 -23.05 -50.82 -16.70
CA ASP A 101 -24.27 -50.09 -17.16
C ASP A 101 -24.84 -49.19 -16.04
N GLY A 102 -24.79 -47.84 -16.22
CA GLY A 102 -25.58 -46.79 -15.51
C GLY A 102 -24.87 -46.29 -14.23
N TRP A 103 -25.61 -45.80 -13.24
CA TRP A 103 -25.12 -45.24 -11.93
C TRP A 103 -24.18 -46.23 -11.20
N SER A 104 -24.36 -47.52 -11.33
CA SER A 104 -23.55 -48.55 -10.65
C SER A 104 -22.11 -48.50 -11.11
N ALA A 105 -21.83 -47.85 -12.22
CA ALA A 105 -20.44 -47.67 -12.70
C ALA A 105 -19.65 -46.92 -11.62
N TYR A 106 -20.27 -45.99 -10.91
CA TYR A 106 -19.52 -45.17 -9.93
C TYR A 106 -18.99 -46.00 -8.77
N PRO A 107 -19.82 -46.75 -7.99
CA PRO A 107 -19.23 -47.60 -6.96
C PRO A 107 -18.43 -48.78 -7.52
N THR A 108 -18.92 -49.44 -8.59
CA THR A 108 -18.22 -50.63 -9.10
C THR A 108 -16.83 -50.18 -9.55
N GLY A 109 -16.80 -49.00 -10.18
CA GLY A 109 -15.55 -48.50 -10.81
C GLY A 109 -14.49 -48.20 -9.76
N VAL A 110 -14.90 -47.95 -8.53
CA VAL A 110 -13.93 -47.74 -7.42
C VAL A 110 -13.19 -49.04 -7.08
N ALA A 111 -13.90 -50.14 -6.95
CA ALA A 111 -13.27 -51.45 -6.74
C ALA A 111 -12.34 -51.77 -7.93
N TRP A 112 -12.83 -51.56 -9.15
CA TRP A 112 -12.03 -51.76 -10.39
C TRP A 112 -10.75 -50.93 -10.32
N ALA A 113 -10.88 -49.66 -9.96
CA ALA A 113 -9.70 -48.76 -9.91
C ALA A 113 -8.72 -49.24 -8.86
N LEU A 114 -9.17 -49.67 -7.69
CA LEU A 114 -8.25 -50.20 -6.67
C LEU A 114 -7.55 -51.46 -7.20
N ARG A 115 -8.28 -52.35 -7.87
CA ARG A 115 -7.66 -53.58 -8.39
C ARG A 115 -6.65 -53.16 -9.44
N GLN A 116 -7.00 -52.19 -10.32
CA GLN A 116 -6.11 -51.72 -11.40
C GLN A 116 -4.82 -51.14 -10.77
N ALA A 117 -4.89 -50.60 -9.56
CA ALA A 117 -3.73 -50.01 -8.85
C ALA A 117 -2.93 -51.09 -8.13
N GLY A 118 -3.33 -52.36 -8.24
CA GLY A 118 -2.60 -53.53 -7.69
C GLY A 118 -3.09 -53.93 -6.32
N PHE A 119 -4.24 -53.41 -5.86
CA PHE A 119 -4.88 -53.88 -4.60
C PHE A 119 -5.65 -55.17 -4.89
N ASP A 120 -4.89 -56.26 -5.04
CA ASP A 120 -5.42 -57.59 -5.49
C ASP A 120 -6.32 -58.22 -4.41
N LYS A 121 -6.25 -57.73 -3.16
CA LYS A 121 -7.13 -58.20 -2.05
C LYS A 121 -8.57 -57.73 -2.30
N VAL A 122 -8.77 -56.67 -3.10
CA VAL A 122 -10.13 -56.12 -3.31
C VAL A 122 -10.87 -57.03 -4.28
N LYS A 123 -11.90 -57.67 -3.78
CA LYS A 123 -12.83 -58.51 -4.56
C LYS A 123 -14.18 -57.79 -4.59
N GLY A 124 -15.25 -58.54 -4.71
CA GLY A 124 -16.61 -58.03 -4.87
C GLY A 124 -17.14 -57.39 -3.64
N PHE A 125 -18.38 -56.94 -3.75
CA PHE A 125 -19.08 -56.40 -2.57
C PHE A 125 -20.57 -56.24 -2.87
N ASP A 126 -21.33 -56.22 -1.79
CA ASP A 126 -22.74 -55.82 -1.76
C ASP A 126 -22.82 -54.46 -1.09
N ALA A 127 -23.60 -53.56 -1.67
CA ALA A 127 -23.79 -52.24 -1.02
C ALA A 127 -25.20 -51.71 -1.23
N ALA A 128 -25.55 -50.88 -0.29
CA ALA A 128 -26.79 -50.07 -0.30
C ALA A 128 -26.41 -48.63 0.03
N PHE A 129 -26.88 -47.74 -0.81
CA PHE A 129 -26.65 -46.28 -0.64
C PHE A 129 -27.97 -45.55 -0.31
N VAL A 130 -27.88 -44.67 0.68
CA VAL A 130 -28.90 -43.67 1.03
C VAL A 130 -28.17 -42.33 1.08
N SER A 131 -28.69 -41.33 0.34
CA SER A 131 -28.06 -40.00 0.28
C SER A 131 -29.05 -38.90 0.60
N CYS A 132 -28.53 -37.76 1.05
CA CYS A 132 -29.28 -36.50 1.05
C CYS A 132 -28.50 -35.43 0.25
N VAL A 133 -27.45 -35.78 -0.51
CA VAL A 133 -26.79 -34.83 -1.44
C VAL A 133 -27.69 -34.71 -2.65
N PRO A 134 -28.32 -33.53 -2.86
CA PRO A 134 -29.38 -33.41 -3.87
C PRO A 134 -28.87 -33.69 -5.30
N LEU A 135 -29.63 -34.53 -6.01
CA LEU A 135 -29.30 -34.91 -7.38
C LEU A 135 -29.38 -33.68 -8.27
N GLY A 136 -28.41 -33.52 -9.16
CA GLY A 136 -28.36 -32.46 -10.19
C GLY A 136 -28.02 -31.10 -9.62
N SER A 137 -27.72 -31.04 -8.33
CA SER A 137 -27.41 -29.76 -7.65
C SER A 137 -25.98 -29.27 -7.89
N GLY A 138 -25.09 -30.06 -8.49
CA GLY A 138 -23.69 -29.64 -8.62
C GLY A 138 -22.99 -29.62 -7.26
N LEU A 139 -23.51 -30.35 -6.28
CA LEU A 139 -22.90 -30.43 -4.94
C LEU A 139 -22.17 -31.77 -4.75
N SER A 140 -21.88 -32.50 -5.82
N SER A 140 -21.91 -32.44 -5.87
CA SER A 140 -20.91 -33.62 -5.73
CA SER A 140 -21.12 -33.69 -5.99
C SER A 140 -21.52 -34.91 -5.18
C SER A 140 -21.79 -34.87 -5.27
N SER A 141 -22.82 -35.15 -5.40
N SER A 141 -22.96 -35.25 -5.77
CA SER A 141 -23.39 -36.49 -5.14
CA SER A 141 -23.56 -36.56 -5.40
C SER A 141 -22.42 -37.52 -5.78
C SER A 141 -22.59 -37.68 -5.82
N SER A 142 -21.83 -37.24 -6.92
N SER A 142 -21.93 -37.56 -6.95
CA SER A 142 -20.94 -38.22 -7.61
CA SER A 142 -20.96 -38.59 -7.43
C SER A 142 -19.73 -38.63 -6.73
C SER A 142 -19.79 -38.73 -6.45
N ALA A 143 -19.09 -37.65 -6.11
CA ALA A 143 -17.92 -37.86 -5.21
C ALA A 143 -18.39 -38.45 -3.91
N ALA A 144 -19.54 -38.02 -3.40
CA ALA A 144 -20.02 -38.60 -2.14
C ALA A 144 -20.17 -40.11 -2.37
N MET A 145 -20.65 -40.52 -3.54
CA MET A 145 -20.86 -41.97 -3.78
C MET A 145 -19.49 -42.67 -3.96
N THR A 146 -18.62 -42.12 -4.76
CA THR A 146 -17.33 -42.79 -5.05
C THR A 146 -16.45 -42.77 -3.81
N CYS A 147 -16.41 -41.69 -3.05
CA CYS A 147 -15.53 -41.58 -1.87
C CYS A 147 -16.06 -42.43 -0.70
N SER A 148 -17.37 -42.51 -0.54
CA SER A 148 -17.92 -43.38 0.56
C SER A 148 -17.57 -44.83 0.21
N THR A 149 -17.66 -45.19 -1.05
CA THR A 149 -17.36 -46.60 -1.50
C THR A 149 -15.86 -46.85 -1.29
N ALA A 150 -15.01 -45.90 -1.66
CA ALA A 150 -13.53 -46.07 -1.58
C ALA A 150 -13.17 -46.23 -0.12
N LEU A 151 -13.79 -45.46 0.79
CA LEU A 151 -13.44 -45.57 2.22
C LEU A 151 -13.92 -46.93 2.74
N ALA A 152 -15.12 -47.33 2.37
CA ALA A 152 -15.71 -48.59 2.85
C ALA A 152 -14.82 -49.76 2.36
N LEU A 153 -14.42 -49.78 1.08
CA LEU A 153 -13.61 -50.86 0.55
C LEU A 153 -12.24 -50.90 1.23
N ASP A 154 -11.63 -49.75 1.42
CA ASP A 154 -10.32 -49.67 2.09
C ASP A 154 -10.44 -50.32 3.46
N ASP A 155 -11.49 -50.01 4.18
CA ASP A 155 -11.72 -50.54 5.53
C ASP A 155 -11.90 -52.04 5.46
N VAL A 156 -12.87 -52.54 4.70
CA VAL A 156 -13.25 -53.99 4.84
C VAL A 156 -12.09 -54.82 4.33
N TYR A 157 -11.37 -54.33 3.32
CA TYR A 157 -10.24 -55.10 2.76
C TYR A 157 -8.92 -54.75 3.47
N GLY A 158 -8.91 -53.89 4.51
CA GLY A 158 -7.72 -53.61 5.33
C GLY A 158 -6.57 -53.06 4.52
N LEU A 159 -6.83 -52.15 3.61
CA LEU A 159 -5.76 -51.71 2.66
C LEU A 159 -4.86 -50.73 3.39
N GLY A 160 -5.38 -49.99 4.40
CA GLY A 160 -4.53 -49.17 5.28
C GLY A 160 -4.39 -47.75 4.78
N TYR A 161 -5.31 -47.30 3.91
CA TYR A 161 -5.22 -45.90 3.36
C TYR A 161 -6.24 -44.96 4.00
N GLY A 162 -7.27 -45.45 4.64
CA GLY A 162 -8.41 -44.62 5.11
C GLY A 162 -8.08 -43.82 6.36
N ASP A 163 -7.10 -44.27 7.17
CA ASP A 163 -6.85 -43.71 8.51
C ASP A 163 -5.81 -42.59 8.49
N SER A 164 -5.50 -42.03 7.34
CA SER A 164 -4.59 -40.84 7.27
C SER A 164 -5.02 -39.96 6.11
N ASP A 165 -4.79 -38.65 6.28
CA ASP A 165 -5.00 -37.72 5.15
C ASP A 165 -4.23 -38.17 3.94
N ALA A 166 -2.91 -38.37 4.09
CA ALA A 166 -2.07 -38.71 2.91
C ALA A 166 -2.53 -40.04 2.31
N GLY A 167 -2.87 -41.02 3.15
CA GLY A 167 -3.38 -42.31 2.68
C GLY A 167 -4.66 -42.10 1.86
N ARG A 168 -5.50 -41.19 2.33
CA ARG A 168 -6.79 -41.02 1.63
C ARG A 168 -6.57 -40.54 0.19
N VAL A 169 -5.42 -39.95 -0.16
CA VAL A 169 -5.19 -39.55 -1.56
C VAL A 169 -5.22 -40.78 -2.49
N THR A 170 -4.73 -41.92 -2.03
CA THR A 170 -4.83 -43.15 -2.84
C THR A 170 -6.30 -43.45 -3.16
N LEU A 171 -7.17 -43.31 -2.16
CA LEU A 171 -8.62 -43.60 -2.30
C LEU A 171 -9.30 -42.53 -3.15
N ILE A 172 -8.92 -41.28 -2.95
CA ILE A 172 -9.31 -40.17 -3.85
C ILE A 172 -8.99 -40.50 -5.29
N ASN A 173 -7.78 -40.96 -5.55
CA ASN A 173 -7.36 -41.21 -6.95
C ASN A 173 -8.22 -42.34 -7.52
N ALA A 174 -8.57 -43.35 -6.72
CA ALA A 174 -9.42 -44.46 -7.20
C ALA A 174 -10.81 -43.90 -7.53
N ALA A 175 -11.34 -43.02 -6.69
CA ALA A 175 -12.68 -42.42 -6.88
C ALA A 175 -12.71 -41.60 -8.18
N ILE A 176 -11.72 -40.73 -8.36
CA ILE A 176 -11.54 -39.95 -9.60
C ILE A 176 -11.46 -40.90 -10.80
N LYS A 177 -10.65 -41.95 -10.71
CA LYS A 177 -10.50 -42.87 -11.87
C LYS A 177 -11.83 -43.58 -12.18
N SER A 178 -12.57 -43.97 -11.15
CA SER A 178 -13.88 -44.58 -11.38
C SER A 178 -14.75 -43.65 -12.24
N GLU A 179 -14.87 -42.43 -11.80
N GLU A 179 -14.82 -42.41 -11.82
CA GLU A 179 -15.78 -41.48 -12.46
CA GLU A 179 -15.75 -41.42 -12.40
C GLU A 179 -15.27 -41.28 -13.88
C GLU A 179 -15.32 -41.08 -13.83
N ASN A 180 -14.00 -40.90 -14.04
CA ASN A 180 -13.46 -40.57 -15.37
C ASN A 180 -13.50 -41.76 -16.34
N GLU A 181 -13.05 -42.93 -15.88
CA GLU A 181 -12.72 -44.04 -16.77
C GLU A 181 -13.83 -45.08 -16.75
N MET A 182 -14.46 -45.35 -15.61
CA MET A 182 -15.57 -46.34 -15.55
C MET A 182 -16.90 -45.68 -15.97
N ALA A 183 -17.27 -44.57 -15.34
CA ALA A 183 -18.56 -43.90 -15.58
C ALA A 183 -18.47 -43.01 -16.83
N GLY A 184 -17.25 -42.64 -17.26
CA GLY A 184 -17.09 -41.82 -18.47
C GLY A 184 -17.46 -40.38 -18.23
N ALA A 185 -17.41 -39.96 -16.97
CA ALA A 185 -17.81 -38.61 -16.53
C ALA A 185 -16.53 -37.85 -16.22
N SER A 186 -16.22 -36.86 -17.02
CA SER A 186 -14.99 -36.05 -16.88
C SER A 186 -15.03 -35.29 -15.56
N THR A 187 -14.00 -35.42 -14.76
CA THR A 187 -13.92 -34.79 -13.41
C THR A 187 -12.46 -34.50 -13.05
N GLY A 188 -12.26 -33.32 -12.46
CA GLY A 188 -11.00 -33.01 -11.81
C GLY A 188 -11.11 -33.64 -10.43
N GLY A 189 -10.25 -33.25 -9.55
CA GLY A 189 -10.24 -33.87 -8.24
C GLY A 189 -10.77 -33.03 -7.13
N LEU A 190 -11.27 -31.83 -7.43
N LEU A 190 -11.25 -31.83 -7.41
CA LEU A 190 -11.85 -30.88 -6.44
CA LEU A 190 -11.77 -30.97 -6.34
C LEU A 190 -12.75 -31.63 -5.45
C LEU A 190 -12.70 -31.75 -5.40
N ASP A 191 -13.71 -32.36 -6.00
CA ASP A 191 -14.84 -32.83 -5.24
C ASP A 191 -14.42 -33.96 -4.30
N GLN A 192 -13.53 -34.82 -4.78
CA GLN A 192 -13.11 -36.02 -4.06
C GLN A 192 -12.11 -35.60 -2.97
N ASN A 193 -11.27 -34.63 -3.20
CA ASN A 193 -10.41 -34.06 -2.16
C ASN A 193 -11.25 -33.44 -1.09
N ALA A 194 -12.29 -32.67 -1.44
CA ALA A 194 -13.19 -32.06 -0.42
C ALA A 194 -13.80 -33.16 0.40
N SER A 195 -14.37 -34.17 -0.24
CA SER A 195 -15.23 -35.15 0.44
C SER A 195 -14.37 -35.94 1.43
N MET A 196 -13.09 -36.12 1.15
N MET A 196 -13.09 -36.12 1.12
CA MET A 196 -12.25 -37.02 1.98
CA MET A 196 -12.20 -37.02 1.88
C MET A 196 -11.22 -36.25 2.80
C MET A 196 -11.30 -36.24 2.84
N ARG A 197 -11.10 -34.94 2.65
CA ARG A 197 -10.03 -34.21 3.34
C ARG A 197 -10.46 -32.94 4.02
N CYS A 198 -11.70 -32.49 3.82
CA CYS A 198 -12.20 -31.30 4.55
C CYS A 198 -12.28 -31.61 6.04
N THR A 199 -12.29 -30.57 6.84
CA THR A 199 -12.55 -30.71 8.27
C THR A 199 -13.65 -29.75 8.73
N GLU A 200 -14.28 -30.11 9.79
CA GLU A 200 -15.36 -29.28 10.38
C GLU A 200 -14.81 -27.89 10.76
N GLY A 201 -15.57 -26.86 10.39
CA GLY A 201 -15.20 -25.46 10.66
C GLY A 201 -14.08 -24.91 9.79
N HIS A 202 -13.63 -25.63 8.76
CA HIS A 202 -12.51 -25.20 7.90
C HIS A 202 -12.87 -25.40 6.43
N ALA A 203 -12.27 -24.57 5.58
CA ALA A 203 -12.21 -24.76 4.14
C ALA A 203 -10.87 -25.38 3.79
N LEU A 204 -10.85 -26.15 2.74
CA LEU A 204 -9.69 -26.86 2.31
C LEU A 204 -8.97 -26.06 1.21
N LEU A 205 -7.91 -25.31 1.53
CA LEU A 205 -7.15 -24.62 0.43
C LEU A 205 -6.29 -25.68 -0.26
N LEU A 206 -6.79 -26.12 -1.40
CA LEU A 206 -6.27 -27.28 -2.14
C LEU A 206 -5.44 -26.74 -3.30
N ASP A 207 -4.19 -27.19 -3.35
CA ASP A 207 -3.27 -26.85 -4.41
C ASP A 207 -3.16 -28.03 -5.33
N CYS A 208 -3.64 -27.88 -6.56
CA CYS A 208 -3.82 -29.02 -7.48
C CYS A 208 -2.56 -29.28 -8.33
N ARG A 209 -1.41 -28.65 -8.01
CA ARG A 209 -0.21 -29.01 -8.80
C ARG A 209 0.07 -30.48 -8.59
N PRO A 210 0.23 -31.27 -9.67
CA PRO A 210 0.22 -32.72 -9.56
C PRO A 210 1.50 -33.28 -8.92
N GLU A 211 2.56 -32.46 -8.80
CA GLU A 211 3.85 -32.97 -8.26
C GLU A 211 3.86 -32.90 -6.71
N LEU A 212 2.87 -32.28 -6.07
CA LEU A 212 2.85 -32.08 -4.60
C LEU A 212 2.49 -33.37 -3.88
N THR A 213 3.08 -33.51 -2.72
CA THR A 213 2.73 -34.60 -1.84
C THR A 213 1.50 -34.17 -1.07
N PRO A 214 0.80 -35.12 -0.45
CA PRO A 214 -0.45 -34.79 0.23
C PRO A 214 -0.29 -33.72 1.33
N LEU A 215 0.78 -33.80 2.12
N LEU A 215 0.76 -33.80 2.16
CA LEU A 215 0.94 -32.83 3.21
CA LEU A 215 0.93 -32.77 3.22
C LEU A 215 1.39 -31.46 2.66
C LEU A 215 1.20 -31.42 2.57
N GLU A 216 1.79 -31.39 1.37
CA GLU A 216 2.10 -30.11 0.69
C GLU A 216 0.88 -29.46 0.07
N ASN A 217 -0.18 -30.23 -0.22
CA ASN A 217 -1.17 -29.75 -1.22
C ASN A 217 -2.48 -29.34 -0.53
N VAL A 218 -2.53 -29.37 0.80
CA VAL A 218 -3.67 -28.79 1.51
C VAL A 218 -3.25 -27.95 2.70
N SER A 219 -4.17 -27.06 3.04
N SER A 219 -3.93 -26.84 2.89
CA SER A 219 -4.03 -26.07 4.12
CA SER A 219 -3.96 -26.20 4.23
C SER A 219 -5.41 -25.78 4.69
C SER A 219 -5.43 -26.08 4.63
N GLN A 220 -5.70 -26.22 5.92
CA GLN A 220 -7.05 -26.05 6.50
C GLN A 220 -7.20 -24.59 6.88
N GLN A 221 -8.16 -23.88 6.29
CA GLN A 221 -8.36 -22.45 6.51
C GLN A 221 -9.60 -22.31 7.41
N GLU A 222 -9.50 -21.49 8.43
N GLU A 222 -9.53 -21.51 8.45
CA GLU A 222 -10.63 -21.18 9.33
CA GLU A 222 -10.67 -21.37 9.37
C GLU A 222 -11.81 -20.78 8.46
C GLU A 222 -11.83 -20.73 8.61
N PHE A 223 -12.99 -21.36 8.70
CA PHE A 223 -14.22 -20.97 8.00
C PHE A 223 -15.37 -21.06 8.99
N ASP A 224 -15.32 -20.22 9.99
CA ASP A 224 -16.32 -20.27 11.08
C ASP A 224 -17.33 -19.15 10.77
N LEU A 225 -18.44 -19.48 10.12
CA LEU A 225 -19.44 -18.47 9.75
C LEU A 225 -20.00 -17.77 11.01
N ASP A 226 -20.06 -18.45 12.14
CA ASP A 226 -20.66 -17.91 13.40
C ASP A 226 -19.78 -16.79 13.96
N LYS A 227 -18.45 -16.88 13.72
CA LYS A 227 -17.49 -15.88 14.25
C LYS A 227 -17.89 -14.50 13.67
N TYR A 228 -18.43 -14.47 12.45
CA TYR A 228 -18.76 -13.23 11.73
C TYR A 228 -20.27 -13.04 11.59
N ASN A 229 -21.06 -13.79 12.36
CA ASN A 229 -22.53 -13.66 12.25
C ASN A 229 -23.00 -13.78 10.80
N LEU A 230 -22.50 -14.83 10.14
CA LEU A 230 -22.84 -15.09 8.74
C LEU A 230 -23.56 -16.41 8.60
N GLU A 231 -24.10 -16.59 7.40
N GLU A 231 -24.27 -16.50 7.48
CA GLU A 231 -24.82 -17.80 6.98
CA GLU A 231 -24.79 -17.77 6.92
C GLU A 231 -24.46 -18.00 5.51
C GLU A 231 -24.18 -17.96 5.55
N LEU A 232 -24.08 -19.22 5.14
CA LEU A 232 -23.78 -19.51 3.72
C LEU A 232 -25.06 -20.07 3.15
N LEU A 233 -25.75 -19.26 2.37
CA LEU A 233 -26.97 -19.70 1.68
C LEU A 233 -26.53 -20.58 0.51
N VAL A 234 -27.15 -21.73 0.35
CA VAL A 234 -26.92 -22.60 -0.82
C VAL A 234 -28.27 -22.87 -1.47
N VAL A 235 -28.43 -22.54 -2.76
CA VAL A 235 -29.70 -22.73 -3.46
C VAL A 235 -29.42 -23.57 -4.67
N ASP A 236 -30.02 -24.73 -4.71
CA ASP A 236 -30.04 -25.58 -5.91
C ASP A 236 -31.11 -25.06 -6.86
N THR A 237 -30.71 -24.55 -8.00
CA THR A 237 -31.66 -23.96 -8.97
C THR A 237 -32.65 -25.00 -9.48
N GLN A 238 -32.30 -26.27 -9.42
CA GLN A 238 -33.10 -27.33 -10.10
C GLN A 238 -33.29 -27.01 -11.59
N ALA A 239 -32.39 -26.22 -12.20
CA ALA A 239 -32.48 -25.90 -13.64
C ALA A 239 -32.20 -27.21 -14.34
N PRO A 240 -32.92 -27.45 -15.47
CA PRO A 240 -32.77 -28.70 -16.21
C PRO A 240 -31.36 -28.68 -16.80
N HIS A 241 -30.57 -29.70 -16.57
CA HIS A 241 -29.24 -29.71 -17.25
C HIS A 241 -28.83 -31.14 -17.49
N GLN A 242 -27.61 -31.31 -18.00
CA GLN A 242 -27.20 -32.62 -18.53
C GLN A 242 -25.71 -32.94 -18.25
N LEU A 243 -25.47 -33.91 -17.38
CA LEU A 243 -24.13 -34.52 -17.16
C LEU A 243 -23.57 -35.07 -18.49
N ASN A 244 -22.27 -34.87 -18.75
N ASN A 244 -22.28 -34.80 -18.72
CA ASN A 244 -21.53 -35.51 -19.87
CA ASN A 244 -21.52 -35.47 -19.79
C ASN A 244 -22.07 -35.05 -21.22
C ASN A 244 -22.22 -35.13 -21.12
N ASP A 245 -22.67 -33.87 -21.28
CA ASP A 245 -23.22 -33.30 -22.53
C ASP A 245 -22.12 -32.73 -23.39
N GLY A 246 -20.92 -32.74 -22.87
CA GLY A 246 -19.68 -32.40 -23.58
C GLY A 246 -19.19 -31.01 -23.20
N GLN A 247 -20.00 -30.20 -22.56
CA GLN A 247 -19.61 -28.78 -22.30
C GLN A 247 -18.37 -28.77 -21.36
N TYR A 248 -18.43 -29.51 -20.25
CA TYR A 248 -17.36 -29.49 -19.21
C TYR A 248 -16.10 -30.03 -19.88
N ALA A 249 -16.22 -31.10 -20.65
CA ALA A 249 -15.07 -31.70 -21.37
C ALA A 249 -14.50 -30.68 -22.31
N GLN A 250 -15.34 -29.89 -22.99
N GLN A 250 -15.34 -29.83 -22.92
CA GLN A 250 -14.81 -28.88 -23.95
CA GLN A 250 -14.91 -28.82 -23.93
C GLN A 250 -13.95 -27.88 -23.15
C GLN A 250 -14.10 -27.70 -23.27
N ARG A 251 -14.45 -27.36 -22.04
CA ARG A 251 -13.67 -26.34 -21.28
C ARG A 251 -12.26 -26.91 -20.98
N ARG A 252 -12.22 -28.16 -20.50
CA ARG A 252 -10.95 -28.83 -20.23
C ARG A 252 -10.07 -28.87 -21.50
N ALA A 253 -10.63 -29.22 -22.68
CA ALA A 253 -9.86 -29.33 -23.92
C ALA A 253 -9.26 -27.97 -24.28
N THR A 254 -10.06 -26.94 -24.08
CA THR A 254 -9.66 -25.56 -24.40
C THR A 254 -8.50 -25.14 -23.54
N CYS A 255 -8.54 -25.47 -22.24
CA CYS A 255 -7.42 -25.12 -21.35
C CYS A 255 -6.17 -25.90 -21.75
N GLU A 256 -6.30 -27.22 -22.02
CA GLU A 256 -5.12 -28.01 -22.38
C GLU A 256 -4.47 -27.44 -23.64
N GLU A 257 -5.24 -27.04 -24.65
N GLU A 257 -5.30 -27.00 -24.60
CA GLU A 257 -4.63 -26.51 -25.89
CA GLU A 257 -4.93 -26.45 -25.93
C GLU A 257 -3.93 -25.20 -25.48
C GLU A 257 -4.15 -25.14 -25.71
N ALA A 258 -4.61 -24.34 -24.75
CA ALA A 258 -4.00 -23.08 -24.33
C ALA A 258 -2.60 -23.35 -23.77
N ALA A 259 -2.51 -24.34 -22.91
CA ALA A 259 -1.23 -24.64 -22.23
C ALA A 259 -0.19 -25.15 -23.23
N LYS A 260 -0.67 -25.95 -24.19
CA LYS A 260 0.19 -26.40 -25.31
C LYS A 260 0.69 -25.15 -26.06
N ILE A 261 -0.22 -24.26 -26.44
CA ILE A 261 0.16 -23.07 -27.25
C ILE A 261 1.18 -22.24 -26.46
N LEU A 262 0.98 -22.11 -25.16
CA LEU A 262 1.85 -21.31 -24.28
C LEU A 262 3.16 -22.04 -23.94
N GLY A 263 3.27 -23.33 -24.23
CA GLY A 263 4.49 -24.09 -23.96
C GLY A 263 4.68 -24.40 -22.48
N VAL A 264 3.58 -24.55 -21.72
CA VAL A 264 3.57 -24.77 -20.27
C VAL A 264 2.86 -26.06 -20.00
N ALA A 265 3.22 -26.70 -18.91
CA ALA A 265 2.60 -28.01 -18.57
C ALA A 265 1.13 -27.80 -18.15
N ASN A 266 0.86 -26.62 -17.56
CA ASN A 266 -0.52 -26.31 -17.11
C ASN A 266 -0.68 -24.79 -16.93
N LEU A 267 -1.93 -24.32 -16.81
CA LEU A 267 -2.15 -22.88 -16.74
C LEU A 267 -1.72 -22.31 -15.40
N ARG A 268 -1.55 -23.14 -14.39
CA ARG A 268 -1.01 -22.64 -13.12
C ARG A 268 0.38 -22.06 -13.33
N VAL A 269 1.21 -22.69 -14.16
CA VAL A 269 2.53 -22.07 -14.52
C VAL A 269 2.31 -20.62 -15.03
N THR A 270 1.45 -20.44 -15.99
CA THR A 270 1.10 -19.14 -16.59
C THR A 270 0.64 -18.20 -15.45
N ALA A 271 -0.40 -18.61 -14.71
CA ALA A 271 -1.02 -17.79 -13.65
C ALA A 271 0.02 -17.31 -12.62
N ASP A 272 0.91 -18.24 -12.23
CA ASP A 272 1.91 -17.86 -11.20
C ASP A 272 2.88 -16.81 -11.80
N GLY A 273 3.31 -16.97 -13.07
CA GLY A 273 4.23 -15.96 -13.65
C GLY A 273 3.56 -14.62 -13.76
N ILE A 274 2.26 -14.61 -14.10
CA ILE A 274 1.50 -13.32 -14.10
C ILE A 274 1.44 -12.72 -12.68
N SER A 275 1.06 -13.56 -11.71
CA SER A 275 0.82 -13.13 -10.30
C SER A 275 2.09 -12.49 -9.72
N LYS A 276 3.26 -13.03 -10.06
CA LYS A 276 4.57 -12.58 -9.54
C LYS A 276 5.02 -11.29 -10.21
N ALA A 277 4.49 -10.99 -11.41
CA ALA A 277 4.90 -9.79 -12.17
C ALA A 277 4.56 -8.53 -11.40
N ASP A 278 5.38 -7.47 -11.59
CA ASP A 278 4.99 -6.19 -10.98
C ASP A 278 3.73 -5.62 -11.63
N ASP A 279 3.69 -5.71 -12.95
CA ASP A 279 2.60 -5.17 -13.79
C ASP A 279 1.81 -6.40 -14.25
N GLN A 280 0.84 -6.82 -13.45
N GLN A 280 0.84 -6.85 -13.47
CA GLN A 280 0.07 -8.06 -13.70
CA GLN A 280 0.11 -8.10 -13.78
C GLN A 280 -0.78 -7.85 -14.97
C GLN A 280 -0.77 -7.86 -15.01
N PHE A 281 -1.29 -6.64 -15.19
CA PHE A 281 -2.04 -6.31 -16.44
C PHE A 281 -1.21 -6.58 -17.67
N GLN A 282 0.00 -6.11 -17.61
CA GLN A 282 0.89 -6.26 -18.78
C GLN A 282 1.21 -7.77 -18.94
N ALA A 283 1.44 -8.50 -17.85
CA ALA A 283 1.80 -9.95 -17.94
C ALA A 283 0.63 -10.71 -18.54
N LEU A 284 -0.58 -10.36 -18.16
CA LEU A 284 -1.79 -11.01 -18.70
C LEU A 284 -1.86 -10.67 -20.20
N LYS A 285 -1.77 -9.38 -20.54
CA LYS A 285 -1.87 -8.95 -21.94
C LYS A 285 -0.91 -9.76 -22.82
N GLU A 286 0.31 -9.94 -22.37
CA GLU A 286 1.34 -10.61 -23.20
C GLU A 286 0.93 -12.07 -23.34
N THR A 287 0.33 -12.65 -22.30
CA THR A 287 -0.11 -14.04 -22.38
C THR A 287 -1.26 -14.14 -23.36
N LEU A 288 -2.28 -13.30 -23.21
CA LEU A 288 -3.47 -13.46 -24.08
C LEU A 288 -3.08 -13.14 -25.53
N ASP A 289 -2.06 -12.28 -25.76
CA ASP A 289 -1.59 -11.99 -27.15
C ASP A 289 -1.06 -13.24 -27.87
N ALA A 290 -0.59 -14.22 -27.12
CA ALA A 290 -0.03 -15.48 -27.64
C ALA A 290 -1.14 -16.50 -28.00
N LEU A 291 -2.39 -16.18 -27.67
CA LEU A 291 -3.59 -17.02 -27.95
C LEU A 291 -4.43 -16.34 -29.02
N PRO A 292 -4.40 -16.78 -30.28
CA PRO A 292 -5.16 -16.08 -31.34
C PRO A 292 -6.70 -16.19 -31.21
N ASP A 293 -7.16 -17.29 -30.62
CA ASP A 293 -8.60 -17.55 -30.52
C ASP A 293 -9.20 -16.70 -29.36
N GLU A 294 -10.28 -15.99 -29.65
N GLU A 294 -10.20 -15.88 -29.66
CA GLU A 294 -10.89 -14.99 -28.74
CA GLU A 294 -10.86 -15.00 -28.67
C GLU A 294 -11.59 -15.67 -27.56
C GLU A 294 -11.40 -15.80 -27.51
N THR A 295 -12.17 -16.84 -27.77
CA THR A 295 -12.75 -17.69 -26.70
C THR A 295 -11.62 -18.22 -25.82
N MET A 296 -10.52 -18.70 -26.42
CA MET A 296 -9.41 -19.24 -25.60
C MET A 296 -8.83 -18.14 -24.70
N LYS A 297 -8.79 -16.90 -25.14
CA LYS A 297 -8.25 -15.78 -24.31
C LYS A 297 -9.14 -15.64 -23.07
N LYS A 298 -10.43 -15.69 -23.29
CA LYS A 298 -11.42 -15.56 -22.22
C LYS A 298 -11.21 -16.69 -21.21
N ARG A 299 -11.14 -17.94 -21.65
CA ARG A 299 -10.96 -19.07 -20.74
C ARG A 299 -9.69 -18.89 -19.89
N VAL A 300 -8.58 -18.54 -20.49
CA VAL A 300 -7.28 -18.30 -19.78
C VAL A 300 -7.39 -17.15 -18.80
N ARG A 301 -8.05 -16.07 -19.18
CA ARG A 301 -8.24 -14.94 -18.25
C ARG A 301 -9.01 -15.44 -17.02
N HIS A 302 -10.10 -16.20 -17.20
CA HIS A 302 -10.84 -16.74 -16.06
C HIS A 302 -9.82 -17.50 -15.22
N VAL A 303 -9.04 -18.45 -15.79
CA VAL A 303 -8.28 -19.37 -14.91
C VAL A 303 -7.27 -18.55 -14.10
N VAL A 304 -6.64 -17.61 -14.76
CA VAL A 304 -5.54 -16.85 -14.15
C VAL A 304 -6.12 -15.99 -13.04
N THR A 305 -7.18 -15.27 -13.31
CA THR A 305 -7.79 -14.34 -12.31
C THR A 305 -8.39 -15.15 -11.16
N GLU A 306 -8.97 -16.32 -11.48
CA GLU A 306 -9.66 -17.11 -10.44
C GLU A 306 -8.59 -17.63 -9.47
N ILE A 307 -7.47 -18.12 -9.95
CA ILE A 307 -6.44 -18.66 -9.03
C ILE A 307 -6.04 -17.54 -8.06
N GLU A 308 -5.83 -16.33 -8.57
CA GLU A 308 -5.45 -15.23 -7.68
C GLU A 308 -6.60 -14.90 -6.72
N ARG A 309 -7.86 -14.95 -7.18
CA ARG A 309 -9.00 -14.70 -6.29
C ARG A 309 -8.95 -15.67 -5.12
N VAL A 310 -8.55 -16.91 -5.32
CA VAL A 310 -8.51 -17.83 -4.17
C VAL A 310 -7.59 -17.25 -3.10
N ARG A 311 -6.38 -16.86 -3.49
N ARG A 311 -6.36 -16.94 -3.47
N ARG A 311 -6.39 -16.84 -3.47
CA ARG A 311 -5.36 -16.28 -2.59
CA ARG A 311 -5.41 -16.32 -2.51
CA ARG A 311 -5.42 -16.33 -2.46
C ARG A 311 -5.97 -15.08 -1.87
C ARG A 311 -6.11 -15.13 -1.84
C ARG A 311 -5.98 -15.04 -1.84
N SER A 312 -6.70 -14.25 -2.63
CA SER A 312 -7.36 -13.02 -2.13
C SER A 312 -8.43 -13.37 -1.08
N PHE A 313 -9.21 -14.43 -1.36
CA PHE A 313 -10.29 -14.80 -0.49
C PHE A 313 -9.73 -15.29 0.84
N VAL A 314 -8.74 -16.21 0.79
CA VAL A 314 -8.16 -16.76 2.02
C VAL A 314 -7.70 -15.56 2.88
N ARG A 315 -7.12 -14.55 2.30
CA ARG A 315 -6.63 -13.39 3.06
C ARG A 315 -7.84 -12.58 3.59
N ALA A 316 -8.83 -12.34 2.74
CA ALA A 316 -9.99 -11.50 3.14
C ALA A 316 -10.73 -12.15 4.30
N PHE A 317 -11.00 -13.45 4.17
CA PHE A 317 -11.78 -14.11 5.22
C PHE A 317 -10.99 -14.14 6.52
N ALA A 318 -9.68 -14.46 6.49
CA ALA A 318 -8.84 -14.46 7.70
C ALA A 318 -8.82 -13.07 8.33
N GLN A 319 -8.96 -12.02 7.56
CA GLN A 319 -8.99 -10.64 8.06
C GLN A 319 -10.37 -10.22 8.52
N GLY A 320 -11.37 -11.09 8.34
CA GLY A 320 -12.74 -10.75 8.73
C GLY A 320 -13.33 -9.68 7.82
N ASP A 321 -12.77 -9.55 6.63
CA ASP A 321 -13.18 -8.56 5.62
C ASP A 321 -14.25 -9.20 4.73
N ILE A 322 -15.43 -9.32 5.29
CA ILE A 322 -16.53 -10.08 4.63
C ILE A 322 -16.99 -9.34 3.39
N LYS A 323 -16.97 -8.01 3.38
CA LYS A 323 -17.28 -7.28 2.13
C LYS A 323 -16.31 -7.67 1.04
N ALA A 324 -15.02 -7.69 1.35
CA ALA A 324 -13.99 -8.07 0.37
C ALA A 324 -14.20 -9.53 -0.05
N ALA A 325 -14.50 -10.39 0.90
CA ALA A 325 -14.75 -11.83 0.60
C ALA A 325 -15.92 -11.92 -0.39
N GLY A 326 -16.99 -11.19 -0.09
CA GLY A 326 -18.17 -11.18 -0.97
C GLY A 326 -17.87 -10.62 -2.34
N ARG A 327 -17.04 -9.56 -2.45
CA ARG A 327 -16.69 -9.02 -3.79
C ARG A 327 -15.93 -10.09 -4.59
N LEU A 328 -15.14 -10.89 -3.89
CA LEU A 328 -14.34 -11.96 -4.57
C LEU A 328 -15.31 -13.05 -5.07
N PHE A 329 -16.29 -13.44 -4.25
CA PHE A 329 -17.37 -14.32 -4.75
C PHE A 329 -17.91 -13.72 -6.05
N ASN A 330 -18.29 -12.44 -5.99
CA ASN A 330 -18.97 -11.81 -7.11
C ASN A 330 -18.08 -11.80 -8.35
N ALA A 331 -16.82 -11.51 -8.22
CA ALA A 331 -15.90 -11.46 -9.39
C ALA A 331 -15.69 -12.88 -9.94
N SER A 332 -15.67 -13.88 -9.09
CA SER A 332 -15.62 -15.29 -9.52
C SER A 332 -16.82 -15.62 -10.38
N HIS A 333 -18.01 -15.37 -9.87
CA HIS A 333 -19.21 -15.62 -10.68
C HIS A 333 -19.15 -14.84 -11.99
N ASP A 334 -18.83 -13.56 -11.92
CA ASP A 334 -18.88 -12.74 -13.11
C ASP A 334 -17.91 -13.29 -14.15
N SER A 335 -16.77 -13.77 -13.70
CA SER A 335 -15.79 -14.36 -14.60
C SER A 335 -16.36 -15.67 -15.19
N LEU A 336 -16.96 -16.50 -14.35
CA LEU A 336 -17.54 -17.77 -14.84
C LEU A 336 -18.64 -17.48 -15.85
N ALA A 337 -19.38 -16.40 -15.68
CA ALA A 337 -20.48 -16.08 -16.63
C ALA A 337 -19.93 -15.51 -17.94
N ALA A 338 -19.04 -14.53 -17.85
CA ALA A 338 -18.60 -13.79 -19.05
C ALA A 338 -17.42 -14.45 -19.75
N ASP A 339 -16.43 -14.86 -19.00
CA ASP A 339 -15.18 -15.39 -19.59
C ASP A 339 -15.29 -16.91 -19.75
N TYR A 340 -15.69 -17.62 -18.70
CA TYR A 340 -15.75 -19.09 -18.80
C TYR A 340 -17.06 -19.60 -19.41
N GLU A 341 -18.09 -18.78 -19.44
CA GLU A 341 -19.37 -19.09 -20.18
C GLU A 341 -19.89 -20.43 -19.67
N VAL A 342 -19.98 -20.58 -18.34
CA VAL A 342 -20.55 -21.84 -17.76
C VAL A 342 -21.79 -21.55 -16.91
N THR A 343 -22.37 -20.37 -17.01
CA THR A 343 -23.61 -20.08 -16.29
C THR A 343 -24.80 -20.22 -17.24
N VAL A 344 -25.97 -20.18 -16.63
CA VAL A 344 -27.28 -20.30 -17.31
C VAL A 344 -28.14 -19.28 -16.60
N PRO A 345 -29.31 -18.93 -17.21
CA PRO A 345 -30.11 -17.85 -16.62
C PRO A 345 -30.49 -18.12 -15.16
N GLU A 346 -30.84 -19.36 -14.81
CA GLU A 346 -31.28 -19.65 -13.44
C GLU A 346 -30.15 -19.28 -12.47
N LEU A 347 -28.90 -19.65 -12.79
CA LEU A 347 -27.80 -19.32 -11.89
C LEU A 347 -27.68 -17.79 -11.82
N ASP A 348 -27.68 -17.13 -13.00
CA ASP A 348 -27.36 -15.68 -13.03
C ASP A 348 -28.46 -14.89 -12.32
N ILE A 349 -29.70 -15.30 -12.51
CA ILE A 349 -30.85 -14.60 -11.86
C ILE A 349 -30.87 -14.86 -10.34
N ALA A 350 -30.57 -16.08 -9.91
CA ALA A 350 -30.48 -16.34 -8.46
C ALA A 350 -29.40 -15.43 -7.86
N VAL A 351 -28.23 -15.41 -8.50
CA VAL A 351 -27.14 -14.56 -8.01
C VAL A 351 -27.56 -13.09 -7.95
N ASP A 352 -28.21 -12.58 -9.01
CA ASP A 352 -28.62 -11.17 -9.03
C ASP A 352 -29.59 -10.91 -7.85
N VAL A 353 -30.54 -11.80 -7.64
CA VAL A 353 -31.50 -11.65 -6.52
C VAL A 353 -30.75 -11.60 -5.18
N ALA A 354 -29.76 -12.45 -5.00
CA ALA A 354 -29.01 -12.49 -3.75
C ALA A 354 -28.29 -11.13 -3.60
N ARG A 355 -27.64 -10.70 -4.68
CA ARG A 355 -26.84 -9.44 -4.62
C ARG A 355 -27.74 -8.24 -4.29
N LYS A 356 -28.95 -8.21 -4.87
N LYS A 356 -28.94 -8.19 -4.86
CA LYS A 356 -29.89 -7.09 -4.75
CA LYS A 356 -29.83 -7.03 -4.72
C LYS A 356 -30.49 -7.06 -3.34
C LYS A 356 -30.69 -7.18 -3.47
N ASN A 357 -30.41 -8.18 -2.61
CA ASN A 357 -31.12 -8.39 -1.35
C ASN A 357 -30.12 -8.57 -0.21
N GLY A 358 -28.91 -8.01 -0.37
CA GLY A 358 -28.02 -7.80 0.78
C GLY A 358 -26.92 -8.83 0.90
N ALA A 359 -26.82 -9.81 0.01
CA ALA A 359 -25.64 -10.72 0.08
C ALA A 359 -24.34 -9.91 0.01
N TYR A 360 -23.36 -10.29 0.80
CA TYR A 360 -21.98 -9.78 0.67
C TYR A 360 -21.46 -10.18 -0.71
N GLY A 361 -21.85 -11.39 -1.14
CA GLY A 361 -21.58 -11.82 -2.49
C GLY A 361 -22.25 -13.13 -2.77
N ALA A 362 -22.31 -13.47 -4.03
CA ALA A 362 -23.03 -14.69 -4.48
C ALA A 362 -22.44 -15.17 -5.80
N ARG A 363 -22.43 -16.49 -5.98
CA ARG A 363 -21.82 -17.08 -7.16
C ARG A 363 -22.39 -18.46 -7.35
N MET A 364 -22.37 -18.90 -8.59
CA MET A 364 -22.50 -20.34 -8.85
C MET A 364 -21.34 -21.09 -8.18
N THR A 365 -21.58 -22.35 -7.85
CA THR A 365 -20.54 -23.26 -7.29
C THR A 365 -20.52 -24.57 -8.09
N GLY A 366 -19.32 -25.11 -8.23
CA GLY A 366 -19.14 -26.35 -8.93
C GLY A 366 -18.95 -26.12 -10.45
N GLY A 367 -19.33 -27.12 -11.25
CA GLY A 367 -19.03 -27.10 -12.68
C GLY A 367 -19.82 -26.08 -13.45
N GLY A 368 -21.01 -25.75 -13.01
CA GLY A 368 -21.87 -24.87 -13.78
C GLY A 368 -22.87 -25.58 -14.66
N PHE A 369 -23.37 -24.84 -15.66
CA PHE A 369 -24.35 -25.32 -16.68
C PHE A 369 -25.66 -25.65 -16.01
N GLY A 370 -25.86 -25.19 -14.78
CA GLY A 370 -26.97 -25.60 -13.92
C GLY A 370 -26.48 -25.71 -12.52
N GLY A 371 -27.31 -26.29 -11.64
CA GLY A 371 -26.89 -26.62 -10.28
C GLY A 371 -27.15 -25.46 -9.35
N SER A 372 -26.16 -25.21 -8.49
CA SER A 372 -26.41 -24.37 -7.29
C SER A 372 -25.63 -23.07 -7.31
N ILE A 373 -26.17 -22.12 -6.57
CA ILE A 373 -25.48 -20.89 -6.17
C ILE A 373 -25.22 -20.95 -4.68
N ILE A 374 -24.28 -20.13 -4.27
CA ILE A 374 -23.99 -19.86 -2.87
C ILE A 374 -23.92 -18.35 -2.69
N ALA A 375 -24.20 -17.95 -1.47
CA ALA A 375 -24.13 -16.55 -1.07
C ALA A 375 -23.70 -16.43 0.37
N LEU A 376 -22.80 -15.49 0.61
CA LEU A 376 -22.43 -15.07 1.96
C LEU A 376 -23.48 -14.04 2.32
N VAL A 377 -24.22 -14.31 3.39
CA VAL A 377 -25.29 -13.43 3.85
C VAL A 377 -25.18 -13.28 5.36
N ASP A 378 -25.85 -12.27 5.89
CA ASP A 378 -25.91 -12.18 7.36
C ASP A 378 -26.72 -13.33 7.95
N LYS A 379 -26.32 -13.77 9.11
CA LYS A 379 -27.05 -14.81 9.82
C LYS A 379 -28.50 -14.38 9.95
N GLY A 380 -29.42 -15.29 9.63
CA GLY A 380 -30.86 -15.08 9.78
C GLY A 380 -31.47 -14.62 8.46
N GLN A 381 -30.68 -14.39 7.40
CA GLN A 381 -31.21 -13.85 6.12
C GLN A 381 -31.37 -14.93 5.03
N GLY A 382 -30.83 -16.14 5.23
CA GLY A 382 -30.84 -17.16 4.18
C GLY A 382 -32.25 -17.50 3.71
N HIS A 383 -33.19 -17.68 4.64
CA HIS A 383 -34.57 -18.10 4.26
C HIS A 383 -35.19 -17.01 3.43
N GLU A 384 -35.06 -15.76 3.86
CA GLU A 384 -35.69 -14.62 3.14
C GLU A 384 -35.16 -14.56 1.73
N ILE A 385 -33.83 -14.70 1.57
CA ILE A 385 -33.21 -14.56 0.23
C ILE A 385 -33.59 -15.76 -0.63
N ALA A 386 -33.59 -16.95 -0.07
CA ALA A 386 -34.05 -18.17 -0.79
C ALA A 386 -35.48 -17.98 -1.28
N GLN A 387 -36.35 -17.41 -0.46
CA GLN A 387 -37.76 -17.22 -0.88
C GLN A 387 -37.87 -16.14 -1.96
N LYS A 388 -37.05 -15.08 -1.85
CA LYS A 388 -36.98 -14.07 -2.95
C LYS A 388 -36.54 -14.76 -4.25
N ILE A 389 -35.55 -15.66 -4.22
CA ILE A 389 -35.14 -16.35 -5.45
C ILE A 389 -36.31 -17.22 -5.95
N ALA A 390 -37.01 -17.91 -5.06
CA ALA A 390 -38.15 -18.79 -5.42
C ALA A 390 -39.26 -17.95 -6.06
N ASP A 391 -39.57 -16.78 -5.51
CA ASP A 391 -40.67 -15.93 -6.05
C ASP A 391 -40.23 -15.48 -7.43
N ARG A 392 -38.96 -15.08 -7.56
CA ARG A 392 -38.49 -14.61 -8.87
C ARG A 392 -38.49 -15.75 -9.91
N PHE A 393 -38.07 -16.93 -9.53
CA PHE A 393 -38.09 -18.10 -10.41
C PHE A 393 -39.51 -18.31 -10.95
N GLU A 394 -40.50 -18.29 -10.08
CA GLU A 394 -41.90 -18.48 -10.51
C GLU A 394 -42.29 -17.38 -11.50
N LYS A 395 -41.94 -16.12 -11.26
CA LYS A 395 -42.21 -15.04 -12.23
C LYS A 395 -41.55 -15.36 -13.56
N GLU A 396 -40.35 -15.94 -13.54
CA GLU A 396 -39.55 -16.24 -14.77
C GLU A 396 -40.07 -17.49 -15.50
N GLY A 397 -40.92 -18.27 -14.88
CA GLY A 397 -41.37 -19.57 -15.41
C GLY A 397 -40.38 -20.70 -15.22
N PHE A 398 -39.46 -20.55 -14.25
CA PHE A 398 -38.44 -21.57 -13.95
C PHE A 398 -39.03 -22.62 -12.99
N ASN A 399 -38.45 -23.82 -13.01
CA ASN A 399 -38.69 -24.84 -11.96
C ASN A 399 -38.41 -24.19 -10.61
N ALA A 400 -39.15 -24.56 -9.57
CA ALA A 400 -38.86 -24.08 -8.21
C ALA A 400 -37.46 -24.47 -7.81
N PRO A 401 -36.73 -23.58 -7.12
CA PRO A 401 -35.45 -23.97 -6.54
C PRO A 401 -35.68 -24.67 -5.20
N ARG A 402 -34.58 -25.14 -4.63
CA ARG A 402 -34.60 -25.62 -3.22
C ARG A 402 -33.30 -25.17 -2.58
N ALA A 403 -33.29 -25.06 -1.28
CA ALA A 403 -32.13 -24.58 -0.56
C ALA A 403 -31.67 -25.65 0.41
N LEU A 404 -30.45 -25.46 0.89
CA LEU A 404 -29.85 -26.41 1.85
C LEU A 404 -29.15 -25.58 2.90
N PRO A 405 -29.23 -25.94 4.20
CA PRO A 405 -28.34 -25.37 5.19
C PRO A 405 -26.91 -25.80 4.85
N ALA A 406 -25.98 -24.95 5.23
CA ALA A 406 -24.58 -25.19 4.84
C ALA A 406 -23.65 -24.59 5.89
N PHE A 407 -22.60 -25.33 6.15
CA PHE A 407 -21.46 -24.88 6.97
C PHE A 407 -20.36 -25.89 6.67
N ALA A 408 -19.18 -25.60 7.11
CA ALA A 408 -18.03 -26.49 6.88
C ALA A 408 -18.12 -27.64 7.86
N ALA A 409 -18.34 -28.83 7.31
CA ALA A 409 -18.59 -30.10 8.03
C ALA A 409 -17.43 -31.06 7.80
N ALA A 410 -17.50 -32.19 8.51
CA ALA A 410 -16.47 -33.24 8.51
C ALA A 410 -16.43 -34.00 7.20
N SER A 411 -15.27 -34.57 6.93
CA SER A 411 -15.03 -35.37 5.73
C SER A 411 -15.65 -36.76 5.91
N ALA A 412 -15.39 -37.62 4.98
CA ALA A 412 -15.86 -39.03 4.95
C ALA A 412 -15.40 -39.72 6.25
N SER A 413 -16.16 -40.68 6.68
CA SER A 413 -15.83 -41.43 7.91
C SER A 413 -16.60 -42.73 7.95
N ARG A 414 -16.11 -43.63 8.76
CA ARG A 414 -16.93 -44.78 9.17
C ARG A 414 -17.99 -44.28 10.13
N GLU A 415 -19.22 -44.71 9.92
CA GLU A 415 -20.41 -44.30 10.69
C GLU A 415 -20.80 -45.41 11.66
N ALA A 416 -20.65 -46.68 11.30
CA ALA A 416 -21.03 -47.88 12.08
C ALA A 416 -20.21 -49.11 11.65
N LYS A 417 -19.92 -50.03 12.59
CA LYS A 417 -19.21 -51.29 12.24
C LYS A 417 -19.80 -52.37 13.14
N LEU A 418 -20.33 -53.45 12.54
CA LEU A 418 -20.73 -54.71 13.28
C LEU A 418 -19.88 -54.90 14.55
N MET B 1 35.06 -12.47 43.24
CA MET B 1 34.28 -12.63 42.00
C MET B 1 34.48 -14.05 41.49
N THR B 2 33.36 -14.67 41.13
CA THR B 2 33.26 -16.11 40.80
C THR B 2 33.16 -16.25 39.28
N ALA B 3 33.82 -17.26 38.75
CA ALA B 3 33.84 -17.51 37.29
C ALA B 3 32.38 -17.66 36.84
N VAL B 4 32.03 -17.01 35.73
CA VAL B 4 30.65 -17.19 35.22
C VAL B 4 30.45 -18.62 34.64
N GLU B 5 29.32 -19.24 34.99
CA GLU B 5 28.95 -20.60 34.54
C GLU B 5 28.53 -20.54 33.06
N PHE B 6 29.09 -21.40 32.20
CA PHE B 6 28.57 -21.68 30.84
C PHE B 6 27.88 -23.05 30.91
N ILE B 7 26.69 -23.13 30.31
CA ILE B 7 25.91 -24.38 30.21
C ILE B 7 26.20 -24.93 28.84
N GLU B 8 26.98 -26.00 28.81
N GLU B 8 26.99 -25.99 28.79
CA GLU B 8 27.30 -26.72 27.56
CA GLU B 8 27.28 -26.68 27.54
C GLU B 8 26.05 -27.52 27.14
C GLU B 8 26.08 -27.53 27.14
N PRO B 9 25.73 -27.57 25.83
CA PRO B 9 24.65 -28.42 25.32
C PRO B 9 25.09 -29.86 25.47
N LEU B 10 24.15 -30.71 25.89
CA LEU B 10 24.33 -32.17 25.80
C LEU B 10 24.64 -32.54 24.37
N THR B 11 25.66 -33.37 24.17
CA THR B 11 25.90 -33.97 22.85
C THR B 11 24.77 -34.96 22.52
N HIS B 12 24.65 -35.34 21.26
CA HIS B 12 23.78 -36.44 20.81
C HIS B 12 23.97 -37.66 21.73
N GLU B 13 25.24 -38.08 21.86
N GLU B 13 25.21 -38.11 21.95
CA GLU B 13 25.68 -39.25 22.66
CA GLU B 13 25.47 -39.36 22.73
C GLU B 13 25.11 -39.12 24.06
C GLU B 13 25.10 -39.16 24.18
N GLU B 14 25.41 -37.98 24.74
CA GLU B 14 25.02 -37.74 26.14
C GLU B 14 23.50 -37.79 26.26
N GLY B 15 22.78 -37.09 25.41
CA GLY B 15 21.33 -37.00 25.60
C GLY B 15 20.66 -38.35 25.42
N VAL B 16 21.10 -39.08 24.43
CA VAL B 16 20.58 -40.44 24.18
C VAL B 16 20.94 -41.31 25.37
N SER B 17 22.21 -41.30 25.77
N SER B 17 22.19 -41.29 25.81
CA SER B 17 22.66 -42.18 26.88
CA SER B 17 22.61 -42.24 26.89
C SER B 17 21.82 -41.86 28.12
C SER B 17 21.89 -41.86 28.19
N GLN B 18 21.70 -40.57 28.47
CA GLN B 18 21.09 -40.16 29.74
C GLN B 18 19.58 -40.41 29.67
N ALA B 19 18.91 -40.09 28.60
CA ALA B 19 17.43 -40.33 28.52
C ALA B 19 17.15 -41.84 28.56
N THR B 20 17.95 -42.63 27.90
CA THR B 20 17.79 -44.10 27.87
C THR B 20 17.99 -44.67 29.26
N LYS B 21 18.99 -44.20 30.00
N LYS B 21 19.04 -44.23 29.95
CA LYS B 21 19.32 -44.77 31.33
CA LYS B 21 19.33 -44.72 31.32
C LYS B 21 18.21 -44.36 32.32
C LYS B 21 18.09 -44.43 32.18
N LEU B 22 17.66 -43.15 32.20
CA LEU B 22 16.50 -42.76 33.01
C LEU B 22 15.33 -43.66 32.65
N PHE B 23 15.08 -43.89 31.37
CA PHE B 23 13.97 -44.74 30.91
C PHE B 23 14.12 -46.14 31.51
N VAL B 24 15.26 -46.76 31.28
CA VAL B 24 15.52 -48.17 31.68
C VAL B 24 15.43 -48.27 33.20
N ASP B 25 15.95 -47.30 33.93
CA ASP B 25 15.95 -47.35 35.42
C ASP B 25 14.53 -47.18 35.94
N THR B 26 13.70 -46.42 35.20
CA THR B 26 12.36 -46.08 35.69
C THR B 26 11.38 -47.21 35.35
N TYR B 27 11.39 -47.66 34.12
CA TYR B 27 10.39 -48.57 33.51
C TYR B 27 10.85 -50.01 33.37
N GLY B 28 12.16 -50.26 33.43
CA GLY B 28 12.71 -51.64 33.44
C GLY B 28 12.72 -52.28 32.07
N ALA B 29 12.80 -51.49 31.00
CA ALA B 29 12.93 -51.98 29.63
C ALA B 29 13.52 -50.89 28.75
N ALA B 30 13.98 -51.24 27.56
CA ALA B 30 14.48 -50.24 26.61
C ALA B 30 13.33 -49.42 26.02
N PRO B 31 13.56 -48.13 25.72
CA PRO B 31 12.58 -47.33 25.02
C PRO B 31 12.53 -47.75 23.55
N GLU B 32 11.46 -47.38 22.86
CA GLU B 32 11.40 -47.63 21.39
C GLU B 32 12.44 -46.74 20.69
N GLY B 33 12.67 -45.54 21.23
CA GLY B 33 13.69 -44.68 20.68
C GLY B 33 13.88 -43.46 21.54
N VAL B 34 14.71 -42.56 21.03
CA VAL B 34 15.00 -41.24 21.65
C VAL B 34 14.81 -40.22 20.56
N TRP B 35 14.09 -39.16 20.92
CA TRP B 35 13.91 -38.00 20.02
C TRP B 35 14.41 -36.80 20.81
N ALA B 36 14.51 -35.68 20.16
CA ALA B 36 14.92 -34.47 20.91
C ALA B 36 14.38 -33.26 20.18
N ALA B 37 14.24 -32.16 20.90
CA ALA B 37 13.88 -30.87 20.32
C ALA B 37 14.63 -29.79 21.06
N PRO B 38 15.03 -28.74 20.33
CA PRO B 38 15.84 -27.65 20.91
C PRO B 38 14.98 -26.56 21.58
N GLY B 39 15.66 -25.87 22.49
CA GLY B 39 15.32 -24.53 22.90
C GLY B 39 15.63 -23.57 21.77
N ARG B 40 15.35 -22.28 22.04
CA ARG B 40 15.45 -21.29 20.99
C ARG B 40 15.85 -19.95 21.56
N VAL B 41 16.41 -19.12 20.74
N VAL B 41 16.40 -19.18 20.66
CA VAL B 41 16.40 -17.67 21.06
CA VAL B 41 16.63 -17.72 20.82
C VAL B 41 15.85 -16.92 19.86
C VAL B 41 15.73 -17.01 19.81
N ASN B 42 15.01 -15.97 20.19
CA ASN B 42 14.38 -15.11 19.19
C ASN B 42 15.35 -13.97 18.96
N LEU B 43 15.85 -13.84 17.72
CA LEU B 43 16.83 -12.79 17.43
C LEU B 43 16.17 -11.41 17.51
N ILE B 44 14.97 -11.32 16.96
CA ILE B 44 14.22 -10.04 16.93
C ILE B 44 12.80 -10.36 16.48
N GLY B 45 11.85 -9.49 16.84
CA GLY B 45 10.44 -9.79 16.58
C GLY B 45 9.77 -10.34 17.79
N GLU B 46 9.82 -9.59 18.86
CA GLU B 46 9.37 -10.03 20.19
C GLU B 46 7.94 -9.54 20.46
N HIS B 47 7.09 -10.43 20.94
CA HIS B 47 5.64 -10.10 21.25
C HIS B 47 4.96 -9.68 19.95
N THR B 48 5.37 -10.33 18.86
CA THR B 48 4.74 -10.17 17.56
C THR B 48 4.01 -11.45 17.09
N ASP B 49 4.40 -12.62 17.58
CA ASP B 49 3.81 -13.85 17.06
C ASP B 49 2.28 -13.83 17.24
N TYR B 50 1.82 -13.63 18.47
CA TYR B 50 0.37 -13.65 18.75
C TYR B 50 -0.36 -12.45 18.11
N ASN B 51 0.37 -11.52 17.49
CA ASN B 51 -0.18 -10.36 16.77
C ASN B 51 -0.05 -10.61 15.27
N ALA B 52 0.22 -11.86 14.84
CA ALA B 52 0.26 -12.17 13.41
C ALA B 52 1.46 -11.49 12.77
N GLY B 53 2.50 -11.17 13.55
CA GLY B 53 3.64 -10.43 13.07
C GLY B 53 4.76 -11.33 12.55
N LEU B 54 5.93 -10.76 12.55
CA LEU B 54 7.15 -11.37 12.03
C LEU B 54 8.04 -11.65 13.20
N CYS B 55 8.74 -12.80 13.11
N CYS B 55 8.80 -12.73 13.13
CA CYS B 55 9.65 -13.30 14.17
CA CYS B 55 9.77 -13.02 14.20
C CYS B 55 10.94 -13.79 13.49
C CYS B 55 10.89 -13.85 13.57
N LEU B 56 12.00 -13.94 14.26
CA LEU B 56 13.24 -14.45 13.69
C LEU B 56 14.02 -15.24 14.73
N PRO B 57 13.54 -16.45 15.04
CA PRO B 57 14.28 -17.29 15.93
C PRO B 57 15.37 -18.13 15.25
N ILE B 58 16.26 -18.61 16.09
CA ILE B 58 17.20 -19.72 15.78
C ILE B 58 17.02 -20.80 16.84
N ALA B 59 17.35 -22.05 16.48
CA ALA B 59 17.34 -23.16 17.44
C ALA B 59 18.67 -23.13 18.18
N LEU B 60 18.64 -23.32 19.50
CA LEU B 60 19.88 -23.53 20.27
C LEU B 60 20.36 -24.95 20.09
N PRO B 61 21.66 -25.18 20.25
CA PRO B 61 22.12 -26.57 20.32
C PRO B 61 21.59 -27.32 21.56
N HIS B 62 21.13 -26.63 22.60
CA HIS B 62 20.58 -27.20 23.84
C HIS B 62 19.23 -27.83 23.53
N ARG B 63 19.04 -29.06 23.91
CA ARG B 63 17.87 -29.85 23.55
C ARG B 63 17.35 -30.58 24.76
N THR B 64 16.05 -30.92 24.65
CA THR B 64 15.37 -31.82 25.55
C THR B 64 15.29 -33.17 24.84
N PHE B 65 15.77 -34.21 25.49
CA PHE B 65 15.76 -35.56 24.92
C PHE B 65 14.65 -36.34 25.57
N ILE B 66 13.89 -37.06 24.75
CA ILE B 66 12.78 -37.90 25.25
C ILE B 66 13.03 -39.33 24.83
N ALA B 67 13.11 -40.22 25.80
CA ALA B 67 13.11 -41.67 25.56
C ALA B 67 11.64 -42.08 25.72
N LEU B 68 11.06 -42.72 24.74
CA LEU B 68 9.62 -43.01 24.76
C LEU B 68 9.39 -44.44 24.25
N LYS B 69 8.33 -45.03 24.75
CA LYS B 69 7.81 -46.31 24.22
C LYS B 69 6.28 -46.19 24.29
N PRO B 70 5.56 -46.48 23.22
CA PRO B 70 4.10 -46.44 23.24
C PRO B 70 3.54 -47.56 24.13
N ARG B 71 2.29 -47.38 24.60
CA ARG B 71 1.54 -48.40 25.38
C ARG B 71 0.27 -48.77 24.60
N GLU B 72 -0.25 -49.99 24.76
CA GLU B 72 -1.54 -50.34 24.14
C GLU B 72 -2.70 -49.68 24.89
N ASP B 73 -2.54 -49.44 26.18
CA ASP B 73 -3.53 -48.76 27.04
C ASP B 73 -3.35 -47.22 26.89
N THR B 74 -4.14 -46.49 27.63
CA THR B 74 -4.19 -45.02 27.49
C THR B 74 -3.46 -44.39 28.65
N LYS B 75 -2.64 -45.18 29.36
N LYS B 75 -2.69 -45.18 29.39
CA LYS B 75 -1.83 -44.68 30.50
CA LYS B 75 -1.89 -44.59 30.47
C LYS B 75 -0.64 -43.88 29.97
C LYS B 75 -0.74 -43.78 29.87
N VAL B 76 -0.37 -42.73 30.57
CA VAL B 76 0.84 -41.92 30.27
C VAL B 76 1.63 -41.80 31.56
N ARG B 77 2.81 -42.35 31.58
CA ARG B 77 3.79 -42.16 32.65
C ARG B 77 4.98 -41.38 32.08
N VAL B 78 5.36 -40.34 32.79
CA VAL B 78 6.53 -39.54 32.40
C VAL B 78 7.39 -39.26 33.64
N VAL B 79 8.68 -39.23 33.40
CA VAL B 79 9.69 -38.96 34.43
C VAL B 79 10.66 -37.96 33.84
N SER B 80 11.16 -37.05 34.64
CA SER B 80 12.15 -36.03 34.21
C SER B 80 13.38 -36.13 35.10
N GLY B 81 14.56 -35.97 34.52
CA GLY B 81 15.85 -35.97 35.23
C GLY B 81 15.90 -34.89 36.30
N VAL B 82 15.02 -33.87 36.25
CA VAL B 82 14.98 -32.85 37.35
C VAL B 82 14.59 -33.61 38.64
N ALA B 83 13.71 -34.63 38.55
CA ALA B 83 13.19 -35.33 39.74
C ALA B 83 13.14 -36.80 39.37
N PRO B 84 14.31 -37.45 39.33
CA PRO B 84 14.39 -38.73 38.62
C PRO B 84 13.68 -39.92 39.31
N ASP B 85 13.11 -39.75 40.51
CA ASP B 85 12.32 -40.82 41.20
C ASP B 85 10.84 -40.49 41.29
N LYS B 86 10.36 -39.39 40.70
CA LYS B 86 8.91 -39.05 40.74
C LYS B 86 8.31 -39.27 39.34
N VAL B 87 7.61 -40.38 39.18
CA VAL B 87 6.89 -40.75 37.93
C VAL B 87 5.49 -40.12 38.01
N ALA B 88 5.15 -39.32 37.03
CA ALA B 88 3.80 -38.73 36.93
C ALA B 88 2.98 -39.65 36.04
N GLU B 89 1.72 -39.87 36.41
N GLU B 89 1.72 -39.91 36.40
CA GLU B 89 0.86 -40.81 35.69
CA GLU B 89 0.86 -40.88 35.70
C GLU B 89 -0.47 -40.12 35.43
C GLU B 89 -0.53 -40.27 35.47
N ALA B 90 -0.99 -40.29 34.22
CA ALA B 90 -2.31 -39.82 33.85
C ALA B 90 -2.91 -40.80 32.87
N ASP B 91 -4.18 -40.63 32.58
CA ASP B 91 -4.86 -41.50 31.58
C ASP B 91 -5.48 -40.60 30.53
N LEU B 92 -5.21 -40.88 29.26
CA LEU B 92 -5.77 -40.10 28.12
C LEU B 92 -7.29 -40.34 27.93
N ASP B 93 -7.82 -41.41 28.46
CA ASP B 93 -9.21 -41.81 28.15
C ASP B 93 -10.16 -40.85 28.87
N GLY B 94 -10.78 -39.97 28.08
CA GLY B 94 -11.82 -39.03 28.61
C GLY B 94 -11.14 -37.85 29.26
N LEU B 95 -9.82 -37.77 29.14
CA LEU B 95 -9.05 -36.61 29.65
C LEU B 95 -9.56 -35.31 28.99
N LYS B 96 -9.76 -34.35 29.88
CA LYS B 96 -10.29 -33.00 29.58
C LYS B 96 -9.16 -31.98 29.74
N ALA B 97 -9.29 -30.87 29.03
CA ALA B 97 -8.41 -29.69 29.20
C ALA B 97 -8.21 -29.44 30.70
N ARG B 98 -6.97 -29.16 31.13
CA ARG B 98 -6.57 -28.84 32.53
C ARG B 98 -6.73 -30.05 33.45
N GLY B 99 -6.90 -31.28 32.92
CA GLY B 99 -7.12 -32.51 33.69
C GLY B 99 -5.83 -33.12 34.25
N VAL B 100 -4.67 -32.52 33.94
CA VAL B 100 -3.32 -32.90 34.46
C VAL B 100 -2.70 -31.68 35.12
N ASP B 101 -2.24 -31.83 36.36
CA ASP B 101 -1.56 -30.76 37.13
C ASP B 101 -0.04 -30.86 36.94
N GLY B 102 0.63 -29.71 36.81
CA GLY B 102 2.11 -29.65 36.87
C GLY B 102 2.78 -30.08 35.59
N TRP B 103 4.05 -30.43 35.66
CA TRP B 103 4.90 -30.44 34.43
C TRP B 103 4.42 -31.54 33.46
N SER B 104 3.91 -32.63 33.98
CA SER B 104 3.44 -33.74 33.12
C SER B 104 2.26 -33.35 32.22
N ALA B 105 1.59 -32.21 32.48
CA ALA B 105 0.55 -31.72 31.57
C ALA B 105 1.19 -31.54 30.18
N TYR B 106 2.45 -31.12 30.13
CA TYR B 106 3.02 -30.76 28.81
C TYR B 106 3.10 -31.98 27.92
N PRO B 107 3.80 -33.05 28.27
CA PRO B 107 3.84 -34.22 27.39
C PRO B 107 2.48 -34.91 27.26
N THR B 108 1.79 -35.09 28.40
CA THR B 108 0.45 -35.72 28.35
C THR B 108 -0.48 -34.95 27.39
N GLY B 109 -0.41 -33.62 27.44
CA GLY B 109 -1.29 -32.76 26.61
C GLY B 109 -1.04 -32.90 25.15
N VAL B 110 0.18 -33.30 24.77
CA VAL B 110 0.46 -33.48 23.33
C VAL B 110 -0.32 -34.67 22.77
N ALA B 111 -0.28 -35.78 23.50
CA ALA B 111 -1.07 -36.98 23.09
C ALA B 111 -2.55 -36.60 23.01
N TRP B 112 -3.01 -35.93 24.03
CA TRP B 112 -4.42 -35.48 24.13
C TRP B 112 -4.77 -34.62 22.93
N ALA B 113 -3.88 -33.70 22.58
CA ALA B 113 -4.11 -32.78 21.45
C ALA B 113 -4.15 -33.58 20.16
N LEU B 114 -3.27 -34.53 19.98
CA LEU B 114 -3.27 -35.32 18.75
C LEU B 114 -4.55 -36.16 18.64
N ARG B 115 -5.00 -36.70 19.78
CA ARG B 115 -6.27 -37.48 19.78
C ARG B 115 -7.48 -36.54 19.49
N GLN B 116 -7.53 -35.33 20.05
CA GLN B 116 -8.61 -34.34 19.83
C GLN B 116 -8.63 -33.99 18.32
N ALA B 117 -7.48 -34.05 17.64
CA ALA B 117 -7.31 -33.70 16.20
C ALA B 117 -7.72 -34.87 15.33
N GLY B 118 -8.04 -36.01 15.97
CA GLY B 118 -8.58 -37.22 15.34
C GLY B 118 -7.52 -38.24 15.01
N PHE B 119 -6.34 -38.16 15.62
CA PHE B 119 -5.30 -39.21 15.43
C PHE B 119 -5.58 -40.34 16.40
N ASP B 120 -6.63 -41.10 16.10
N ASP B 120 -6.47 -41.24 15.97
CA ASP B 120 -7.31 -42.00 17.07
CA ASP B 120 -7.02 -42.36 16.77
C ASP B 120 -6.34 -43.10 17.52
C ASP B 120 -5.93 -43.41 16.98
N LYS B 121 -5.38 -43.45 16.66
N LYS B 121 -4.86 -43.36 16.19
CA LYS B 121 -4.34 -44.49 16.91
CA LYS B 121 -3.74 -44.31 16.39
C LYS B 121 -3.43 -44.07 18.08
C LYS B 121 -3.03 -43.98 17.71
N VAL B 122 -3.22 -42.77 18.29
CA VAL B 122 -2.36 -42.33 19.42
C VAL B 122 -2.96 -42.81 20.78
N LYS B 123 -2.24 -43.69 21.44
CA LYS B 123 -2.64 -44.21 22.79
C LYS B 123 -1.61 -43.68 23.77
N GLY B 124 -1.43 -44.40 24.85
CA GLY B 124 -0.57 -44.01 25.93
C GLY B 124 0.88 -44.22 25.58
N PHE B 125 1.72 -43.87 26.57
CA PHE B 125 3.17 -43.97 26.39
C PHE B 125 3.84 -43.88 27.76
N ASP B 126 5.04 -44.45 27.80
CA ASP B 126 5.97 -44.22 28.92
C ASP B 126 7.07 -43.33 28.35
N ALA B 127 7.50 -42.33 29.06
CA ALA B 127 8.63 -41.51 28.58
C ALA B 127 9.51 -41.05 29.72
N ALA B 128 10.78 -40.78 29.41
CA ALA B 128 11.77 -40.16 30.33
C ALA B 128 12.38 -38.97 29.58
N PHE B 129 12.51 -37.84 30.26
CA PHE B 129 13.08 -36.60 29.71
C PHE B 129 14.37 -36.27 30.42
N VAL B 130 15.32 -35.83 29.62
CA VAL B 130 16.59 -35.22 30.09
C VAL B 130 16.80 -34.00 29.24
N SER B 131 17.09 -32.87 29.89
CA SER B 131 17.20 -31.62 29.14
C SER B 131 18.45 -30.86 29.56
N CYS B 132 18.86 -30.02 28.64
CA CYS B 132 19.82 -28.93 29.01
C CYS B 132 19.33 -27.54 28.61
N VAL B 133 18.06 -27.41 28.33
CA VAL B 133 17.42 -26.08 28.13
C VAL B 133 17.14 -25.58 29.54
N PRO B 134 17.81 -24.48 29.99
CA PRO B 134 17.71 -24.10 31.40
C PRO B 134 16.29 -23.62 31.77
N LEU B 135 15.75 -24.13 32.87
CA LEU B 135 14.43 -23.73 33.41
C LEU B 135 14.47 -22.27 33.77
N GLY B 136 13.42 -21.54 33.40
CA GLY B 136 13.19 -20.14 33.75
C GLY B 136 14.02 -19.19 32.91
N SER B 137 14.77 -19.71 31.94
N SER B 137 14.74 -19.70 31.90
CA SER B 137 15.72 -18.95 31.10
CA SER B 137 15.71 -18.92 31.11
C SER B 137 14.98 -18.16 30.03
C SER B 137 15.01 -18.23 29.95
N GLY B 138 13.70 -18.49 29.75
CA GLY B 138 13.03 -17.87 28.61
C GLY B 138 13.56 -18.40 27.29
N LEU B 139 14.17 -19.59 27.31
CA LEU B 139 14.73 -20.21 26.09
C LEU B 139 13.88 -21.43 25.65
N SER B 140 12.68 -21.54 26.20
N SER B 140 12.64 -21.53 26.12
CA SER B 140 11.61 -22.48 25.85
CA SER B 140 11.60 -22.40 25.53
C SER B 140 12.04 -23.93 26.09
C SER B 140 11.83 -23.84 25.93
N SER B 141 12.22 -24.24 27.37
N SER B 141 12.24 -24.06 27.18
N SER B 141 12.12 -24.09 27.31
CA SER B 141 12.06 -25.61 27.91
CA SER B 141 12.20 -25.38 27.84
CA SER B 141 12.07 -25.50 27.75
C SER B 141 10.69 -26.16 27.48
C SER B 141 10.88 -26.05 27.46
C SER B 141 10.70 -26.10 27.42
N SER B 142 9.61 -25.39 27.67
N SER B 142 9.76 -25.32 27.57
CA SER B 142 8.24 -25.91 27.41
CA SER B 142 8.39 -25.87 27.42
C SER B 142 8.17 -26.42 25.96
C SER B 142 8.17 -26.39 25.99
N ALA B 143 8.59 -25.61 24.99
CA ALA B 143 8.45 -26.05 23.58
C ALA B 143 9.41 -27.21 23.27
N ALA B 144 10.59 -27.23 23.88
CA ALA B 144 11.51 -28.37 23.72
C ALA B 144 10.84 -29.64 24.24
N MET B 145 10.09 -29.57 25.34
CA MET B 145 9.40 -30.76 25.89
C MET B 145 8.21 -31.14 25.00
N THR B 146 7.31 -30.21 24.70
CA THR B 146 6.14 -30.57 23.90
C THR B 146 6.52 -30.99 22.49
N CYS B 147 7.49 -30.33 21.88
CA CYS B 147 7.83 -30.63 20.45
C CYS B 147 8.58 -31.99 20.37
N SER B 148 9.44 -32.25 21.38
CA SER B 148 10.10 -33.58 21.39
C SER B 148 9.04 -34.70 21.47
N THR B 149 8.10 -34.49 22.40
CA THR B 149 7.02 -35.46 22.68
C THR B 149 6.23 -35.61 21.39
N ALA B 150 5.91 -34.49 20.72
CA ALA B 150 5.11 -34.58 19.47
C ALA B 150 5.83 -35.38 18.38
N LEU B 151 7.10 -35.10 18.19
CA LEU B 151 7.92 -35.82 17.18
C LEU B 151 8.04 -37.31 17.54
N ALA B 152 8.15 -37.63 18.82
CA ALA B 152 8.22 -39.03 19.27
C ALA B 152 6.91 -39.76 18.98
N LEU B 153 5.82 -39.12 19.37
CA LEU B 153 4.48 -39.75 19.23
C LEU B 153 4.19 -39.93 17.73
N ASP B 154 4.56 -38.96 16.90
CA ASP B 154 4.35 -39.09 15.46
C ASP B 154 5.09 -40.29 14.89
N ASP B 155 6.30 -40.48 15.38
CA ASP B 155 7.17 -41.56 14.86
C ASP B 155 6.61 -42.90 15.32
N VAL B 156 6.36 -43.07 16.64
CA VAL B 156 6.03 -44.42 17.14
C VAL B 156 4.61 -44.81 16.73
N TYR B 157 3.73 -43.84 16.47
CA TYR B 157 2.35 -44.14 16.05
C TYR B 157 2.24 -44.04 14.53
N GLY B 158 3.35 -43.80 13.82
CA GLY B 158 3.37 -43.82 12.35
C GLY B 158 2.39 -42.84 11.73
N LEU B 159 2.32 -41.64 12.28
CA LEU B 159 1.31 -40.65 11.79
C LEU B 159 1.75 -40.05 10.45
N GLY B 160 3.04 -39.91 10.16
CA GLY B 160 3.54 -39.46 8.85
C GLY B 160 3.78 -37.96 8.78
N TYR B 161 3.86 -37.26 9.88
CA TYR B 161 3.97 -35.77 9.90
C TYR B 161 5.39 -35.30 10.21
N GLY B 162 6.22 -36.12 10.83
CA GLY B 162 7.51 -35.59 11.33
C GLY B 162 8.61 -35.38 10.31
N ASP B 163 8.52 -35.98 9.13
N ASP B 163 8.44 -35.91 9.10
CA ASP B 163 9.67 -35.94 8.19
CA ASP B 163 9.50 -36.06 8.07
C ASP B 163 9.35 -34.95 7.08
C ASP B 163 9.53 -34.80 7.22
N SER B 164 8.54 -33.93 7.35
CA SER B 164 8.45 -32.77 6.47
C SER B 164 8.12 -31.50 7.27
N ASP B 165 8.52 -30.38 6.76
CA ASP B 165 8.18 -29.03 7.34
C ASP B 165 6.65 -28.85 7.40
N ALA B 166 5.97 -29.17 6.32
CA ALA B 166 4.52 -29.07 6.18
C ALA B 166 3.87 -29.94 7.21
N GLY B 167 4.37 -31.15 7.35
CA GLY B 167 3.82 -32.11 8.32
C GLY B 167 4.03 -31.63 9.72
N ARG B 168 5.21 -31.03 9.97
CA ARG B 168 5.57 -30.67 11.35
C ARG B 168 4.62 -29.57 11.85
N VAL B 169 3.95 -28.80 10.98
CA VAL B 169 2.96 -27.78 11.39
C VAL B 169 1.84 -28.43 12.21
N THR B 170 1.42 -29.64 11.85
CA THR B 170 0.43 -30.37 12.63
C THR B 170 0.95 -30.69 14.00
N LEU B 171 2.21 -31.11 14.10
CA LEU B 171 2.81 -31.47 15.41
C LEU B 171 3.02 -30.19 16.22
N ILE B 172 3.46 -29.10 15.57
CA ILE B 172 3.54 -27.77 16.23
C ILE B 172 2.18 -27.41 16.83
N ASN B 173 1.13 -27.58 16.08
CA ASN B 173 -0.19 -27.18 16.54
C ASN B 173 -0.55 -27.97 17.81
N ALA B 174 -0.26 -29.27 17.81
CA ALA B 174 -0.54 -30.10 18.98
C ALA B 174 0.27 -29.63 20.18
N ALA B 175 1.54 -29.32 19.99
CA ALA B 175 2.39 -28.82 21.07
C ALA B 175 1.85 -27.51 21.67
N ILE B 176 1.48 -26.59 20.81
CA ILE B 176 0.89 -25.27 21.20
C ILE B 176 -0.43 -25.49 21.95
N LYS B 177 -1.21 -26.45 21.45
CA LYS B 177 -2.52 -26.75 22.11
C LYS B 177 -2.25 -27.37 23.49
N SER B 178 -1.34 -28.33 23.62
CA SER B 178 -1.00 -28.89 24.94
C SER B 178 -0.69 -27.75 25.91
N GLU B 179 0.22 -26.88 25.51
CA GLU B 179 0.68 -25.82 26.43
C GLU B 179 -0.47 -24.88 26.80
N ASN B 180 -1.21 -24.41 25.81
CA ASN B 180 -2.33 -23.47 26.04
C ASN B 180 -3.49 -24.13 26.80
N GLU B 181 -3.88 -25.33 26.41
CA GLU B 181 -5.19 -25.92 26.84
C GLU B 181 -5.02 -26.94 27.94
N MET B 182 -3.98 -27.76 27.92
CA MET B 182 -3.74 -28.77 28.97
C MET B 182 -2.99 -28.14 30.13
N ALA B 183 -1.89 -27.39 29.87
CA ALA B 183 -1.03 -26.82 30.95
C ALA B 183 -1.58 -25.47 31.42
N GLY B 184 -2.41 -24.81 30.61
CA GLY B 184 -2.99 -23.49 30.86
C GLY B 184 -1.96 -22.38 30.83
N ALA B 185 -0.90 -22.54 30.02
CA ALA B 185 0.27 -21.64 29.93
C ALA B 185 0.14 -20.95 28.59
N SER B 186 -0.27 -19.70 28.61
CA SER B 186 -0.54 -18.95 27.36
C SER B 186 0.75 -18.90 26.54
N THR B 187 0.67 -19.23 25.26
CA THR B 187 1.83 -19.21 24.34
C THR B 187 1.36 -18.89 22.95
N GLY B 188 2.16 -18.06 22.26
CA GLY B 188 2.06 -17.93 20.82
C GLY B 188 2.72 -19.19 20.25
N GLY B 189 3.08 -19.15 19.00
CA GLY B 189 3.66 -20.28 18.30
C GLY B 189 5.11 -20.07 17.96
N LEU B 190 5.71 -18.94 18.33
CA LEU B 190 7.14 -18.69 18.05
C LEU B 190 7.95 -19.97 18.37
N ASP B 191 7.88 -20.38 19.64
CA ASP B 191 8.89 -21.29 20.24
C ASP B 191 8.80 -22.66 19.55
N GLN B 192 7.60 -23.04 19.23
CA GLN B 192 7.30 -24.39 18.70
C GLN B 192 7.71 -24.39 17.21
N ASN B 193 7.40 -23.33 16.50
CA ASN B 193 7.87 -23.16 15.12
C ASN B 193 9.41 -23.21 15.11
N ALA B 194 10.06 -22.52 16.02
CA ALA B 194 11.52 -22.55 16.06
C ALA B 194 11.99 -23.98 16.29
N SER B 195 11.47 -24.65 17.32
CA SER B 195 11.97 -25.93 17.79
C SER B 195 11.82 -26.99 16.70
N MET B 196 10.82 -26.90 15.83
N MET B 196 10.84 -26.82 15.83
CA MET B 196 10.59 -27.95 14.79
CA MET B 196 10.44 -27.83 14.83
C MET B 196 10.87 -27.48 13.35
C MET B 196 10.88 -27.46 13.40
N ARG B 197 11.10 -26.20 13.09
CA ARG B 197 11.28 -25.70 11.69
C ARG B 197 12.60 -24.99 11.48
N CYS B 198 13.32 -24.57 12.49
CA CYS B 198 14.64 -23.98 12.29
C CYS B 198 15.52 -24.96 11.54
N THR B 199 16.54 -24.38 10.92
CA THR B 199 17.58 -25.21 10.28
C THR B 199 18.96 -24.74 10.69
N GLU B 200 19.90 -25.69 10.56
CA GLU B 200 21.27 -25.40 10.94
C GLU B 200 21.77 -24.15 10.17
N GLY B 201 22.45 -23.21 10.84
CA GLY B 201 23.12 -22.09 10.17
C GLY B 201 22.15 -20.99 9.73
N HIS B 202 20.87 -21.10 10.11
CA HIS B 202 19.82 -20.20 9.59
C HIS B 202 18.91 -19.73 10.70
N ALA B 203 18.39 -18.51 10.53
CA ALA B 203 17.28 -18.00 11.34
C ALA B 203 15.99 -18.21 10.57
N LEU B 204 14.91 -18.38 11.32
CA LEU B 204 13.60 -18.68 10.70
C LEU B 204 12.84 -17.36 10.60
N LEU B 205 12.74 -16.78 9.42
CA LEU B 205 11.86 -15.60 9.27
C LEU B 205 10.41 -16.10 9.15
N LEU B 206 9.76 -16.08 10.27
CA LEU B 206 8.41 -16.62 10.45
C LEU B 206 7.34 -15.54 10.41
N ASP B 207 6.43 -15.71 9.46
CA ASP B 207 5.31 -14.81 9.27
C ASP B 207 4.09 -15.49 9.87
N CYS B 208 3.54 -14.89 10.93
CA CYS B 208 2.55 -15.54 11.77
C CYS B 208 1.13 -15.20 11.33
N ARG B 209 0.93 -14.68 10.11
CA ARG B 209 -0.47 -14.50 9.61
C ARG B 209 -1.12 -15.88 9.48
N PRO B 210 -2.25 -16.11 10.17
CA PRO B 210 -2.77 -17.48 10.33
C PRO B 210 -3.17 -18.18 9.02
N GLU B 211 -3.42 -17.41 7.97
CA GLU B 211 -3.95 -17.97 6.70
C GLU B 211 -2.84 -18.44 5.78
N LEU B 212 -1.61 -18.16 6.14
CA LEU B 212 -0.48 -18.59 5.29
C LEU B 212 -0.30 -20.09 5.33
N THR B 213 0.13 -20.64 4.22
CA THR B 213 0.55 -22.05 4.19
C THR B 213 1.96 -22.22 4.74
N PRO B 214 2.38 -23.45 5.11
CA PRO B 214 3.74 -23.63 5.63
C PRO B 214 4.84 -23.22 4.65
N LEU B 215 4.58 -23.42 3.37
CA LEU B 215 5.53 -22.98 2.34
C LEU B 215 5.64 -21.44 2.41
N GLU B 216 4.50 -20.79 2.65
CA GLU B 216 4.40 -19.32 2.52
C GLU B 216 4.96 -18.61 3.76
N ASN B 217 4.94 -19.26 4.90
CA ASN B 217 5.08 -18.58 6.21
C ASN B 217 6.47 -18.68 6.80
N VAL B 218 7.43 -19.29 6.11
CA VAL B 218 8.84 -19.26 6.58
C VAL B 218 9.74 -18.94 5.40
N SER B 219 10.90 -18.36 5.73
N SER B 219 10.78 -18.18 5.67
CA SER B 219 12.00 -17.99 4.80
CA SER B 219 12.00 -18.26 4.87
C SER B 219 13.33 -18.18 5.54
C SER B 219 13.16 -18.55 5.80
N GLN B 220 14.13 -19.23 5.26
CA GLN B 220 15.35 -19.47 6.05
C GLN B 220 16.36 -18.37 5.70
N GLN B 221 16.80 -17.67 6.73
CA GLN B 221 17.76 -16.56 6.54
C GLN B 221 19.13 -17.02 7.00
N GLU B 222 20.13 -16.79 6.18
N GLU B 222 20.13 -16.93 6.14
CA GLU B 222 21.53 -17.15 6.52
CA GLU B 222 21.50 -17.32 6.55
C GLU B 222 21.96 -16.43 7.80
C GLU B 222 21.88 -16.51 7.79
N PHE B 223 22.41 -17.19 8.80
CA PHE B 223 22.86 -16.62 10.08
C PHE B 223 24.23 -17.19 10.40
N ASP B 224 25.17 -16.83 9.55
CA ASP B 224 26.54 -17.40 9.59
C ASP B 224 27.37 -16.41 10.42
N LEU B 225 27.40 -16.55 11.73
CA LEU B 225 28.18 -15.60 12.57
C LEU B 225 29.68 -15.81 12.29
N ASP B 226 30.10 -17.05 12.03
CA ASP B 226 31.53 -17.34 11.79
C ASP B 226 32.06 -16.48 10.64
N LYS B 227 31.28 -16.31 9.55
CA LYS B 227 31.82 -15.61 8.37
C LYS B 227 32.05 -14.13 8.66
N TYR B 228 31.37 -13.54 9.67
CA TYR B 228 31.58 -12.15 10.13
C TYR B 228 32.53 -12.07 11.33
N ASN B 229 33.11 -13.20 11.74
CA ASN B 229 33.89 -13.33 13.00
C ASN B 229 33.09 -12.74 14.17
N LEU B 230 31.85 -13.19 14.26
CA LEU B 230 30.97 -12.85 15.37
C LEU B 230 30.65 -14.09 16.18
N GLU B 231 30.01 -13.81 17.32
N GLU B 231 30.12 -13.86 17.37
CA GLU B 231 29.56 -14.78 18.35
CA GLU B 231 29.31 -14.93 17.98
C GLU B 231 28.21 -14.24 18.88
C GLU B 231 28.08 -14.24 18.53
N LEU B 232 27.18 -15.07 19.04
CA LEU B 232 25.98 -14.62 19.73
C LEU B 232 26.12 -15.03 21.19
N LEU B 233 26.31 -14.03 22.04
CA LEU B 233 26.34 -14.26 23.48
C LEU B 233 24.91 -14.44 23.94
N VAL B 234 24.67 -15.47 24.73
CA VAL B 234 23.39 -15.70 25.42
C VAL B 234 23.61 -15.80 26.92
N VAL B 235 22.93 -14.95 27.66
CA VAL B 235 23.04 -14.93 29.12
C VAL B 235 21.66 -15.06 29.75
N ASP B 236 21.50 -16.15 30.51
CA ASP B 236 20.36 -16.35 31.41
C ASP B 236 20.62 -15.56 32.69
N THR B 237 19.82 -14.53 32.93
CA THR B 237 20.00 -13.65 34.12
C THR B 237 19.74 -14.45 35.39
N GLN B 238 18.90 -15.49 35.36
CA GLN B 238 18.46 -16.23 36.57
C GLN B 238 17.75 -15.22 37.51
N ALA B 239 17.19 -14.14 36.99
CA ALA B 239 16.34 -13.21 37.76
C ALA B 239 15.14 -13.99 38.27
N PRO B 240 14.66 -13.70 39.48
CA PRO B 240 13.49 -14.39 39.99
C PRO B 240 12.27 -14.08 39.10
N HIS B 241 11.45 -15.09 38.81
CA HIS B 241 10.25 -14.94 37.93
C HIS B 241 9.23 -16.00 38.35
N GLN B 242 8.04 -15.58 38.78
N GLN B 242 8.02 -15.56 38.70
CA GLN B 242 6.88 -16.49 39.10
CA GLN B 242 6.86 -16.43 39.03
C GLN B 242 6.52 -17.22 37.80
C GLN B 242 6.41 -17.18 37.78
N LEU B 243 6.12 -18.49 37.93
CA LEU B 243 5.91 -19.47 36.82
C LEU B 243 5.13 -18.87 35.63
N ASN B 244 3.88 -18.48 35.87
CA ASN B 244 2.90 -18.00 34.82
C ASN B 244 2.10 -16.84 35.47
N ASP B 245 2.78 -15.76 35.87
N ASP B 245 2.86 -15.80 35.81
CA ASP B 245 2.21 -14.66 36.70
CA ASP B 245 2.48 -14.53 36.47
C ASP B 245 1.19 -13.79 35.92
C ASP B 245 1.11 -14.04 36.00
N GLY B 246 0.81 -14.16 34.70
CA GLY B 246 -0.34 -13.51 34.05
C GLY B 246 0.01 -12.20 33.31
N GLN B 247 1.23 -11.63 33.46
N GLN B 247 1.22 -11.67 33.49
CA GLN B 247 1.57 -10.38 32.72
CA GLN B 247 1.65 -10.45 32.76
C GLN B 247 1.70 -10.67 31.22
C GLN B 247 1.63 -10.72 31.25
N TYR B 248 2.17 -11.86 30.83
CA TYR B 248 2.21 -12.28 29.41
C TYR B 248 0.79 -12.26 28.84
N ALA B 249 -0.11 -12.97 29.47
CA ALA B 249 -1.55 -13.01 29.08
C ALA B 249 -2.17 -11.60 29.03
N GLN B 250 -1.75 -10.68 29.92
N GLN B 250 -1.75 -10.72 29.95
CA GLN B 250 -2.33 -9.32 29.91
CA GLN B 250 -2.22 -9.33 30.01
C GLN B 250 -1.80 -8.53 28.71
C GLN B 250 -1.82 -8.63 28.71
N ARG B 251 -0.55 -8.76 28.31
CA ARG B 251 -0.08 -8.11 27.07
C ARG B 251 -0.95 -8.60 25.91
N ARG B 252 -1.18 -9.91 25.79
CA ARG B 252 -2.05 -10.49 24.76
C ARG B 252 -3.40 -9.82 24.79
N ALA B 253 -4.01 -9.71 25.95
CA ALA B 253 -5.38 -9.18 26.08
C ALA B 253 -5.41 -7.72 25.62
N THR B 254 -4.40 -6.94 25.99
CA THR B 254 -4.32 -5.51 25.59
C THR B 254 -4.22 -5.43 24.06
N CYS B 255 -3.40 -6.29 23.44
CA CYS B 255 -3.26 -6.24 21.98
C CYS B 255 -4.57 -6.65 21.30
N GLU B 256 -5.24 -7.66 21.79
CA GLU B 256 -6.54 -8.10 21.22
C GLU B 256 -7.54 -6.94 21.35
N GLU B 257 -7.60 -6.33 22.51
CA GLU B 257 -8.49 -5.14 22.70
C GLU B 257 -8.15 -4.01 21.71
N ALA B 258 -6.88 -3.72 21.51
CA ALA B 258 -6.49 -2.67 20.54
C ALA B 258 -6.91 -3.06 19.13
N ALA B 259 -6.69 -4.30 18.72
CA ALA B 259 -7.12 -4.69 17.36
C ALA B 259 -8.64 -4.53 17.25
N LYS B 260 -9.39 -4.94 18.27
CA LYS B 260 -10.89 -4.77 18.25
C LYS B 260 -11.26 -3.29 18.08
N ILE B 261 -10.59 -2.39 18.81
CA ILE B 261 -10.95 -0.95 18.73
C ILE B 261 -10.65 -0.47 17.32
N LEU B 262 -9.51 -0.91 16.77
CA LEU B 262 -9.06 -0.47 15.45
C LEU B 262 -9.88 -1.12 14.31
N GLY B 263 -10.66 -2.13 14.62
CA GLY B 263 -11.48 -2.83 13.62
C GLY B 263 -10.67 -3.72 12.70
N VAL B 264 -9.67 -4.39 13.25
CA VAL B 264 -8.76 -5.26 12.47
C VAL B 264 -8.70 -6.62 13.14
N ALA B 265 -8.40 -7.64 12.35
CA ALA B 265 -8.28 -9.00 12.88
C ALA B 265 -7.09 -9.11 13.82
N ASN B 266 -6.07 -8.34 13.56
CA ASN B 266 -4.81 -8.44 14.32
C ASN B 266 -3.95 -7.23 13.99
N LEU B 267 -2.99 -6.98 14.88
CA LEU B 267 -2.22 -5.74 14.75
C LEU B 267 -1.25 -5.79 13.59
N ARG B 268 -1.07 -6.97 12.98
CA ARG B 268 -0.26 -7.04 11.77
C ARG B 268 -0.98 -6.23 10.68
N VAL B 269 -2.28 -6.29 10.59
CA VAL B 269 -3.00 -5.48 9.58
C VAL B 269 -2.63 -4.02 9.78
N THR B 270 -2.73 -3.59 11.01
CA THR B 270 -2.43 -2.17 11.40
C THR B 270 -0.97 -1.86 10.99
N ALA B 271 -0.04 -2.72 11.40
CA ALA B 271 1.41 -2.50 11.14
C ALA B 271 1.68 -2.38 9.62
N ASP B 272 1.13 -3.26 8.83
CA ASP B 272 1.38 -3.28 7.39
C ASP B 272 0.86 -1.98 6.77
N GLY B 273 -0.31 -1.52 7.22
CA GLY B 273 -0.84 -0.25 6.68
C GLY B 273 0.07 0.93 7.02
N ILE B 274 0.61 0.95 8.21
CA ILE B 274 1.53 2.03 8.64
C ILE B 274 2.83 1.91 7.82
N SER B 275 3.35 0.69 7.72
N SER B 275 3.36 0.71 7.61
CA SER B 275 4.59 0.34 6.97
CA SER B 275 4.68 0.48 6.94
C SER B 275 4.49 0.96 5.59
C SER B 275 4.56 0.86 5.47
N LYS B 276 3.36 0.72 4.90
CA LYS B 276 3.16 1.05 3.46
C LYS B 276 2.90 2.55 3.25
N ALA B 277 2.57 3.29 4.32
CA ALA B 277 2.31 4.75 4.22
C ALA B 277 3.60 5.49 3.90
N ASP B 278 3.46 6.52 3.02
CA ASP B 278 4.61 7.42 2.82
C ASP B 278 5.04 8.11 4.12
N ASP B 279 4.05 8.54 4.91
CA ASP B 279 4.34 9.21 6.20
C ASP B 279 4.00 8.24 7.31
N GLN B 280 4.95 7.40 7.64
CA GLN B 280 4.74 6.32 8.61
C GLN B 280 4.47 6.99 9.93
N PHE B 281 5.16 8.11 10.23
CA PHE B 281 4.91 8.76 11.54
C PHE B 281 3.44 9.15 11.66
N GLN B 282 2.89 9.73 10.62
CA GLN B 282 1.47 10.18 10.70
C GLN B 282 0.54 8.97 10.76
N ALA B 283 0.86 7.91 10.08
CA ALA B 283 0.00 6.71 10.06
C ALA B 283 -0.02 6.13 11.49
N LEU B 284 1.13 6.12 12.16
CA LEU B 284 1.19 5.62 13.53
C LEU B 284 0.38 6.55 14.42
N LYS B 285 0.62 7.87 14.34
CA LYS B 285 -0.08 8.85 15.17
C LYS B 285 -1.59 8.65 15.03
N GLU B 286 -2.12 8.49 13.83
CA GLU B 286 -3.61 8.39 13.67
C GLU B 286 -4.10 7.09 14.28
N THR B 287 -3.28 6.06 14.23
CA THR B 287 -3.61 4.78 14.88
C THR B 287 -3.65 4.94 16.39
N LEU B 288 -2.59 5.51 16.98
CA LEU B 288 -2.56 5.61 18.46
C LEU B 288 -3.72 6.53 18.94
N ASP B 289 -4.00 7.60 18.22
CA ASP B 289 -5.07 8.57 18.60
C ASP B 289 -6.41 7.87 18.75
N ALA B 290 -6.60 6.74 18.07
CA ALA B 290 -7.88 6.01 18.07
C ALA B 290 -8.00 5.12 19.31
N LEU B 291 -6.95 5.02 20.12
CA LEU B 291 -6.92 4.15 21.30
C LEU B 291 -7.25 4.97 22.55
N PRO B 292 -8.11 4.40 23.40
CA PRO B 292 -8.61 5.09 24.59
C PRO B 292 -7.62 5.31 25.75
N ASP B 293 -6.46 4.66 25.75
CA ASP B 293 -5.55 4.79 26.89
C ASP B 293 -4.09 4.60 26.56
N GLU B 294 -3.30 5.24 27.38
CA GLU B 294 -1.86 5.47 27.08
C GLU B 294 -1.08 4.18 27.12
N THR B 295 -1.42 3.24 28.01
CA THR B 295 -0.71 1.97 28.09
C THR B 295 -0.93 1.26 26.75
N MET B 296 -2.15 1.18 26.26
CA MET B 296 -2.45 0.46 24.99
C MET B 296 -1.71 1.10 23.85
N LYS B 297 -1.56 2.43 23.90
CA LYS B 297 -0.87 3.07 22.74
C LYS B 297 0.57 2.53 22.76
N LYS B 298 1.18 2.50 23.93
CA LYS B 298 2.59 2.03 24.08
C LYS B 298 2.75 0.60 23.52
N ARG B 299 1.82 -0.27 23.81
CA ARG B 299 1.81 -1.70 23.39
C ARG B 299 1.78 -1.73 21.85
N VAL B 300 0.87 -0.99 21.25
CA VAL B 300 0.68 -0.98 19.78
C VAL B 300 1.93 -0.39 19.11
N ARG B 301 2.49 0.68 19.69
CA ARG B 301 3.72 1.25 19.16
C ARG B 301 4.80 0.19 19.09
N HIS B 302 4.99 -0.55 20.15
CA HIS B 302 6.00 -1.63 20.19
C HIS B 302 5.75 -2.58 19.03
N VAL B 303 4.56 -3.12 18.95
CA VAL B 303 4.23 -4.18 18.00
C VAL B 303 4.46 -3.68 16.56
N VAL B 304 4.01 -2.47 16.24
CA VAL B 304 4.15 -1.93 14.86
C VAL B 304 5.64 -1.80 14.58
N THR B 305 6.34 -1.11 15.46
CA THR B 305 7.75 -0.82 15.20
C THR B 305 8.58 -2.10 15.17
N GLU B 306 8.27 -3.03 16.04
CA GLU B 306 8.97 -4.32 16.13
C GLU B 306 8.85 -5.11 14.81
N ILE B 307 7.67 -5.20 14.23
CA ILE B 307 7.50 -5.91 12.94
C ILE B 307 8.40 -5.30 11.87
N GLU B 308 8.45 -3.97 11.79
CA GLU B 308 9.29 -3.27 10.83
C GLU B 308 10.75 -3.56 11.14
N ARG B 309 11.12 -3.61 12.42
CA ARG B 309 12.51 -3.87 12.80
C ARG B 309 12.92 -5.27 12.39
N VAL B 310 12.01 -6.25 12.35
CA VAL B 310 12.39 -7.59 11.85
C VAL B 310 12.76 -7.45 10.36
N ARG B 311 11.98 -6.72 9.55
CA ARG B 311 12.29 -6.59 8.11
C ARG B 311 13.64 -5.88 8.00
N SER B 312 13.86 -4.83 8.80
CA SER B 312 15.12 -4.07 8.76
C SER B 312 16.30 -4.94 9.14
N PHE B 313 16.15 -5.82 10.12
CA PHE B 313 17.23 -6.71 10.57
C PHE B 313 17.53 -7.73 9.49
N VAL B 314 16.53 -8.38 8.90
CA VAL B 314 16.76 -9.32 7.79
C VAL B 314 17.57 -8.62 6.69
N ARG B 315 17.23 -7.39 6.28
CA ARG B 315 17.98 -6.67 5.23
C ARG B 315 19.44 -6.40 5.71
N ALA B 316 19.62 -5.85 6.92
CA ALA B 316 20.94 -5.41 7.46
C ALA B 316 21.87 -6.61 7.54
N PHE B 317 21.36 -7.73 8.02
CA PHE B 317 22.20 -8.94 8.24
C PHE B 317 22.53 -9.57 6.91
N ALA B 318 21.59 -9.64 5.99
CA ALA B 318 21.85 -10.15 4.63
C ALA B 318 22.97 -9.34 3.97
N GLN B 319 23.05 -8.03 4.24
CA GLN B 319 24.04 -7.13 3.57
C GLN B 319 25.39 -7.20 4.33
N GLY B 320 25.42 -7.86 5.50
CA GLY B 320 26.57 -7.87 6.41
C GLY B 320 26.82 -6.54 7.08
N ASP B 321 25.74 -5.80 7.32
CA ASP B 321 25.78 -4.52 8.04
C ASP B 321 25.57 -4.78 9.53
N ILE B 322 26.65 -5.20 10.18
CA ILE B 322 26.56 -5.75 11.55
C ILE B 322 26.26 -4.57 12.48
N LYS B 323 26.82 -3.39 12.21
CA LYS B 323 26.51 -2.21 13.06
C LYS B 323 25.01 -1.93 12.99
N ALA B 324 24.43 -1.96 11.78
CA ALA B 324 22.98 -1.73 11.64
C ALA B 324 22.20 -2.82 12.38
N ALA B 325 22.56 -4.05 12.18
CA ALA B 325 21.85 -5.18 12.80
C ALA B 325 21.89 -5.02 14.31
N GLY B 326 23.03 -4.62 14.85
CA GLY B 326 23.19 -4.43 16.28
C GLY B 326 22.29 -3.28 16.74
N ARG B 327 22.23 -2.22 15.99
CA ARG B 327 21.33 -1.08 16.37
C ARG B 327 19.88 -1.53 16.41
N LEU B 328 19.52 -2.43 15.51
CA LEU B 328 18.13 -2.96 15.48
C LEU B 328 17.89 -3.85 16.72
N PHE B 329 18.83 -4.70 17.12
CA PHE B 329 18.74 -5.35 18.45
C PHE B 329 18.47 -4.30 19.51
N ASN B 330 19.28 -3.25 19.57
CA ASN B 330 19.17 -2.27 20.64
C ASN B 330 17.78 -1.62 20.65
N ALA B 331 17.27 -1.29 19.50
CA ALA B 331 15.98 -0.57 19.37
C ALA B 331 14.87 -1.53 19.81
N SER B 332 14.99 -2.82 19.52
CA SER B 332 13.98 -3.81 19.95
C SER B 332 13.97 -3.88 21.48
N HIS B 333 15.14 -3.97 22.11
CA HIS B 333 15.26 -4.00 23.57
C HIS B 333 14.65 -2.72 24.16
N ASP B 334 14.99 -1.58 23.59
CA ASP B 334 14.57 -0.30 24.20
C ASP B 334 13.05 -0.18 24.13
N SER B 335 12.47 -0.64 23.04
N SER B 335 12.37 -0.72 23.11
CA SER B 335 11.02 -0.73 22.83
CA SER B 335 10.89 -0.66 22.98
C SER B 335 10.40 -1.62 23.91
C SER B 335 10.27 -1.69 23.91
N LEU B 336 10.91 -2.84 24.05
CA LEU B 336 10.44 -3.80 25.05
C LEU B 336 10.54 -3.25 26.47
N ALA B 337 11.57 -2.47 26.79
CA ALA B 337 11.69 -1.84 28.11
C ALA B 337 10.67 -0.69 28.30
N ALA B 338 10.59 0.25 27.38
CA ALA B 338 9.89 1.56 27.53
C ALA B 338 8.42 1.44 27.12
N ASP B 339 8.14 0.72 26.03
CA ASP B 339 6.78 0.69 25.48
C ASP B 339 6.06 -0.62 25.85
N TYR B 340 6.71 -1.77 25.76
CA TYR B 340 6.02 -3.04 26.12
C TYR B 340 6.12 -3.30 27.62
N GLU B 341 7.10 -2.67 28.27
CA GLU B 341 7.26 -2.81 29.74
C GLU B 341 7.33 -4.28 30.11
N VAL B 342 8.26 -5.01 29.48
CA VAL B 342 8.42 -6.44 29.88
C VAL B 342 9.86 -6.69 30.29
N THR B 343 10.65 -5.68 30.56
CA THR B 343 12.02 -5.88 31.10
C THR B 343 12.00 -5.79 32.62
N VAL B 344 13.12 -6.20 33.20
CA VAL B 344 13.35 -6.05 34.65
C VAL B 344 14.79 -5.59 34.75
N PRO B 345 15.21 -5.09 35.91
CA PRO B 345 16.54 -4.55 36.03
C PRO B 345 17.64 -5.52 35.62
N GLU B 346 17.50 -6.83 35.93
CA GLU B 346 18.58 -7.78 35.55
C GLU B 346 18.78 -7.77 34.03
N LEU B 347 17.71 -7.76 33.23
CA LEU B 347 17.82 -7.74 31.77
C LEU B 347 18.44 -6.43 31.34
N ASP B 348 17.97 -5.31 31.87
CA ASP B 348 18.38 -3.97 31.38
C ASP B 348 19.84 -3.76 31.73
N ILE B 349 20.27 -4.19 32.90
CA ILE B 349 21.68 -3.98 33.33
C ILE B 349 22.58 -4.93 32.53
N ALA B 350 22.15 -6.19 32.34
CA ALA B 350 22.94 -7.11 31.53
C ALA B 350 23.12 -6.52 30.13
N VAL B 351 22.06 -6.00 29.51
CA VAL B 351 22.15 -5.36 28.17
C VAL B 351 23.11 -4.17 28.23
N ASP B 352 22.99 -3.33 29.25
CA ASP B 352 23.85 -2.12 29.35
C ASP B 352 25.33 -2.55 29.44
N VAL B 353 25.64 -3.60 30.22
CA VAL B 353 27.05 -4.10 30.36
C VAL B 353 27.49 -4.54 28.97
N ALA B 354 26.67 -5.32 28.28
CA ALA B 354 27.10 -5.80 26.95
C ALA B 354 27.34 -4.60 26.02
N ARG B 355 26.44 -3.62 26.00
CA ARG B 355 26.61 -2.48 25.04
C ARG B 355 27.87 -1.66 25.39
N LYS B 356 28.23 -1.59 26.67
CA LYS B 356 29.35 -0.76 27.13
C LYS B 356 30.66 -1.55 27.01
N ASN B 357 30.59 -2.84 26.65
CA ASN B 357 31.80 -3.71 26.65
C ASN B 357 31.91 -4.44 25.30
N GLY B 358 31.44 -3.78 24.23
CA GLY B 358 31.79 -4.10 22.83
C GLY B 358 30.72 -4.84 22.06
N ALA B 359 29.52 -5.01 22.59
CA ALA B 359 28.44 -5.63 21.80
C ALA B 359 28.04 -4.66 20.67
N TYR B 360 27.78 -5.19 19.49
CA TYR B 360 27.17 -4.43 18.37
C TYR B 360 25.76 -4.07 18.76
N GLY B 361 25.09 -5.00 19.44
CA GLY B 361 23.74 -4.78 19.99
C GLY B 361 23.46 -5.84 21.02
N ALA B 362 22.49 -5.56 21.88
CA ALA B 362 22.08 -6.48 22.95
C ALA B 362 20.63 -6.25 23.29
N ARG B 363 19.94 -7.33 23.55
CA ARG B 363 18.51 -7.25 23.89
C ARG B 363 18.08 -8.46 24.73
N MET B 364 17.02 -8.27 25.48
CA MET B 364 16.29 -9.46 26.01
C MET B 364 15.76 -10.28 24.83
N THR B 365 15.59 -11.56 25.06
CA THR B 365 14.96 -12.47 24.08
C THR B 365 13.82 -13.19 24.81
N GLY B 366 12.80 -13.59 24.07
CA GLY B 366 11.66 -14.33 24.63
C GLY B 366 10.62 -13.42 25.24
N GLY B 367 9.85 -13.94 26.18
CA GLY B 367 8.63 -13.25 26.71
C GLY B 367 9.02 -12.08 27.63
N GLY B 368 10.15 -12.18 28.32
CA GLY B 368 10.56 -11.12 29.24
C GLY B 368 10.23 -11.47 30.66
N PHE B 369 10.19 -10.43 31.50
CA PHE B 369 9.84 -10.50 32.96
C PHE B 369 10.95 -11.22 33.72
N GLY B 370 12.09 -11.39 33.09
CA GLY B 370 13.17 -12.26 33.55
C GLY B 370 13.81 -12.93 32.33
N GLY B 371 14.54 -14.00 32.56
CA GLY B 371 15.08 -14.81 31.48
C GLY B 371 16.38 -14.28 30.96
N SER B 372 16.55 -14.34 29.63
CA SER B 372 17.85 -14.26 28.95
C SER B 372 17.99 -12.98 28.12
N ILE B 373 19.22 -12.56 27.97
CA ILE B 373 19.58 -11.56 26.95
C ILE B 373 20.48 -12.23 25.93
N ILE B 374 20.57 -11.58 24.81
CA ILE B 374 21.48 -11.96 23.72
C ILE B 374 22.28 -10.76 23.26
N ALA B 375 23.44 -11.00 22.69
CA ALA B 375 24.32 -9.89 22.25
C ALA B 375 25.13 -10.36 21.07
N LEU B 376 25.16 -9.56 20.00
CA LEU B 376 26.05 -9.78 18.86
C LEU B 376 27.40 -9.20 19.29
N VAL B 377 28.45 -10.03 19.29
CA VAL B 377 29.79 -9.64 19.81
C VAL B 377 30.85 -10.22 18.87
N ASP B 378 32.03 -9.63 18.92
CA ASP B 378 33.19 -10.18 18.18
C ASP B 378 33.49 -11.60 18.68
N LYS B 379 33.87 -12.47 17.77
CA LYS B 379 34.18 -13.86 18.17
C LYS B 379 35.25 -13.89 19.28
N GLY B 380 35.01 -14.63 20.32
CA GLY B 380 35.91 -14.78 21.48
C GLY B 380 35.75 -13.72 22.54
N GLN B 381 34.82 -12.78 22.34
CA GLN B 381 34.50 -11.74 23.35
C GLN B 381 33.34 -12.14 24.26
N GLY B 382 32.60 -13.19 23.96
CA GLY B 382 31.43 -13.59 24.76
C GLY B 382 31.83 -13.93 26.17
N HIS B 383 32.90 -14.68 26.36
CA HIS B 383 33.26 -15.14 27.73
C HIS B 383 33.55 -13.91 28.60
N GLU B 384 34.32 -12.96 28.07
CA GLU B 384 34.71 -11.76 28.87
C GLU B 384 33.46 -10.92 29.19
N ILE B 385 32.57 -10.75 28.22
CA ILE B 385 31.34 -9.94 28.44
C ILE B 385 30.45 -10.68 29.42
N ALA B 386 30.33 -12.00 29.30
CA ALA B 386 29.50 -12.72 30.29
C ALA B 386 30.06 -12.50 31.69
N GLN B 387 31.38 -12.55 31.84
CA GLN B 387 31.99 -12.43 33.20
C GLN B 387 31.74 -11.00 33.73
N LYS B 388 31.79 -10.02 32.86
CA LYS B 388 31.53 -8.62 33.28
C LYS B 388 30.09 -8.52 33.73
N ILE B 389 29.18 -9.22 33.05
CA ILE B 389 27.78 -9.19 33.53
C ILE B 389 27.73 -9.85 34.90
N ALA B 390 28.33 -11.03 35.05
CA ALA B 390 28.31 -11.74 36.36
C ALA B 390 28.89 -10.83 37.45
N ASP B 391 30.01 -10.18 37.15
CA ASP B 391 30.69 -9.32 38.16
C ASP B 391 29.73 -8.16 38.53
N ARG B 392 29.10 -7.57 37.52
CA ARG B 392 28.14 -6.47 37.79
C ARG B 392 26.99 -6.98 38.64
N PHE B 393 26.45 -8.16 38.31
CA PHE B 393 25.34 -8.73 39.09
C PHE B 393 25.72 -8.90 40.56
N GLU B 394 26.94 -9.39 40.80
CA GLU B 394 27.47 -9.60 42.15
C GLU B 394 27.38 -8.28 42.94
N LYS B 395 27.77 -7.22 42.32
CA LYS B 395 27.86 -5.84 42.88
C LYS B 395 26.46 -5.27 43.05
N GLU B 396 25.53 -5.69 42.20
CA GLU B 396 24.13 -5.24 42.31
C GLU B 396 23.43 -6.01 43.39
N GLY B 397 23.93 -7.20 43.79
CA GLY B 397 23.26 -8.09 44.74
C GLY B 397 22.26 -9.02 44.06
N PHE B 398 22.34 -9.18 42.74
CA PHE B 398 21.49 -10.12 41.95
C PHE B 398 21.99 -11.57 42.06
N ASN B 399 21.10 -12.52 41.81
CA ASN B 399 21.41 -13.95 41.55
C ASN B 399 22.53 -13.99 40.49
N ALA B 400 23.46 -14.92 40.59
CA ALA B 400 24.49 -15.06 39.55
C ALA B 400 23.79 -15.47 38.26
N PRO B 401 24.23 -14.94 37.11
CA PRO B 401 23.73 -15.35 35.81
C PRO B 401 24.50 -16.58 35.29
N ARG B 402 24.08 -17.12 34.14
CA ARG B 402 24.82 -18.23 33.50
C ARG B 402 24.71 -18.01 31.99
N ALA B 403 25.77 -18.33 31.25
CA ALA B 403 25.81 -18.10 29.81
C ALA B 403 25.61 -19.45 29.11
N LEU B 404 25.27 -19.37 27.86
CA LEU B 404 25.10 -20.58 27.02
C LEU B 404 25.80 -20.31 25.70
N PRO B 405 26.61 -21.23 25.17
CA PRO B 405 27.12 -21.10 23.80
C PRO B 405 25.89 -21.20 22.88
N ALA B 406 25.93 -20.49 21.78
CA ALA B 406 24.75 -20.38 20.92
C ALA B 406 25.25 -20.23 19.49
N PHE B 407 24.62 -20.96 18.64
CA PHE B 407 24.70 -20.82 17.20
C PHE B 407 23.37 -21.35 16.68
N ALA B 408 23.08 -21.07 15.44
CA ALA B 408 21.81 -21.54 14.83
C ALA B 408 21.97 -23.03 14.52
N ALA B 409 21.30 -23.83 15.27
CA ALA B 409 21.39 -25.29 15.29
C ALA B 409 20.18 -25.93 14.61
N ALA B 410 20.17 -27.26 14.60
CA ALA B 410 19.12 -28.04 13.93
C ALA B 410 17.87 -28.07 14.79
N SER B 411 16.76 -28.30 14.13
CA SER B 411 15.45 -28.47 14.75
C SER B 411 15.35 -29.88 15.34
N ALA B 412 14.17 -30.19 15.83
CA ALA B 412 13.88 -31.48 16.47
C ALA B 412 14.23 -32.65 15.55
N SER B 413 14.58 -33.79 16.10
CA SER B 413 14.96 -34.95 15.26
C SER B 413 14.89 -36.22 16.07
N ARG B 414 14.75 -37.34 15.36
N ARG B 414 14.73 -37.35 15.38
CA ARG B 414 15.17 -38.65 15.86
CA ARG B 414 14.98 -38.63 16.05
C ARG B 414 16.60 -38.50 16.40
C ARG B 414 16.48 -38.78 16.23
N GLU B 415 16.88 -39.13 17.53
N GLU B 415 16.91 -39.13 17.44
CA GLU B 415 18.25 -39.27 18.06
CA GLU B 415 18.33 -39.26 17.81
C GLU B 415 18.61 -40.76 18.04
C GLU B 415 18.74 -40.73 17.86
N ALA B 416 19.42 -41.16 17.05
N ALA B 416 17.79 -41.65 18.06
CA ALA B 416 19.92 -42.53 16.77
CA ALA B 416 18.11 -43.08 18.31
C ALA B 416 20.51 -43.24 18.01
C ALA B 416 16.88 -43.94 18.10
N LYS B 417 20.09 -44.49 18.23
N LYS B 417 16.97 -45.09 17.42
CA LYS B 417 20.54 -45.40 19.31
CA LYS B 417 15.76 -45.93 17.35
C LYS B 417 22.06 -45.45 19.22
C LYS B 417 16.09 -47.37 17.77
N LEU B 418 22.74 -45.72 20.34
N LEU B 418 15.06 -48.10 18.20
CA LEU B 418 24.21 -45.91 20.39
CA LEU B 418 15.07 -49.52 18.65
C LEU B 418 24.57 -47.32 19.94
C LEU B 418 15.63 -50.41 17.54
CA MET C 1 -21.75 34.95 26.98
C MET C 1 -21.79 35.95 25.80
N THR C 2 -21.06 37.08 25.91
CA THR C 2 -21.00 38.17 24.88
C THR C 2 -20.70 37.58 23.51
N ALA C 3 -21.19 38.16 22.40
CA ALA C 3 -20.75 37.62 21.09
C ALA C 3 -19.26 37.79 21.00
N VAL C 4 -18.57 36.74 20.66
N VAL C 4 -18.62 36.76 20.50
CA VAL C 4 -17.12 36.88 20.34
CA VAL C 4 -17.19 36.82 20.10
C VAL C 4 -17.01 37.85 19.16
C VAL C 4 -17.00 37.89 19.02
N GLU C 5 -16.08 38.80 19.28
CA GLU C 5 -15.71 39.79 18.23
C GLU C 5 -15.01 39.10 17.07
N PHE C 6 -15.58 39.24 15.89
CA PHE C 6 -14.83 38.93 14.65
C PHE C 6 -14.29 40.19 14.03
N ILE C 7 -12.95 40.28 13.89
CA ILE C 7 -12.29 41.50 13.35
C ILE C 7 -12.30 41.44 11.81
N GLU C 8 -12.99 42.37 11.18
CA GLU C 8 -13.13 42.38 9.70
C GLU C 8 -11.86 43.01 9.18
N PRO C 9 -11.41 42.59 7.98
CA PRO C 9 -10.27 43.25 7.35
C PRO C 9 -10.74 44.62 6.83
N LEU C 10 -9.82 45.57 6.86
CA LEU C 10 -9.99 46.85 6.19
C LEU C 10 -10.11 46.57 4.69
N THR C 11 -11.04 47.23 4.02
CA THR C 11 -11.08 47.27 2.56
C THR C 11 -9.88 48.09 2.06
N HIS C 12 -9.52 47.91 0.80
CA HIS C 12 -8.58 48.78 0.06
C HIS C 12 -8.94 50.25 0.31
N GLU C 13 -10.22 50.62 0.12
CA GLU C 13 -10.71 52.01 0.30
C GLU C 13 -10.44 52.49 1.74
N GLU C 14 -10.83 51.69 2.72
CA GLU C 14 -10.66 52.03 4.16
C GLU C 14 -9.18 52.17 4.50
N GLY C 15 -8.34 51.24 4.08
CA GLY C 15 -6.91 51.24 4.41
C GLY C 15 -6.26 52.50 3.81
N VAL C 16 -6.52 52.72 2.53
CA VAL C 16 -5.90 53.87 1.83
C VAL C 16 -6.39 55.17 2.47
N SER C 17 -7.70 55.32 2.68
N SER C 17 -7.70 55.32 2.74
CA SER C 17 -8.29 56.54 3.27
CA SER C 17 -8.26 56.59 3.26
C SER C 17 -7.62 56.77 4.64
C SER C 17 -7.81 56.82 4.71
N GLN C 18 -7.64 55.75 5.51
CA GLN C 18 -7.23 55.90 6.91
C GLN C 18 -5.73 56.20 6.99
N ALA C 19 -4.89 55.50 6.22
CA ALA C 19 -3.44 55.69 6.20
C ALA C 19 -3.10 57.10 5.62
N THR C 20 -3.81 57.49 4.58
CA THR C 20 -3.60 58.82 3.94
C THR C 20 -3.99 59.93 4.95
N LYS C 21 -5.11 59.80 5.65
CA LYS C 21 -5.57 60.86 6.55
C LYS C 21 -4.56 60.98 7.68
N LEU C 22 -4.07 59.85 8.21
CA LEU C 22 -3.12 59.93 9.33
C LEU C 22 -1.84 60.61 8.80
N PHE C 23 -1.42 60.29 7.60
CA PHE C 23 -0.21 60.91 7.02
C PHE C 23 -0.41 62.45 6.93
N VAL C 24 -1.50 62.90 6.30
CA VAL C 24 -1.78 64.34 6.09
C VAL C 24 -1.91 65.01 7.46
N ASP C 25 -2.64 64.39 8.39
CA ASP C 25 -2.86 65.04 9.70
C ASP C 25 -1.53 65.14 10.48
N THR C 26 -0.57 64.21 10.29
CA THR C 26 0.72 64.18 11.01
C THR C 26 1.79 65.03 10.32
N TYR C 27 1.88 64.98 9.00
CA TYR C 27 3.02 65.52 8.22
C TYR C 27 2.57 66.64 7.28
N GLY C 28 1.25 66.90 7.14
CA GLY C 28 0.68 67.98 6.35
C GLY C 28 0.80 67.72 4.86
N ALA C 29 1.97 67.31 4.37
CA ALA C 29 2.24 66.88 2.95
C ALA C 29 1.39 65.64 2.60
N ALA C 30 1.16 65.41 1.31
CA ALA C 30 0.45 64.21 0.80
C ALA C 30 1.50 63.14 0.69
N PRO C 31 1.12 61.86 0.94
CA PRO C 31 2.09 60.79 0.78
C PRO C 31 2.39 60.60 -0.70
N GLU C 32 3.52 59.97 -1.03
CA GLU C 32 3.82 59.60 -2.44
C GLU C 32 2.85 58.49 -2.85
N GLY C 33 2.47 57.63 -1.90
CA GLY C 33 1.47 56.60 -2.18
C GLY C 33 1.21 55.81 -0.93
N VAL C 34 0.45 54.73 -1.11
CA VAL C 34 0.07 53.82 -0.01
C VAL C 34 0.38 52.41 -0.51
N TRP C 35 1.05 51.66 0.34
CA TRP C 35 1.32 50.23 0.07
C TRP C 35 0.65 49.47 1.21
N ALA C 36 0.53 48.16 1.05
CA ALA C 36 0.01 47.34 2.16
C ALA C 36 0.60 45.97 2.09
N ALA C 37 0.66 45.31 3.23
CA ALA C 37 1.10 43.91 3.32
C ALA C 37 0.26 43.18 4.33
N PRO C 38 -0.06 41.91 4.00
CA PRO C 38 -0.92 41.14 4.87
C PRO C 38 -0.22 40.47 6.06
N GLY C 39 -1.02 40.24 7.08
CA GLY C 39 -0.72 39.19 8.08
C GLY C 39 -0.89 37.80 7.47
N ARG C 40 -0.70 36.76 8.25
CA ARG C 40 -0.67 35.38 7.70
C ARG C 40 -1.15 34.41 8.74
N VAL C 41 -1.66 33.31 8.22
CA VAL C 41 -1.87 32.07 9.00
C VAL C 41 -0.93 31.01 8.43
N ASN C 42 -0.19 30.35 9.29
CA ASN C 42 0.59 29.21 8.83
C ASN C 42 -0.34 27.99 8.95
N LEU C 43 -0.65 27.34 7.86
CA LEU C 43 -1.58 26.19 7.94
C LEU C 43 -0.94 25.03 8.67
N ILE C 44 0.32 24.76 8.35
CA ILE C 44 1.09 23.65 8.95
C ILE C 44 2.55 23.89 8.57
N GLY C 45 3.45 23.27 9.28
CA GLY C 45 4.89 23.45 9.11
C GLY C 45 5.41 24.54 10.03
N GLU C 46 5.25 24.28 11.29
CA GLU C 46 5.51 25.21 12.37
C GLU C 46 6.86 24.87 12.99
N HIS C 47 7.65 25.91 13.22
CA HIS C 47 8.99 25.82 13.78
C HIS C 47 9.89 24.99 12.89
N THR C 48 9.67 25.09 11.57
CA THR C 48 10.47 24.46 10.52
C THR C 48 11.21 25.49 9.68
N ASP C 49 10.79 26.75 9.64
CA ASP C 49 11.38 27.72 8.69
C ASP C 49 12.86 27.89 8.99
N TYR C 50 13.23 28.05 10.24
CA TYR C 50 14.63 28.33 10.64
C TYR C 50 15.43 27.02 10.70
N ASN C 51 14.76 25.89 10.43
CA ASN C 51 15.35 24.56 10.30
C ASN C 51 15.48 24.11 8.84
N ALA C 52 15.27 25.03 7.87
CA ALA C 52 15.40 24.79 6.45
C ALA C 52 14.25 23.83 6.00
N GLY C 53 13.15 23.84 6.73
CA GLY C 53 12.04 22.94 6.46
C GLY C 53 11.01 23.42 5.46
N LEU C 54 9.83 22.83 5.52
CA LEU C 54 8.67 23.18 4.69
C LEU C 54 7.66 23.88 5.55
N CYS C 55 6.99 24.82 4.97
CA CYS C 55 5.90 25.58 5.62
C CYS C 55 4.75 25.75 4.64
N LEU C 56 3.59 26.11 5.12
CA LEU C 56 2.40 26.27 4.24
C LEU C 56 1.50 27.37 4.77
N PRO C 57 1.96 28.63 4.62
CA PRO C 57 1.11 29.73 4.98
C PRO C 57 0.17 30.23 3.91
N ILE C 58 -0.84 30.95 4.38
CA ILE C 58 -1.74 31.78 3.53
C ILE C 58 -1.63 33.20 4.07
N ALA C 59 -1.84 34.13 3.18
CA ALA C 59 -1.97 35.55 3.55
C ALA C 59 -3.41 35.81 3.92
N LEU C 60 -3.57 36.47 5.06
CA LEU C 60 -4.91 36.92 5.51
C LEU C 60 -5.36 38.14 4.68
N PRO C 61 -6.68 38.40 4.64
CA PRO C 61 -7.15 39.62 4.00
C PRO C 61 -6.75 40.85 4.83
N HIS C 62 -6.49 40.66 6.12
CA HIS C 62 -6.07 41.71 7.08
C HIS C 62 -4.69 42.21 6.71
N ARG C 63 -4.58 43.53 6.51
CA ARG C 63 -3.31 44.10 6.06
C ARG C 63 -2.94 45.29 6.95
N THR C 64 -1.67 45.62 6.88
CA THR C 64 -1.12 46.88 7.38
C THR C 64 -0.93 47.77 6.15
N PHE C 65 -1.41 48.99 6.24
CA PHE C 65 -1.32 50.03 5.19
C PHE C 65 -0.34 51.10 5.61
N ILE C 66 0.62 51.34 4.72
CA ILE C 66 1.68 52.34 4.91
C ILE C 66 1.46 53.43 3.88
N ALA C 67 1.21 54.66 4.35
CA ALA C 67 1.33 55.87 3.55
C ALA C 67 2.76 56.35 3.72
N LEU C 68 3.50 56.57 2.63
CA LEU C 68 4.95 56.92 2.75
C LEU C 68 5.33 57.98 1.74
N LYS C 69 6.27 58.80 2.14
CA LYS C 69 6.93 59.76 1.24
C LYS C 69 8.41 59.71 1.56
N PRO C 70 9.29 59.57 0.56
CA PRO C 70 10.72 59.64 0.81
C PRO C 70 11.12 61.06 1.23
N ARG C 71 12.31 61.13 1.83
CA ARG C 71 12.95 62.39 2.29
C ARG C 71 14.30 62.55 1.54
N GLU C 72 14.80 63.77 1.38
CA GLU C 72 16.10 63.99 0.74
C GLU C 72 17.13 63.80 1.87
N ASP C 73 16.73 63.96 3.15
CA ASP C 73 17.68 63.74 4.26
C ASP C 73 17.56 62.26 4.67
N THR C 74 18.13 61.90 5.82
CA THR C 74 18.18 60.52 6.36
C THR C 74 17.28 60.42 7.59
N LYS C 75 16.39 61.38 7.81
CA LYS C 75 15.50 61.30 8.97
C LYS C 75 14.40 60.33 8.60
N VAL C 76 13.93 59.59 9.58
CA VAL C 76 12.76 58.69 9.40
C VAL C 76 11.75 59.05 10.47
N ARG C 77 10.55 59.48 10.08
CA ARG C 77 9.43 59.75 11.01
C ARG C 77 8.38 58.72 10.70
N VAL C 78 7.94 58.06 11.75
CA VAL C 78 6.83 57.12 11.56
C VAL C 78 5.81 57.37 12.64
N VAL C 79 4.53 57.14 12.29
CA VAL C 79 3.38 57.26 13.21
C VAL C 79 2.46 56.07 12.96
N SER C 80 1.77 55.63 14.00
CA SER C 80 0.83 54.49 13.85
C SER C 80 -0.56 54.93 14.34
N GLY C 81 -1.63 54.41 13.77
CA GLY C 81 -2.98 54.69 14.22
C GLY C 81 -3.22 54.27 15.67
N VAL C 82 -2.42 53.36 16.21
CA VAL C 82 -2.59 52.94 17.61
C VAL C 82 -2.34 54.11 18.54
N ALA C 83 -1.39 54.96 18.18
CA ALA C 83 -0.95 56.12 18.99
C ALA C 83 -0.67 57.28 18.02
N PRO C 84 -1.72 57.90 17.48
CA PRO C 84 -1.60 58.84 16.37
C PRO C 84 -0.88 60.13 16.79
N ASP C 85 -0.77 60.38 18.11
CA ASP C 85 -0.13 61.59 18.64
C ASP C 85 1.35 61.35 18.93
N LYS C 86 1.86 60.14 18.75
CA LYS C 86 3.24 59.80 19.10
C LYS C 86 4.03 59.52 17.81
N VAL C 87 4.63 60.55 17.24
CA VAL C 87 5.55 60.41 16.07
C VAL C 87 6.93 59.99 16.57
N ALA C 88 7.49 58.94 15.96
CA ALA C 88 8.80 58.43 16.32
C ALA C 88 9.79 58.95 15.31
N GLU C 89 10.94 59.44 15.74
CA GLU C 89 11.94 59.98 14.77
C GLU C 89 13.30 59.32 15.01
N ALA C 90 13.99 58.99 13.93
CA ALA C 90 15.34 58.39 13.99
C ALA C 90 16.11 58.93 12.81
N ASP C 91 17.40 58.64 12.73
CA ASP C 91 18.24 59.11 11.62
C ASP C 91 19.05 57.91 11.20
N LEU C 92 18.99 57.57 9.92
CA LEU C 92 19.65 56.39 9.36
C LEU C 92 21.15 56.63 9.26
N ASP C 93 21.59 57.89 9.33
CA ASP C 93 23.01 58.20 9.09
C ASP C 93 23.84 57.63 10.25
N GLY C 94 24.71 56.65 9.98
CA GLY C 94 25.55 55.97 10.99
C GLY C 94 24.71 55.20 11.98
N LEU C 95 23.45 54.91 11.65
CA LEU C 95 22.56 54.16 12.57
C LEU C 95 23.14 52.76 12.69
N LYS C 96 23.22 52.23 13.91
CA LYS C 96 23.74 50.88 14.20
C LYS C 96 22.59 49.91 14.52
N ALA C 97 22.90 48.62 14.48
CA ALA C 97 22.06 47.54 14.99
C ALA C 97 21.58 47.95 16.40
N ARG C 98 20.28 47.94 16.63
CA ARG C 98 19.66 48.16 17.96
C ARG C 98 19.65 49.66 18.30
N GLY C 99 19.91 50.53 17.34
CA GLY C 99 19.97 51.99 17.54
C GLY C 99 18.61 52.64 17.66
N VAL C 100 17.56 51.84 17.43
CA VAL C 100 16.13 52.25 17.56
C VAL C 100 15.48 51.13 18.41
N ASP C 101 14.68 51.50 19.41
CA ASP C 101 13.93 50.54 20.27
C ASP C 101 12.44 50.79 20.11
N GLY C 102 11.66 49.74 20.37
CA GLY C 102 10.20 49.75 20.24
C GLY C 102 9.85 49.83 18.78
N TRP C 103 8.61 50.16 18.51
CA TRP C 103 7.87 49.73 17.32
C TRP C 103 8.51 50.33 16.08
N SER C 104 9.09 51.51 16.20
CA SER C 104 9.66 52.23 15.04
C SER C 104 10.97 51.58 14.59
N ALA C 105 11.57 50.69 15.37
CA ALA C 105 12.74 49.91 14.96
C ALA C 105 12.33 49.07 13.73
N TYR C 106 11.09 48.64 13.66
CA TYR C 106 10.64 47.73 12.58
C TYR C 106 10.69 48.44 11.22
N PRO C 107 9.95 49.55 10.99
CA PRO C 107 10.02 50.21 9.69
C PRO C 107 11.40 50.86 9.49
N THR C 108 11.98 51.48 10.53
CA THR C 108 13.24 52.21 10.35
C THR C 108 14.34 51.21 9.98
N GLY C 109 14.33 50.04 10.58
CA GLY C 109 15.35 49.01 10.30
C GLY C 109 15.28 48.48 8.88
N VAL C 110 14.09 48.59 8.22
CA VAL C 110 14.01 48.15 6.79
C VAL C 110 14.87 49.06 5.91
N ALA C 111 14.80 50.37 6.10
CA ALA C 111 15.67 51.30 5.35
C ALA C 111 17.14 51.04 5.70
N TRP C 112 17.45 50.81 6.97
CA TRP C 112 18.82 50.53 7.43
C TRP C 112 19.32 49.28 6.72
N ALA C 113 18.49 48.23 6.72
CA ALA C 113 18.87 46.95 6.09
C ALA C 113 19.17 47.17 4.62
N LEU C 114 18.31 47.88 3.92
CA LEU C 114 18.53 48.15 2.47
C LEU C 114 19.84 48.92 2.28
N ARG C 115 20.10 49.91 3.11
CA ARG C 115 21.37 50.66 3.01
C ARG C 115 22.52 49.71 3.31
N GLN C 116 22.41 48.85 4.34
CA GLN C 116 23.47 47.87 4.66
C GLN C 116 23.72 46.95 3.44
N ALA C 117 22.71 46.69 2.62
CA ALA C 117 22.79 45.79 1.44
C ALA C 117 23.36 46.55 0.22
N GLY C 118 23.69 47.84 0.36
CA GLY C 118 24.38 48.68 -0.64
C GLY C 118 23.40 49.51 -1.43
N PHE C 119 22.14 49.52 -1.02
CA PHE C 119 21.13 50.33 -1.74
C PHE C 119 21.32 51.80 -1.32
N ASP C 120 22.38 52.47 -1.80
N ASP C 120 22.34 52.45 -1.90
CA ASP C 120 22.74 53.80 -1.20
CA ASP C 120 22.83 53.76 -1.39
C ASP C 120 21.81 54.92 -1.72
C ASP C 120 21.84 54.89 -1.74
N LYS C 121 20.90 54.61 -2.66
CA LYS C 121 19.80 55.53 -3.07
C LYS C 121 18.81 55.68 -1.93
N VAL C 122 18.73 54.71 -1.02
CA VAL C 122 17.67 54.72 0.04
C VAL C 122 18.06 55.76 1.10
N LYS C 123 17.25 56.79 1.27
CA LYS C 123 17.43 57.85 2.31
C LYS C 123 16.27 57.71 3.32
N GLY C 124 15.94 58.79 4.01
CA GLY C 124 14.88 58.84 5.01
C GLY C 124 13.50 58.77 4.40
N PHE C 125 12.54 58.77 5.27
CA PHE C 125 11.14 58.77 4.82
C PHE C 125 10.29 59.21 5.97
N ASP C 126 9.08 59.59 5.59
CA ASP C 126 7.94 59.84 6.48
C ASP C 126 6.93 58.74 6.18
N ALA C 127 6.35 58.14 7.23
CA ALA C 127 5.31 57.12 7.03
C ALA C 127 4.24 57.18 8.12
N ALA C 128 3.04 56.76 7.74
CA ALA C 128 1.90 56.55 8.63
C ALA C 128 1.35 55.14 8.39
N PHE C 129 1.13 54.45 9.49
CA PHE C 129 0.61 53.06 9.47
C PHE C 129 -0.80 53.01 10.06
N VAL C 130 -1.66 52.22 9.41
CA VAL C 130 -2.99 51.81 9.87
C VAL C 130 -3.09 50.32 9.54
N SER C 131 -3.42 49.52 10.56
CA SER C 131 -3.40 48.05 10.41
C SER C 131 -4.68 47.45 10.98
N CYS C 132 -5.06 46.29 10.45
CA CYS C 132 -6.12 45.50 11.09
C CYS C 132 -5.57 44.10 11.37
N VAL C 133 -4.23 43.90 11.33
CA VAL C 133 -3.66 42.61 11.77
C VAL C 133 -3.62 42.64 13.29
N PRO C 134 -4.38 41.79 14.02
CA PRO C 134 -4.54 41.96 15.49
C PRO C 134 -3.23 41.81 16.25
N LEU C 135 -2.96 42.78 17.14
N LEU C 135 -2.96 42.77 17.14
CA LEU C 135 -1.76 42.77 18.01
CA LEU C 135 -1.71 42.78 17.95
C LEU C 135 -1.75 41.49 18.85
C LEU C 135 -1.70 41.61 18.92
N GLY C 136 -0.58 40.87 18.99
CA GLY C 136 -0.40 39.77 19.98
C GLY C 136 -1.01 38.46 19.53
N SER C 137 -1.55 38.46 18.31
N SER C 137 -1.52 38.44 18.31
CA SER C 137 -2.34 37.34 17.74
CA SER C 137 -2.34 37.32 17.77
C SER C 137 -1.44 36.22 17.24
C SER C 137 -1.46 36.24 17.15
N GLY C 138 -0.18 36.53 16.97
CA GLY C 138 0.70 35.57 16.30
C GLY C 138 0.37 35.49 14.83
N LEU C 139 -0.28 36.55 14.28
CA LEU C 139 -0.66 36.57 12.86
C LEU C 139 0.25 37.53 12.05
N SER C 140 1.45 37.85 12.55
N SER C 140 1.32 37.99 12.71
CA SER C 140 2.56 38.47 11.76
CA SER C 140 2.48 38.70 12.12
C SER C 140 2.29 39.94 11.48
C SER C 140 2.07 40.11 11.71
N SER C 141 1.71 40.65 12.43
N SER C 141 1.64 40.86 12.70
CA SER C 141 1.67 42.13 12.41
CA SER C 141 1.66 42.34 12.60
C SER C 141 3.09 42.65 12.09
C SER C 141 3.09 42.80 12.26
N SER C 142 4.13 42.08 12.70
CA SER C 142 5.54 42.49 12.48
C SER C 142 5.88 42.43 11.01
N ALA C 143 5.60 41.30 10.39
CA ALA C 143 5.91 41.16 8.95
C ALA C 143 5.04 42.10 8.13
N ALA C 144 3.77 42.21 8.44
CA ALA C 144 2.90 43.15 7.72
C ALA C 144 3.53 44.55 7.76
N MET C 145 4.14 44.93 8.86
CA MET C 145 4.77 46.31 8.99
C MET C 145 6.08 46.36 8.22
N THR C 146 6.97 45.41 8.42
CA THR C 146 8.27 45.45 7.73
C THR C 146 8.09 45.24 6.23
N CYS C 147 7.22 44.33 5.80
CA CYS C 147 7.14 44.06 4.36
C CYS C 147 6.41 45.19 3.64
N SER C 148 5.41 45.81 4.23
CA SER C 148 4.77 47.01 3.61
C SER C 148 5.81 48.14 3.45
N THR C 149 6.70 48.31 4.42
CA THR C 149 7.75 49.35 4.46
C THR C 149 8.71 48.99 3.36
N ALA C 150 9.10 47.72 3.27
CA ALA C 150 10.15 47.30 2.28
C ALA C 150 9.56 47.58 0.90
N LEU C 151 8.30 47.21 0.67
CA LEU C 151 7.70 47.34 -0.68
C LEU C 151 7.59 48.83 -1.03
N ALA C 152 7.23 49.64 -0.09
CA ALA C 152 7.08 51.11 -0.34
C ALA C 152 8.46 51.73 -0.60
N LEU C 153 9.49 51.42 0.20
CA LEU C 153 10.87 51.94 -0.03
C LEU C 153 11.39 51.51 -1.40
N ASP C 154 11.18 50.25 -1.78
CA ASP C 154 11.61 49.74 -3.09
C ASP C 154 10.95 50.56 -4.20
N ASP C 155 9.68 50.87 -4.03
CA ASP C 155 8.91 51.60 -5.04
C ASP C 155 9.45 53.02 -5.12
N VAL C 156 9.40 53.79 -4.05
CA VAL C 156 9.73 55.25 -4.13
C VAL C 156 11.20 55.45 -4.51
N TYR C 157 12.10 54.56 -4.06
CA TYR C 157 13.52 54.66 -4.40
C TYR C 157 13.83 53.94 -5.71
N GLY C 158 12.83 53.35 -6.40
CA GLY C 158 13.05 52.75 -7.74
C GLY C 158 14.16 51.67 -7.73
N LEU C 159 14.21 50.85 -6.68
CA LEU C 159 15.27 49.81 -6.57
C LEU C 159 15.01 48.61 -7.51
N GLY C 160 13.75 48.39 -7.94
CA GLY C 160 13.39 47.42 -9.00
C GLY C 160 13.11 46.00 -8.48
N TYR C 161 12.95 45.79 -7.17
CA TYR C 161 12.80 44.40 -6.65
C TYR C 161 11.33 44.05 -6.41
N GLY C 162 10.46 45.04 -6.29
CA GLY C 162 9.08 44.77 -5.84
C GLY C 162 8.21 44.17 -6.91
N ASP C 163 8.61 44.31 -8.21
CA ASP C 163 7.72 43.88 -9.32
C ASP C 163 7.99 42.45 -9.78
N SER C 164 8.69 41.64 -9.01
CA SER C 164 8.83 40.20 -9.33
C SER C 164 8.82 39.42 -8.04
N ASP C 165 8.37 38.18 -8.12
CA ASP C 165 8.39 37.30 -6.92
C ASP C 165 9.86 37.16 -6.49
N ALA C 166 10.76 36.87 -7.43
CA ALA C 166 12.17 36.58 -7.08
C ALA C 166 12.85 37.86 -6.55
N GLY C 167 12.51 39.01 -7.12
CA GLY C 167 12.96 40.32 -6.64
C GLY C 167 12.54 40.55 -5.21
N ARG C 168 11.31 40.17 -4.92
CA ARG C 168 10.78 40.42 -3.58
C ARG C 168 11.58 39.71 -2.49
N VAL C 169 12.33 38.66 -2.83
CA VAL C 169 13.20 37.99 -1.84
C VAL C 169 14.22 38.98 -1.27
N THR C 170 14.72 39.92 -2.04
CA THR C 170 15.67 40.91 -1.50
C THR C 170 14.95 41.76 -0.44
N LEU C 171 13.70 42.13 -0.71
CA LEU C 171 12.88 42.95 0.20
C LEU C 171 12.51 42.14 1.44
N ILE C 172 12.15 40.88 1.26
CA ILE C 172 11.91 39.95 2.39
C ILE C 172 13.16 39.90 3.27
N ASN C 173 14.34 39.75 2.69
CA ASN C 173 15.59 39.66 3.46
C ASN C 173 15.81 40.95 4.27
N ALA C 174 15.49 42.10 3.69
CA ALA C 174 15.66 43.38 4.42
C ALA C 174 14.68 43.39 5.61
N ALA C 175 13.47 42.93 5.37
CA ALA C 175 12.43 42.86 6.42
C ALA C 175 12.90 41.97 7.56
N ILE C 176 13.36 40.78 7.23
CA ILE C 176 13.83 39.81 8.24
C ILE C 176 14.98 40.45 9.00
N LYS C 177 15.92 41.05 8.30
CA LYS C 177 17.11 41.65 8.95
C LYS C 177 16.69 42.77 9.88
N SER C 178 15.70 43.59 9.50
CA SER C 178 15.19 44.68 10.37
C SER C 178 14.70 44.10 11.70
N GLU C 179 13.84 43.09 11.63
N GLU C 179 13.87 43.06 11.61
CA GLU C 179 13.25 42.51 12.85
CA GLU C 179 13.19 42.39 12.74
C GLU C 179 14.39 41.89 13.67
C GLU C 179 14.27 41.76 13.66
N ASN C 180 15.20 40.98 13.10
CA ASN C 180 16.24 40.32 13.90
C ASN C 180 17.24 41.33 14.48
N GLU C 181 17.77 42.23 13.64
CA GLU C 181 19.00 42.97 13.98
C GLU C 181 18.68 44.38 14.46
N MET C 182 17.60 45.00 13.96
CA MET C 182 17.28 46.37 14.44
C MET C 182 16.33 46.28 15.64
N ALA C 183 15.24 45.54 15.52
CA ALA C 183 14.29 45.40 16.65
C ALA C 183 14.77 44.40 17.72
N GLY C 184 15.67 43.46 17.43
CA GLY C 184 16.16 42.50 18.43
C GLY C 184 15.17 41.36 18.61
N ALA C 185 14.32 41.13 17.62
CA ALA C 185 13.17 40.20 17.66
C ALA C 185 13.47 38.99 16.78
N SER C 186 13.84 37.87 17.37
CA SER C 186 14.27 36.64 16.65
C SER C 186 13.14 36.19 15.73
N THR C 187 13.41 36.05 14.41
CA THR C 187 12.42 35.64 13.41
C THR C 187 13.08 34.77 12.33
N GLY C 188 12.37 33.72 11.95
CA GLY C 188 12.64 33.04 10.70
C GLY C 188 12.02 33.88 9.59
N GLY C 189 11.95 33.30 8.41
CA GLY C 189 11.47 33.94 7.20
C GLY C 189 10.05 33.60 6.80
N LEU C 190 9.39 32.72 7.57
N LEU C 190 9.35 32.75 7.57
CA LEU C 190 7.99 32.29 7.28
CA LEU C 190 7.99 32.30 7.20
C LEU C 190 7.14 33.50 6.88
C LEU C 190 7.02 33.47 6.93
N ASP C 191 7.04 34.45 7.81
CA ASP C 191 5.94 35.45 7.84
C ASP C 191 6.13 36.39 6.66
N GLN C 192 7.39 36.72 6.45
CA GLN C 192 7.74 37.73 5.43
C GLN C 192 7.59 37.10 4.03
N ASN C 193 7.99 35.84 3.88
CA ASN C 193 7.68 35.17 2.61
C ASN C 193 6.18 35.08 2.35
N ALA C 194 5.36 34.78 3.34
CA ALA C 194 3.90 34.70 3.17
C ALA C 194 3.41 36.07 2.73
N SER C 195 3.82 37.10 3.47
CA SER C 195 3.26 38.46 3.28
C SER C 195 3.56 38.93 1.86
N MET C 196 4.74 38.57 1.35
N MET C 196 4.71 38.55 1.30
CA MET C 196 5.25 39.09 0.05
CA MET C 196 5.13 39.12 0.00
C MET C 196 4.88 38.16 -1.11
C MET C 196 5.06 38.12 -1.14
N ARG C 197 4.69 36.86 -0.89
CA ARG C 197 4.69 35.86 -2.00
C ARG C 197 3.40 35.02 -2.11
N CYS C 198 2.54 35.02 -1.12
CA CYS C 198 1.27 34.28 -1.21
C CYS C 198 0.44 34.85 -2.36
N THR C 199 -0.51 34.05 -2.80
CA THR C 199 -1.50 34.48 -3.82
C THR C 199 -2.92 34.13 -3.35
N GLU C 200 -3.88 34.93 -3.77
CA GLU C 200 -5.31 34.69 -3.45
C GLU C 200 -5.66 33.24 -3.81
N GLY C 201 -6.39 32.57 -2.95
CA GLY C 201 -6.91 31.24 -3.27
C GLY C 201 -5.84 30.15 -3.18
N HIS C 202 -4.66 30.46 -2.66
CA HIS C 202 -3.53 29.48 -2.65
C HIS C 202 -2.76 29.58 -1.36
N ALA C 203 -2.27 28.44 -0.92
CA ALA C 203 -1.29 28.38 0.16
C ALA C 203 0.08 28.33 -0.48
N LEU C 204 1.05 28.78 0.30
CA LEU C 204 2.42 28.92 -0.21
C LEU C 204 3.23 27.75 0.31
N LEU C 205 3.49 26.71 -0.52
CA LEU C 205 4.39 25.63 -0.04
C LEU C 205 5.81 26.18 -0.15
N LEU C 206 6.35 26.60 0.98
CA LEU C 206 7.61 27.34 1.08
C LEU C 206 8.66 26.31 1.49
N ASP C 207 9.73 26.21 0.78
CA ASP C 207 10.81 25.30 1.09
C ASP C 207 11.97 26.18 1.51
N CYS C 208 12.39 26.07 2.77
CA CYS C 208 13.37 26.98 3.36
C CYS C 208 14.81 26.47 3.19
N ARG C 209 15.08 25.53 2.26
CA ARG C 209 16.46 25.05 2.01
C ARG C 209 17.25 26.19 1.36
N PRO C 210 18.41 26.54 1.90
CA PRO C 210 19.12 27.71 1.42
C PRO C 210 19.68 27.56 -0.01
N GLU C 211 19.89 26.34 -0.50
N GLU C 211 19.86 26.31 -0.48
N GLU C 211 19.92 26.34 -0.48
CA GLU C 211 20.51 26.11 -1.84
CA GLU C 211 20.45 25.95 -1.81
CA GLU C 211 20.50 26.15 -1.84
C GLU C 211 19.46 26.27 -2.94
C GLU C 211 19.46 26.29 -2.92
C GLU C 211 19.49 26.66 -2.85
N LEU C 212 18.18 26.49 -2.58
CA LEU C 212 17.14 26.75 -3.60
C LEU C 212 17.09 28.21 -4.03
N THR C 213 16.76 28.39 -5.30
CA THR C 213 16.54 29.74 -5.87
C THR C 213 15.15 30.21 -5.48
N PRO C 214 14.83 31.52 -5.60
CA PRO C 214 13.44 31.92 -5.38
C PRO C 214 12.40 31.15 -6.19
N LEU C 215 12.73 30.82 -7.42
CA LEU C 215 11.75 30.18 -8.34
C LEU C 215 11.54 28.74 -7.93
N GLU C 216 12.52 28.17 -7.22
CA GLU C 216 12.47 26.76 -6.77
C GLU C 216 11.92 26.62 -5.36
N ASN C 217 11.83 27.68 -4.55
N ASN C 217 11.81 27.76 -4.66
CA ASN C 217 11.50 27.49 -3.12
CA ASN C 217 11.54 27.92 -3.21
C ASN C 217 10.06 27.89 -2.78
C ASN C 217 10.06 27.73 -2.86
N VAL C 218 9.19 28.09 -3.77
CA VAL C 218 7.73 28.21 -3.51
C VAL C 218 6.94 27.43 -4.57
N SER C 219 5.82 26.90 -4.14
CA SER C 219 4.83 26.21 -4.96
C SER C 219 3.45 26.68 -4.45
N GLN C 220 2.67 27.27 -5.33
CA GLN C 220 1.34 27.74 -5.00
C GLN C 220 0.40 26.53 -5.02
N GLN C 221 -0.16 26.22 -3.84
CA GLN C 221 -1.09 25.08 -3.67
C GLN C 221 -2.53 25.60 -3.58
N GLU C 222 -3.40 25.02 -4.38
CA GLU C 222 -4.81 25.42 -4.32
C GLU C 222 -5.32 25.29 -2.89
N PHE C 223 -5.98 26.34 -2.45
CA PHE C 223 -6.56 26.37 -1.10
C PHE C 223 -7.92 27.02 -1.16
N ASP C 224 -8.87 26.31 -1.79
CA ASP C 224 -10.24 26.84 -1.99
C ASP C 224 -11.15 26.16 -0.97
N LEU C 225 -11.37 26.82 0.14
CA LEU C 225 -12.24 26.30 1.21
C LEU C 225 -13.69 26.10 0.69
N ASP C 226 -14.19 27.00 -0.15
CA ASP C 226 -15.59 26.93 -0.67
C ASP C 226 -15.77 25.62 -1.45
N LYS C 227 -14.74 25.22 -2.18
CA LYS C 227 -14.77 23.99 -3.04
C LYS C 227 -15.20 22.79 -2.18
N TYR C 228 -14.77 22.78 -0.91
CA TYR C 228 -15.04 21.66 0.03
C TYR C 228 -16.09 22.01 1.07
N ASN C 229 -16.80 23.13 0.90
CA ASN C 229 -17.81 23.61 1.89
C ASN C 229 -17.13 23.72 3.26
N LEU C 230 -15.94 24.34 3.27
CA LEU C 230 -15.18 24.53 4.52
C LEU C 230 -15.04 26.00 4.90
N GLU C 231 -14.72 26.19 6.17
CA GLU C 231 -14.35 27.50 6.75
C GLU C 231 -13.06 27.28 7.52
N LEU C 232 -12.14 28.25 7.51
CA LEU C 232 -10.97 28.23 8.38
C LEU C 232 -11.30 29.19 9.52
N LEU C 233 -11.62 28.65 10.67
CA LEU C 233 -11.85 29.44 11.88
C LEU C 233 -10.47 29.86 12.37
N VAL C 234 -10.31 31.12 12.70
CA VAL C 234 -9.08 31.64 13.32
C VAL C 234 -9.51 32.39 14.59
N VAL C 235 -9.04 31.91 15.75
CA VAL C 235 -9.37 32.49 17.06
C VAL C 235 -8.09 33.00 17.70
N ASP C 236 -8.02 34.27 17.96
CA ASP C 236 -6.94 34.89 18.74
C ASP C 236 -7.32 34.70 20.21
N THR C 237 -6.58 33.92 20.93
CA THR C 237 -6.89 33.63 22.32
C THR C 237 -6.83 34.89 23.17
N GLN C 238 -6.01 35.85 22.76
CA GLN C 238 -5.70 37.09 23.57
C GLN C 238 -5.09 36.63 24.89
N ALA C 239 -4.41 35.48 24.92
CA ALA C 239 -3.68 35.02 26.11
C ALA C 239 -2.56 36.01 26.33
N PRO C 240 -2.24 36.36 27.60
CA PRO C 240 -1.21 37.36 27.85
C PRO C 240 0.12 36.68 27.50
N HIS C 241 0.95 37.39 26.80
CA HIS C 241 2.27 36.82 26.51
C HIS C 241 3.22 37.95 26.21
N GLN C 242 4.48 37.59 26.08
CA GLN C 242 5.57 38.55 25.97
C GLN C 242 6.46 38.18 24.79
N LEU C 243 6.40 38.97 23.73
CA LEU C 243 7.42 38.93 22.65
C LEU C 243 8.83 39.12 23.26
N ASN C 244 9.76 38.29 22.80
N ASN C 244 9.80 38.38 22.74
CA ASN C 244 11.20 38.46 23.03
CA ASN C 244 11.22 38.55 23.10
C ASN C 244 11.52 38.15 24.49
C ASN C 244 11.47 38.23 24.57
N ASP C 245 10.71 37.26 25.11
CA ASP C 245 10.92 36.75 26.49
C ASP C 245 12.04 35.70 26.56
N GLY C 246 12.59 35.31 25.46
CA GLY C 246 13.71 34.35 25.38
C GLY C 246 13.27 32.96 24.91
N GLN C 247 11.99 32.65 24.94
CA GLN C 247 11.55 31.25 24.69
C GLN C 247 11.73 30.86 23.20
N TYR C 248 11.31 31.69 22.26
CA TYR C 248 11.40 31.42 20.82
C TYR C 248 12.88 31.30 20.48
N ALA C 249 13.69 32.18 21.05
CA ALA C 249 15.15 32.18 20.79
C ALA C 249 15.73 30.88 21.34
N GLN C 250 15.25 30.45 22.51
N GLN C 250 15.23 30.36 22.47
CA GLN C 250 15.63 29.14 23.09
CA GLN C 250 15.80 29.10 23.02
C GLN C 250 15.45 28.06 22.01
C GLN C 250 15.40 27.86 22.19
N ARG C 251 14.25 27.90 21.50
CA ARG C 251 13.90 26.79 20.57
C ARG C 251 14.90 26.81 19.39
N ARG C 252 15.15 27.99 18.81
CA ARG C 252 16.14 28.17 17.74
C ARG C 252 17.51 27.69 18.21
N ALA C 253 17.94 28.10 19.38
CA ALA C 253 19.29 27.75 19.90
C ALA C 253 19.38 26.22 20.04
N THR C 254 18.33 25.60 20.52
CA THR C 254 18.34 24.13 20.74
C THR C 254 18.46 23.41 19.39
N CYS C 255 17.72 23.85 18.38
CA CYS C 255 17.77 23.23 17.04
C CYS C 255 19.15 23.43 16.43
N GLU C 256 19.70 24.65 16.59
CA GLU C 256 21.04 24.85 15.95
C GLU C 256 22.01 23.89 16.61
N GLU C 257 21.92 23.66 17.94
CA GLU C 257 22.89 22.84 18.68
C GLU C 257 22.68 21.38 18.27
N ALA C 258 21.44 21.00 18.04
CA ALA C 258 21.14 19.63 17.55
C ALA C 258 21.82 19.40 16.19
N ALA C 259 21.67 20.33 15.26
CA ALA C 259 22.26 20.23 13.92
C ALA C 259 23.80 20.15 13.99
N LYS C 260 24.40 20.96 14.87
CA LYS C 260 25.88 20.96 15.13
C LYS C 260 26.27 19.57 15.62
N ILE C 261 25.50 19.02 16.57
CA ILE C 261 25.78 17.68 17.13
C ILE C 261 25.72 16.59 16.07
N LEU C 262 24.76 16.73 15.16
CA LEU C 262 24.41 15.71 14.16
C LEU C 262 25.30 15.90 12.96
N GLY C 263 26.05 17.00 12.89
CA GLY C 263 26.97 17.27 11.76
C GLY C 263 26.23 17.60 10.45
N VAL C 264 25.11 18.28 10.52
CA VAL C 264 24.28 18.61 9.35
C VAL C 264 24.17 20.13 9.32
N ALA C 265 24.09 20.70 8.14
CA ALA C 265 23.87 22.17 7.96
C ALA C 265 22.60 22.59 8.70
N ASN C 266 21.59 21.70 8.72
CA ASN C 266 20.27 22.06 9.26
C ASN C 266 19.46 20.77 9.46
N LEU C 267 18.38 20.86 10.24
CA LEU C 267 17.65 19.63 10.57
C LEU C 267 16.84 19.11 9.38
N ARG C 268 16.68 19.89 8.32
CA ARG C 268 16.02 19.38 7.11
C ARG C 268 16.85 18.23 6.51
N VAL C 269 18.20 18.36 6.57
CA VAL C 269 19.04 17.22 6.09
C VAL C 269 18.66 15.96 6.85
N THR C 270 18.62 16.05 8.16
CA THR C 270 18.25 14.93 9.07
C THR C 270 16.87 14.42 8.65
N ALA C 271 15.88 15.32 8.65
CA ALA C 271 14.50 14.93 8.32
C ALA C 271 14.40 14.20 6.97
N ASP C 272 15.05 14.76 5.95
CA ASP C 272 14.97 14.17 4.60
C ASP C 272 15.63 12.75 4.58
N GLY C 273 16.75 12.55 5.30
CA GLY C 273 17.34 11.19 5.42
C GLY C 273 16.38 10.20 6.09
N ILE C 274 15.67 10.64 7.15
CA ILE C 274 14.67 9.77 7.81
C ILE C 274 13.52 9.46 6.83
N SER C 275 13.05 10.51 6.16
N SER C 275 13.03 10.48 6.15
CA SER C 275 11.86 10.42 5.27
CA SER C 275 11.81 10.29 5.32
C SER C 275 12.14 9.34 4.21
C SER C 275 12.12 9.35 4.15
N LYS C 276 13.37 9.31 3.68
CA LYS C 276 13.79 8.48 2.54
C LYS C 276 14.00 7.04 3.02
N ALA C 277 14.19 6.79 4.32
CA ALA C 277 14.43 5.43 4.88
C ALA C 277 13.19 4.55 4.71
N ASP C 278 13.38 3.22 4.52
CA ASP C 278 12.22 2.31 4.47
C ASP C 278 11.60 2.21 5.86
N ASP C 279 12.43 2.16 6.90
CA ASP C 279 11.97 2.04 8.31
C ASP C 279 12.21 3.43 8.90
N GLN C 280 11.23 4.31 8.73
N GLN C 280 11.25 4.33 8.74
CA GLN C 280 11.35 5.69 9.25
CA GLN C 280 11.42 5.70 9.28
C GLN C 280 11.45 5.66 10.79
C GLN C 280 11.50 5.65 10.81
N PHE C 281 10.79 4.72 11.46
CA PHE C 281 10.84 4.67 12.94
C PHE C 281 12.26 4.37 13.39
N GLN C 282 12.92 3.41 12.78
CA GLN C 282 14.31 3.11 13.19
C GLN C 282 15.21 4.30 12.84
N ALA C 283 15.02 4.94 11.69
CA ALA C 283 15.90 6.06 11.31
C ALA C 283 15.77 7.14 12.36
N LEU C 284 14.54 7.44 12.76
CA LEU C 284 14.33 8.47 13.79
C LEU C 284 14.97 8.04 15.12
N LYS C 285 14.81 6.77 15.50
CA LYS C 285 15.40 6.26 16.76
C LYS C 285 16.92 6.42 16.75
N GLU C 286 17.55 6.12 15.62
CA GLU C 286 19.03 6.20 15.56
C GLU C 286 19.46 7.66 15.63
N THR C 287 18.64 8.57 15.07
CA THR C 287 18.88 10.03 15.19
C THR C 287 18.82 10.47 16.65
N LEU C 288 17.71 10.20 17.31
CA LEU C 288 17.47 10.70 18.65
C LEU C 288 18.47 10.05 19.62
N ASP C 289 18.92 8.82 19.34
CA ASP C 289 19.92 8.16 20.21
C ASP C 289 21.24 8.96 20.23
N ALA C 290 21.52 9.73 19.18
CA ALA C 290 22.75 10.58 19.05
C ALA C 290 22.63 11.89 19.82
N LEU C 291 21.48 12.19 20.45
CA LEU C 291 21.24 13.46 21.16
C LEU C 291 21.12 13.13 22.64
N PRO C 292 21.98 13.66 23.51
CA PRO C 292 21.98 13.16 24.89
C PRO C 292 20.75 13.65 25.71
N ASP C 293 20.32 14.82 25.30
N ASP C 293 20.30 14.88 25.53
CA ASP C 293 19.47 15.69 26.11
CA ASP C 293 19.22 15.43 26.40
C ASP C 293 18.03 15.43 25.68
C ASP C 293 17.84 14.98 25.89
N GLU C 294 17.21 15.03 26.65
N GLU C 294 16.94 14.65 26.81
CA GLU C 294 15.86 14.47 26.40
CA GLU C 294 15.51 14.39 26.48
C GLU C 294 14.93 15.55 25.84
C GLU C 294 14.95 15.58 25.71
N THR C 295 15.15 16.80 26.19
CA THR C 295 14.45 17.96 25.60
C THR C 295 14.89 18.10 24.13
N MET C 296 16.18 18.02 23.86
CA MET C 296 16.65 18.13 22.45
C MET C 296 16.00 17.04 21.57
N LYS C 297 15.92 15.82 22.06
CA LYS C 297 15.24 14.73 21.33
C LYS C 297 13.84 15.17 20.92
N LYS C 298 13.10 15.71 21.87
N LYS C 298 13.12 15.80 21.83
CA LYS C 298 11.71 16.15 21.66
CA LYS C 298 11.69 16.13 21.61
C LYS C 298 11.73 17.18 20.53
C LYS C 298 11.63 17.26 20.58
N ARG C 299 12.58 18.21 20.65
CA ARG C 299 12.63 19.27 19.64
C ARG C 299 12.84 18.68 18.23
N VAL C 300 13.80 17.81 18.05
CA VAL C 300 14.14 17.25 16.74
C VAL C 300 13.01 16.39 16.26
N ARG C 301 12.38 15.60 17.18
CA ARG C 301 11.25 14.75 16.72
C ARG C 301 10.16 15.67 16.14
N HIS C 302 9.86 16.77 16.83
CA HIS C 302 8.86 17.71 16.27
C HIS C 302 9.29 18.12 14.86
N VAL C 303 10.53 18.60 14.70
CA VAL C 303 10.92 19.24 13.41
C VAL C 303 10.83 18.17 12.32
N VAL C 304 11.31 16.96 12.60
CA VAL C 304 11.35 15.90 11.55
C VAL C 304 9.91 15.51 11.19
N THR C 305 9.04 15.30 12.17
CA THR C 305 7.67 14.82 11.85
C THR C 305 6.82 15.96 11.24
N GLU C 306 7.10 17.17 11.64
CA GLU C 306 6.34 18.35 11.13
C GLU C 306 6.68 18.52 9.65
N ILE C 307 7.92 18.38 9.30
CA ILE C 307 8.25 18.61 7.86
C ILE C 307 7.50 17.56 7.03
N GLU C 308 7.50 16.31 7.49
CA GLU C 308 6.74 15.26 6.79
C GLU C 308 5.26 15.64 6.76
N ARG C 309 4.70 16.12 7.86
CA ARG C 309 3.25 16.45 7.88
C ARG C 309 2.98 17.47 6.77
N VAL C 310 3.88 18.42 6.54
CA VAL C 310 3.59 19.41 5.46
C VAL C 310 3.35 18.68 4.11
N ARG C 311 4.24 17.77 3.76
CA ARG C 311 4.11 17.03 2.50
C ARG C 311 2.76 16.29 2.54
N SER C 312 2.43 15.68 3.68
CA SER C 312 1.20 14.88 3.82
C SER C 312 -0.03 15.78 3.61
N PHE C 313 0.04 17.00 4.17
CA PHE C 313 -1.10 17.94 4.13
C PHE C 313 -1.29 18.41 2.68
N VAL C 314 -0.20 18.71 1.97
CA VAL C 314 -0.30 19.16 0.56
C VAL C 314 -1.00 18.06 -0.25
N ARG C 315 -0.68 16.79 0.05
CA ARG C 315 -1.30 15.68 -0.68
C ARG C 315 -2.76 15.56 -0.26
N ALA C 316 -3.04 15.55 1.03
CA ALA C 316 -4.39 15.33 1.50
C ALA C 316 -5.31 16.39 0.96
N PHE C 317 -4.90 17.65 1.04
CA PHE C 317 -5.84 18.73 0.62
C PHE C 317 -6.06 18.63 -0.89
N ALA C 318 -5.00 18.32 -1.68
CA ALA C 318 -5.12 18.23 -3.16
C ALA C 318 -6.09 17.07 -3.49
N GLN C 319 -6.15 16.04 -2.63
CA GLN C 319 -7.00 14.85 -2.83
C GLN C 319 -8.40 15.14 -2.32
N GLY C 320 -8.64 16.28 -1.66
CA GLY C 320 -9.97 16.57 -1.07
C GLY C 320 -10.22 15.71 0.13
N ASP C 321 -9.17 15.18 0.74
CA ASP C 321 -9.30 14.30 1.93
C ASP C 321 -9.24 15.16 3.18
N ILE C 322 -10.37 15.77 3.48
CA ILE C 322 -10.42 16.84 4.48
C ILE C 322 -10.24 16.19 5.84
N LYS C 323 -10.70 14.96 6.01
CA LYS C 323 -10.54 14.31 7.34
C LYS C 323 -9.03 14.11 7.58
N ALA C 324 -8.31 13.70 6.53
CA ALA C 324 -6.85 13.48 6.61
C ALA C 324 -6.16 14.82 6.91
N ALA C 325 -6.57 15.86 6.20
CA ALA C 325 -6.01 17.20 6.38
C ALA C 325 -6.19 17.62 7.83
N GLY C 326 -7.39 17.42 8.39
CA GLY C 326 -7.68 17.77 9.80
C GLY C 326 -6.83 16.97 10.77
N ARG C 327 -6.67 15.68 10.48
CA ARG C 327 -5.81 14.82 11.31
C ARG C 327 -4.40 15.40 11.36
N LEU C 328 -3.94 15.87 10.24
CA LEU C 328 -2.54 16.44 10.17
C LEU C 328 -2.47 17.76 10.94
N PHE C 329 -3.53 18.59 10.90
CA PHE C 329 -3.54 19.76 11.78
C PHE C 329 -3.35 19.28 13.21
N ASN C 330 -4.13 18.25 13.56
CA ASN C 330 -4.20 17.78 14.96
C ASN C 330 -2.82 17.32 15.40
N ALA C 331 -2.16 16.54 14.57
CA ALA C 331 -0.83 15.98 14.88
C ALA C 331 0.23 17.06 14.98
N SER C 332 0.10 18.09 14.15
CA SER C 332 0.99 19.24 14.28
C SER C 332 0.81 19.92 15.64
N HIS C 333 -0.40 20.25 16.00
CA HIS C 333 -0.66 20.83 17.32
C HIS C 333 -0.11 19.95 18.44
N ASP C 334 -0.46 18.65 18.38
CA ASP C 334 -0.07 17.76 19.48
C ASP C 334 1.47 17.72 19.62
N SER C 335 2.19 17.76 18.53
CA SER C 335 3.67 17.75 18.51
C SER C 335 4.14 19.09 19.08
N LEU C 336 3.54 20.19 18.65
CA LEU C 336 3.90 21.51 19.24
C LEU C 336 3.66 21.52 20.75
N ALA C 337 2.60 20.92 21.22
CA ALA C 337 2.31 20.93 22.68
C ALA C 337 3.33 20.05 23.43
N ALA C 338 3.49 18.80 23.00
CA ALA C 338 4.19 17.79 23.82
C ALA C 338 5.70 17.77 23.53
N ASP C 339 6.11 17.93 22.29
CA ASP C 339 7.51 17.75 21.86
C ASP C 339 8.15 19.11 21.74
N TYR C 340 7.52 20.11 21.16
CA TYR C 340 8.17 21.43 21.03
C TYR C 340 7.88 22.33 22.22
N GLU C 341 6.82 22.03 22.96
CA GLU C 341 6.45 22.72 24.22
C GLU C 341 6.34 24.23 23.98
N VAL C 342 5.59 24.62 22.95
CA VAL C 342 5.32 26.06 22.65
C VAL C 342 3.85 26.40 22.81
N THR C 343 3.08 25.53 23.43
CA THR C 343 1.67 25.88 23.71
C THR C 343 1.53 26.39 25.13
N VAL C 344 0.36 26.96 25.35
CA VAL C 344 -0.10 27.44 26.68
C VAL C 344 -1.54 26.98 26.82
N PRO C 345 -2.09 26.97 28.06
CA PRO C 345 -3.45 26.45 28.30
C PRO C 345 -4.53 27.06 27.41
N GLU C 346 -4.43 28.37 27.10
CA GLU C 346 -5.45 29.00 26.23
C GLU C 346 -5.46 28.34 24.86
N LEU C 347 -4.30 28.09 24.27
CA LEU C 347 -4.24 27.47 22.93
C LEU C 347 -4.75 26.04 23.03
N ASP C 348 -4.30 25.27 24.04
CA ASP C 348 -4.64 23.83 24.11
C ASP C 348 -6.15 23.67 24.36
N ILE C 349 -6.69 24.53 25.24
CA ILE C 349 -8.14 24.45 25.54
C ILE C 349 -8.99 24.88 24.34
N ALA C 350 -8.59 25.95 23.64
CA ALA C 350 -9.28 26.34 22.41
C ALA C 350 -9.28 25.17 21.42
N VAL C 351 -8.12 24.61 21.19
CA VAL C 351 -8.01 23.45 20.27
C VAL C 351 -8.90 22.28 20.71
N ASP C 352 -8.97 22.02 22.02
CA ASP C 352 -9.76 20.88 22.55
C ASP C 352 -11.26 21.12 22.34
N VAL C 353 -11.67 22.35 22.57
CA VAL C 353 -13.06 22.76 22.33
C VAL C 353 -13.36 22.60 20.84
N ALA C 354 -12.49 23.03 19.94
CA ALA C 354 -12.78 22.93 18.49
C ALA C 354 -12.89 21.46 18.12
N ARG C 355 -11.97 20.63 18.59
CA ARG C 355 -12.02 19.18 18.29
C ARG C 355 -13.33 18.54 18.79
N LYS C 356 -13.74 18.89 20.00
CA LYS C 356 -14.94 18.32 20.66
C LYS C 356 -16.21 18.86 19.99
N ASN C 357 -16.15 19.89 19.13
CA ASN C 357 -17.37 20.50 18.56
C ASN C 357 -17.31 20.36 17.04
N GLY C 358 -16.63 19.32 16.52
CA GLY C 358 -16.79 18.96 15.08
C GLY C 358 -15.74 19.49 14.16
N ALA C 359 -14.68 20.17 14.64
CA ALA C 359 -13.61 20.54 13.70
C ALA C 359 -13.01 19.29 13.09
N TYR C 360 -12.65 19.38 11.81
CA TYR C 360 -11.83 18.34 11.15
C TYR C 360 -10.46 18.25 11.81
N GLY C 361 -9.98 19.40 12.22
CA GLY C 361 -8.71 19.52 12.93
C GLY C 361 -8.55 20.94 13.45
N ALA C 362 -7.65 21.10 14.38
CA ALA C 362 -7.38 22.40 14.99
C ALA C 362 -5.96 22.41 15.57
N ARG C 363 -5.35 23.56 15.52
CA ARG C 363 -3.96 23.72 15.95
C ARG C 363 -3.61 25.18 16.18
N MET C 364 -2.69 25.40 17.07
CA MET C 364 -2.02 26.72 17.17
C MET C 364 -1.36 27.04 15.83
N THR C 365 -1.24 28.33 15.52
CA THR C 365 -0.55 28.79 14.30
C THR C 365 0.50 29.82 14.73
N GLY C 366 1.62 29.82 14.03
CA GLY C 366 2.68 30.82 14.29
C GLY C 366 3.58 30.32 15.42
N GLY C 367 4.22 31.26 16.14
CA GLY C 367 5.33 30.91 17.04
C GLY C 367 4.87 30.17 18.26
N GLY C 368 3.66 30.49 18.72
CA GLY C 368 3.09 29.95 19.95
C GLY C 368 3.39 30.85 21.14
N PHE C 369 3.33 30.26 22.32
CA PHE C 369 3.49 30.92 23.64
C PHE C 369 2.29 31.84 23.90
N GLY C 370 1.22 31.66 23.13
CA GLY C 370 0.12 32.60 23.10
C GLY C 370 -0.39 32.71 21.68
N GLY C 371 -1.23 33.70 21.40
CA GLY C 371 -1.63 33.91 20.01
C GLY C 371 -2.88 33.10 19.64
N SER C 372 -2.88 32.65 18.41
CA SER C 372 -4.12 32.17 17.75
C SER C 372 -4.09 30.65 17.51
N ILE C 373 -5.30 30.12 17.39
CA ILE C 373 -5.52 28.76 16.85
C ILE C 373 -6.27 28.88 15.55
N ILE C 374 -6.21 27.81 14.80
CA ILE C 374 -6.98 27.70 13.53
C ILE C 374 -7.68 26.36 13.58
N ALA C 375 -8.78 26.28 12.85
CA ALA C 375 -9.58 25.05 12.78
C ALA C 375 -10.23 24.94 11.42
N LEU C 376 -10.12 23.77 10.80
CA LEU C 376 -10.87 23.46 9.57
C LEU C 376 -12.25 22.98 10.03
N VAL C 377 -13.30 23.72 9.65
CA VAL C 377 -14.68 23.43 10.14
C VAL C 377 -15.63 23.40 8.95
N ASP C 378 -16.77 22.76 9.10
CA ASP C 378 -17.79 22.83 8.03
C ASP C 378 -18.19 24.29 7.87
N LYS C 379 -18.40 24.74 6.63
CA LYS C 379 -18.78 26.14 6.38
C LYS C 379 -20.00 26.52 7.24
N GLY C 380 -19.85 27.65 7.92
CA GLY C 380 -20.92 28.20 8.73
C GLY C 380 -20.88 27.71 10.16
N GLN C 381 -19.91 26.84 10.56
CA GLN C 381 -19.81 26.39 11.97
C GLN C 381 -18.78 27.24 12.77
N GLY C 382 -18.04 28.13 12.13
CA GLY C 382 -16.95 28.87 12.81
C GLY C 382 -17.45 29.65 14.01
N HIS C 383 -18.58 30.33 13.86
CA HIS C 383 -19.07 31.23 14.90
C HIS C 383 -19.52 30.39 16.07
N GLU C 384 -20.23 29.28 15.81
N GLU C 384 -20.18 29.24 15.85
CA GLU C 384 -20.64 28.33 16.85
CA GLU C 384 -20.66 28.39 16.97
C GLU C 384 -19.42 27.98 17.71
C GLU C 384 -19.47 27.82 17.75
N ILE C 385 -18.39 27.47 17.05
CA ILE C 385 -17.19 26.95 17.72
C ILE C 385 -16.45 28.10 18.40
N ALA C 386 -16.42 29.28 17.80
CA ALA C 386 -15.79 30.43 18.51
C ALA C 386 -16.54 30.70 19.81
N GLN C 387 -17.88 30.66 19.77
CA GLN C 387 -18.71 30.93 20.97
C GLN C 387 -18.46 29.85 22.03
N LYS C 388 -18.33 28.57 21.67
N LYS C 388 -18.35 28.59 21.58
CA LYS C 388 -18.03 27.56 22.72
CA LYS C 388 -18.00 27.42 22.44
C LYS C 388 -16.63 27.83 23.28
C LYS C 388 -16.66 27.69 23.16
N ILE C 389 -15.69 28.23 22.44
CA ILE C 389 -14.34 28.57 22.99
C ILE C 389 -14.51 29.71 23.99
N ALA C 390 -15.30 30.73 23.63
CA ALA C 390 -15.51 31.90 24.54
C ALA C 390 -16.16 31.44 25.82
N ASP C 391 -17.16 30.55 25.76
CA ASP C 391 -17.86 30.05 26.98
C ASP C 391 -16.88 29.27 27.87
N ARG C 392 -16.02 28.47 27.26
CA ARG C 392 -15.03 27.66 28.03
C ARG C 392 -14.02 28.64 28.68
N PHE C 393 -13.58 29.62 27.90
CA PHE C 393 -12.64 30.64 28.37
C PHE C 393 -13.18 31.34 29.62
N GLU C 394 -14.46 31.73 29.60
CA GLU C 394 -15.10 32.37 30.77
C GLU C 394 -15.02 31.39 31.93
N LYS C 395 -15.36 30.11 31.74
CA LYS C 395 -15.37 29.10 32.84
C LYS C 395 -13.97 28.99 33.45
N GLU C 396 -12.93 29.14 32.63
CA GLU C 396 -11.51 28.96 33.03
C GLU C 396 -10.94 30.24 33.64
N GLY C 397 -11.67 31.35 33.52
CA GLY C 397 -11.21 32.70 33.93
C GLY C 397 -10.16 33.30 32.98
N PHE C 398 -10.17 32.93 31.69
CA PHE C 398 -9.26 33.52 30.68
C PHE C 398 -9.83 34.84 30.17
N ASN C 399 -8.99 35.68 29.56
CA ASN C 399 -9.42 36.84 28.73
C ASN C 399 -10.36 36.28 27.65
N ALA C 400 -11.37 37.02 27.23
CA ALA C 400 -12.25 36.63 26.10
C ALA C 400 -11.39 36.56 24.86
N PRO C 401 -11.63 35.54 24.00
CA PRO C 401 -10.95 35.47 22.72
C PRO C 401 -11.63 36.42 21.74
N ARG C 402 -10.97 36.62 20.62
CA ARG C 402 -11.58 37.23 19.45
C ARG C 402 -11.25 36.33 18.27
N ALA C 403 -11.73 36.68 17.11
CA ALA C 403 -11.67 35.82 15.93
C ALA C 403 -11.57 36.69 14.72
N LEU C 404 -11.15 36.10 13.58
N LEU C 404 -11.48 36.06 13.56
CA LEU C 404 -10.94 36.76 12.24
CA LEU C 404 -11.39 36.86 12.34
C LEU C 404 -11.60 35.86 11.19
C LEU C 404 -11.56 35.91 11.17
N PRO C 405 -12.27 36.40 10.15
CA PRO C 405 -12.51 35.62 8.94
C PRO C 405 -11.15 35.42 8.29
N ALA C 406 -11.03 34.29 7.62
CA ALA C 406 -9.72 33.88 7.07
C ALA C 406 -9.95 33.05 5.83
N PHE C 407 -9.22 33.41 4.82
CA PHE C 407 -9.16 32.71 3.52
C PHE C 407 -7.86 33.18 2.91
N ALA C 408 -7.42 32.46 1.92
CA ALA C 408 -6.16 32.73 1.26
C ALA C 408 -6.34 34.00 0.43
N ALA C 409 -5.63 35.04 0.81
CA ALA C 409 -5.71 36.35 0.14
C ALA C 409 -4.40 36.72 -0.56
N ALA C 410 -4.44 37.86 -1.25
CA ALA C 410 -3.29 38.43 -1.96
C ALA C 410 -2.15 38.88 -1.02
N SER C 411 -0.96 38.82 -1.60
CA SER C 411 0.30 39.33 -1.02
C SER C 411 0.34 40.86 -1.08
N ALA C 412 1.38 41.41 -0.52
CA ALA C 412 1.63 42.85 -0.44
C ALA C 412 1.53 43.47 -1.83
N SER C 413 1.09 44.72 -1.85
CA SER C 413 0.96 45.44 -3.12
C SER C 413 0.97 46.92 -2.86
N ARG C 414 1.25 47.68 -3.92
CA ARG C 414 0.85 49.11 -3.91
C ARG C 414 -0.68 49.17 -3.88
N GLU C 415 -1.23 50.12 -3.14
CA GLU C 415 -2.69 50.38 -3.01
C GLU C 415 -3.03 51.64 -3.81
N ALA C 416 -3.97 51.51 -4.73
CA ALA C 416 -4.29 52.56 -5.73
C ALA C 416 -4.85 53.78 -4.98
N LYS C 417 -4.47 54.99 -5.41
CA LYS C 417 -5.04 56.27 -4.95
C LYS C 417 -6.56 56.16 -5.04
N LEU C 418 -7.27 56.75 -4.07
CA LEU C 418 -8.75 56.78 -4.13
C LEU C 418 -9.16 57.94 -5.04
N ALA C 419 -10.11 57.67 -5.94
N MET D 1 3.31 3.44 -56.38
CA MET D 1 3.99 3.35 -55.04
C MET D 1 5.11 4.40 -55.02
N THR D 2 4.75 5.63 -54.61
CA THR D 2 5.60 6.87 -54.60
C THR D 2 6.42 6.88 -53.30
N ALA D 3 7.70 7.28 -53.41
CA ALA D 3 8.64 7.42 -52.28
C ALA D 3 7.92 8.19 -51.15
N VAL D 4 7.96 7.65 -49.93
CA VAL D 4 7.39 8.33 -48.74
C VAL D 4 8.28 9.54 -48.37
N GLU D 5 7.66 10.65 -48.02
CA GLU D 5 8.34 11.94 -47.68
C GLU D 5 8.89 11.84 -46.24
N PHE D 6 10.16 12.18 -46.01
CA PHE D 6 10.65 12.47 -44.65
C PHE D 6 10.67 14.00 -44.47
N ILE D 7 10.15 14.47 -43.36
CA ILE D 7 10.19 15.91 -42.99
C ILE D 7 11.45 16.17 -42.17
N GLU D 8 12.42 16.89 -42.73
CA GLU D 8 13.66 17.31 -42.05
C GLU D 8 13.31 18.47 -41.11
N PRO D 9 13.86 18.46 -39.89
CA PRO D 9 13.74 19.60 -38.99
C PRO D 9 14.56 20.76 -39.55
N LEU D 10 14.01 21.94 -39.49
CA LEU D 10 14.72 23.22 -39.75
C LEU D 10 15.96 23.27 -38.86
N THR D 11 17.11 23.60 -39.43
CA THR D 11 18.32 23.87 -38.62
C THR D 11 18.09 25.19 -37.88
N HIS D 12 18.88 25.43 -36.84
CA HIS D 12 18.96 26.71 -36.12
C HIS D 12 19.07 27.86 -37.15
N GLU D 13 19.98 27.72 -38.10
CA GLU D 13 20.24 28.79 -39.08
C GLU D 13 19.02 29.02 -39.99
N GLU D 14 18.36 27.95 -40.49
CA GLU D 14 17.13 28.05 -41.31
C GLU D 14 15.98 28.69 -40.53
N GLY D 15 15.73 28.20 -39.32
CA GLY D 15 14.58 28.70 -38.54
C GLY D 15 14.77 30.19 -38.25
N VAL D 16 15.98 30.55 -37.83
CA VAL D 16 16.32 31.98 -37.55
C VAL D 16 16.15 32.78 -38.83
N SER D 17 16.73 32.34 -39.93
N SER D 17 16.78 32.29 -39.90
CA SER D 17 16.71 33.17 -41.16
CA SER D 17 16.78 32.91 -41.25
C SER D 17 15.29 33.29 -41.71
C SER D 17 15.34 33.25 -41.63
N GLN D 18 14.48 32.21 -41.63
CA GLN D 18 13.09 32.27 -42.15
C GLN D 18 12.19 33.13 -41.27
N ALA D 19 12.26 32.97 -39.95
CA ALA D 19 11.41 33.71 -39.02
C ALA D 19 11.80 35.19 -39.12
N THR D 20 13.09 35.45 -39.26
CA THR D 20 13.61 36.85 -39.33
C THR D 20 13.10 37.52 -40.61
N LYS D 21 13.24 36.84 -41.73
CA LYS D 21 12.81 37.34 -43.06
C LYS D 21 11.30 37.63 -43.04
N LEU D 22 10.49 36.72 -42.50
CA LEU D 22 9.02 36.95 -42.44
C LEU D 22 8.75 38.19 -41.55
N PHE D 23 9.44 38.29 -40.42
CA PHE D 23 9.34 39.44 -39.49
C PHE D 23 9.65 40.74 -40.22
N VAL D 24 10.82 40.80 -40.82
CA VAL D 24 11.28 42.04 -41.52
C VAL D 24 10.32 42.37 -42.68
N ASP D 25 9.97 41.39 -43.47
CA ASP D 25 9.08 41.60 -44.63
C ASP D 25 7.71 42.10 -44.17
N THR D 26 7.24 41.73 -42.97
CA THR D 26 5.88 42.04 -42.51
C THR D 26 5.90 43.40 -41.82
N TYR D 27 6.89 43.61 -40.94
CA TYR D 27 6.84 44.72 -39.95
C TYR D 27 7.85 45.81 -40.27
N GLY D 28 8.84 45.53 -41.14
CA GLY D 28 9.74 46.58 -41.64
C GLY D 28 10.73 47.05 -40.61
N ALA D 29 11.12 46.17 -39.70
CA ALA D 29 12.20 46.33 -38.72
C ALA D 29 12.74 44.93 -38.38
N ALA D 30 13.92 44.85 -37.82
CA ALA D 30 14.45 43.59 -37.22
C ALA D 30 13.74 43.28 -35.90
N PRO D 31 13.46 41.99 -35.67
CA PRO D 31 12.86 41.56 -34.41
C PRO D 31 13.88 41.79 -33.31
N GLU D 32 13.41 41.79 -32.08
N GLU D 32 13.45 41.83 -32.06
CA GLU D 32 14.32 41.86 -30.92
CA GLU D 32 14.47 41.87 -30.98
C GLU D 32 15.15 40.57 -30.85
C GLU D 32 15.23 40.55 -30.96
N GLY D 33 14.52 39.44 -31.18
CA GLY D 33 15.21 38.15 -31.22
C GLY D 33 14.39 37.11 -31.92
N VAL D 34 14.92 35.89 -31.86
CA VAL D 34 14.21 34.68 -32.30
C VAL D 34 14.31 33.64 -31.17
N TRP D 35 13.20 32.97 -30.92
CA TRP D 35 13.08 31.90 -29.90
C TRP D 35 12.44 30.73 -30.62
N ALA D 36 12.62 29.54 -30.12
CA ALA D 36 11.99 28.37 -30.74
C ALA D 36 11.53 27.43 -29.64
N ALA D 37 10.53 26.64 -29.97
CA ALA D 37 10.06 25.54 -29.09
C ALA D 37 9.72 24.33 -29.96
N PRO D 38 10.09 23.11 -29.50
CA PRO D 38 9.88 21.92 -30.27
C PRO D 38 8.48 21.34 -30.13
N GLY D 39 8.11 20.57 -31.15
CA GLY D 39 7.05 19.57 -30.99
C GLY D 39 7.53 18.41 -30.16
N ARG D 40 6.74 17.35 -30.13
CA ARG D 40 7.02 16.26 -29.18
C ARG D 40 6.41 14.98 -29.65
N VAL D 41 6.99 13.86 -29.22
N VAL D 41 7.06 13.89 -29.23
CA VAL D 41 6.27 12.56 -29.30
CA VAL D 41 6.51 12.50 -29.27
C VAL D 41 6.19 11.98 -27.91
C VAL D 41 6.17 12.13 -27.82
N ASN D 42 4.99 11.57 -27.54
CA ASN D 42 4.79 10.92 -26.23
C ASN D 42 5.21 9.47 -26.48
N LEU D 43 6.22 9.01 -25.78
CA LEU D 43 6.60 7.60 -25.95
C LEU D 43 5.49 6.67 -25.44
N ILE D 44 4.94 6.97 -24.27
CA ILE D 44 3.92 6.12 -23.62
C ILE D 44 3.32 6.93 -22.51
N GLY D 45 2.12 6.56 -22.06
CA GLY D 45 1.39 7.36 -21.08
C GLY D 45 0.42 8.32 -21.73
N GLU D 46 -0.52 7.77 -22.48
CA GLU D 46 -1.42 8.56 -23.34
C GLU D 46 -2.77 8.71 -22.63
N HIS D 47 -3.31 9.91 -22.68
CA HIS D 47 -4.62 10.22 -22.01
C HIS D 47 -4.48 9.94 -20.52
N THR D 48 -3.29 10.23 -19.97
CA THR D 48 -3.09 10.17 -18.53
C THR D 48 -2.79 11.55 -17.92
N ASP D 49 -2.35 12.50 -18.67
CA ASP D 49 -1.89 13.78 -18.08
C ASP D 49 -3.04 14.49 -17.36
N TYR D 50 -4.19 14.62 -18.00
CA TYR D 50 -5.36 15.28 -17.42
C TYR D 50 -5.97 14.42 -16.31
N ASN D 51 -5.51 13.19 -16.18
CA ASN D 51 -5.93 12.27 -15.09
C ASN D 51 -4.87 12.22 -13.98
N ALA D 52 -3.99 13.21 -13.97
CA ALA D 52 -2.93 13.29 -12.96
C ALA D 52 -1.98 12.08 -13.05
N GLY D 53 -1.83 11.48 -14.23
CA GLY D 53 -1.02 10.27 -14.40
C GLY D 53 0.43 10.53 -14.73
N LEU D 54 1.01 9.51 -15.34
CA LEU D 54 2.42 9.53 -15.73
C LEU D 54 2.46 9.59 -17.24
N CYS D 55 3.48 10.28 -17.73
N CYS D 55 3.42 10.32 -17.79
CA CYS D 55 3.76 10.48 -19.16
CA CYS D 55 3.72 10.26 -19.24
C CYS D 55 5.25 10.33 -19.44
C CYS D 55 5.21 10.44 -19.48
N LEU D 56 5.62 10.17 -20.71
CA LEU D 56 7.05 10.01 -21.10
C LEU D 56 7.29 10.54 -22.49
N PRO D 57 7.23 11.89 -22.63
CA PRO D 57 7.55 12.46 -23.92
C PRO D 57 9.04 12.70 -24.14
N ILE D 58 9.36 12.87 -25.43
CA ILE D 58 10.66 13.40 -25.93
C ILE D 58 10.33 14.61 -26.78
N ALA D 59 11.28 15.55 -26.86
CA ALA D 59 11.07 16.69 -27.76
C ALA D 59 11.59 16.25 -29.12
N LEU D 60 10.90 16.65 -30.18
CA LEU D 60 11.40 16.47 -31.55
C LEU D 60 12.49 17.50 -31.84
N PRO D 61 13.33 17.24 -32.85
CA PRO D 61 14.21 18.29 -33.35
C PRO D 61 13.38 19.32 -34.13
N HIS D 62 12.15 18.98 -34.51
CA HIS D 62 11.30 19.91 -35.29
C HIS D 62 10.75 21.01 -34.37
N ARG D 63 10.97 22.29 -34.71
CA ARG D 63 10.60 23.40 -33.83
C ARG D 63 9.72 24.40 -34.58
N THR D 64 9.00 25.19 -33.81
CA THR D 64 8.41 26.49 -34.26
C THR D 64 9.34 27.62 -33.85
N PHE D 65 9.66 28.48 -34.80
CA PHE D 65 10.56 29.64 -34.59
C PHE D 65 9.70 30.88 -34.55
N ILE D 66 9.91 31.71 -33.52
CA ILE D 66 9.15 32.97 -33.35
C ILE D 66 10.16 34.12 -33.34
N ALA D 67 10.03 35.01 -34.33
CA ALA D 67 10.71 36.32 -34.29
C ALA D 67 9.73 37.27 -33.61
N LEU D 68 10.17 37.97 -32.58
CA LEU D 68 9.25 38.81 -31.80
C LEU D 68 9.94 40.14 -31.49
N LYS D 69 9.14 41.18 -31.38
CA LYS D 69 9.54 42.46 -30.77
C LYS D 69 8.38 42.98 -29.92
N PRO D 70 8.65 43.38 -28.67
CA PRO D 70 7.62 43.92 -27.80
C PRO D 70 7.13 45.28 -28.32
N ARG D 71 5.90 45.67 -27.93
CA ARG D 71 5.33 46.98 -28.24
C ARG D 71 5.01 47.69 -26.92
N GLU D 72 4.98 49.02 -26.97
CA GLU D 72 4.64 49.87 -25.81
C GLU D 72 3.12 49.89 -25.64
N ASP D 73 2.36 49.74 -26.71
CA ASP D 73 0.89 49.61 -26.65
C ASP D 73 0.54 48.13 -26.45
N THR D 74 -0.74 47.87 -26.41
CA THR D 74 -1.26 46.54 -26.07
C THR D 74 -1.68 45.86 -27.38
N LYS D 75 -1.13 46.30 -28.52
N LYS D 75 -1.30 46.37 -28.56
CA LYS D 75 -1.45 45.68 -29.83
CA LYS D 75 -1.66 45.68 -29.84
C LYS D 75 -0.65 44.39 -29.99
C LYS D 75 -0.75 44.44 -29.97
N VAL D 76 -1.30 43.34 -30.48
CA VAL D 76 -0.61 42.07 -30.81
C VAL D 76 -0.87 41.81 -32.29
N ARG D 77 0.18 41.83 -33.07
CA ARG D 77 0.15 41.45 -34.49
C ARG D 77 0.97 40.17 -34.66
N VAL D 78 0.37 39.19 -35.28
CA VAL D 78 1.12 37.95 -35.58
C VAL D 78 0.88 37.58 -37.04
N VAL D 79 1.89 36.95 -37.59
CA VAL D 79 1.92 36.37 -38.94
C VAL D 79 2.62 35.01 -38.89
N SER D 80 2.12 34.09 -39.69
CA SER D 80 2.64 32.71 -39.78
C SER D 80 3.04 32.43 -41.22
N GLY D 81 4.11 31.65 -41.38
CA GLY D 81 4.66 31.19 -42.66
C GLY D 81 3.69 30.36 -43.46
N VAL D 82 2.62 29.84 -42.85
N VAL D 82 2.68 29.77 -42.78
CA VAL D 82 1.61 29.04 -43.61
CA VAL D 82 1.52 29.08 -43.41
C VAL D 82 0.61 29.96 -44.31
C VAL D 82 0.86 30.04 -44.41
N ALA D 83 0.55 31.27 -43.96
CA ALA D 83 -0.14 32.30 -44.78
C ALA D 83 0.62 33.61 -44.64
N PRO D 84 1.75 33.75 -45.34
CA PRO D 84 2.72 34.80 -44.97
C PRO D 84 2.26 36.25 -45.22
N ASP D 85 1.06 36.45 -45.80
CA ASP D 85 0.57 37.81 -46.18
C ASP D 85 -0.51 38.29 -45.25
N LYS D 86 -1.00 37.39 -44.37
CA LYS D 86 -2.23 37.56 -43.52
C LYS D 86 -1.84 37.84 -42.06
N VAL D 87 -1.89 39.12 -41.65
CA VAL D 87 -1.48 39.55 -40.30
C VAL D 87 -2.73 39.61 -39.44
N ALA D 88 -2.70 38.89 -38.32
CA ALA D 88 -3.80 38.91 -37.35
C ALA D 88 -3.45 39.97 -36.31
N GLU D 89 -4.46 40.73 -35.90
CA GLU D 89 -4.29 41.87 -34.98
C GLU D 89 -5.36 41.79 -33.91
N ALA D 90 -4.91 41.87 -32.68
CA ALA D 90 -5.76 41.97 -31.49
C ALA D 90 -5.16 42.98 -30.56
N ASP D 91 -5.95 43.32 -29.55
N ASP D 91 -5.97 43.35 -29.57
CA ASP D 91 -5.51 44.24 -28.48
CA ASP D 91 -5.55 44.22 -28.45
C ASP D 91 -5.78 43.55 -27.14
C ASP D 91 -5.75 43.42 -27.17
N LEU D 92 -4.72 43.40 -26.33
CA LEU D 92 -4.76 42.81 -24.99
C LEU D 92 -5.62 43.62 -24.01
N ASP D 93 -5.80 44.93 -24.20
CA ASP D 93 -6.43 45.78 -23.14
C ASP D 93 -7.89 45.38 -23.05
N GLY D 94 -8.24 44.81 -21.91
CA GLY D 94 -9.62 44.39 -21.67
C GLY D 94 -9.97 43.13 -22.43
N LEU D 95 -9.00 42.49 -23.10
CA LEU D 95 -9.27 41.20 -23.81
C LEU D 95 -9.74 40.10 -22.84
N LYS D 96 -10.82 39.40 -23.25
N LYS D 96 -10.83 39.39 -23.18
CA LYS D 96 -11.56 38.34 -22.53
CA LYS D 96 -11.42 38.34 -22.32
C LYS D 96 -11.12 37.00 -23.09
C LYS D 96 -11.28 37.02 -23.08
N ALA D 97 -11.36 35.92 -22.33
CA ALA D 97 -11.34 34.53 -22.84
C ALA D 97 -12.24 34.45 -24.09
N ARG D 98 -11.74 33.79 -25.13
CA ARG D 98 -12.39 33.56 -26.45
C ARG D 98 -12.51 34.87 -27.27
N GLY D 99 -11.77 35.91 -26.92
CA GLY D 99 -11.84 37.24 -27.56
C GLY D 99 -11.10 37.29 -28.88
N VAL D 100 -10.37 36.22 -29.21
CA VAL D 100 -9.61 36.10 -30.46
C VAL D 100 -10.04 34.81 -31.16
N ASP D 101 -10.38 34.91 -32.44
CA ASP D 101 -10.78 33.74 -33.28
C ASP D 101 -9.52 33.27 -34.04
N GLY D 102 -9.43 31.97 -34.25
CA GLY D 102 -8.43 31.36 -35.14
C GLY D 102 -7.05 31.31 -34.51
N TRP D 103 -6.08 30.95 -35.35
CA TRP D 103 -4.74 30.52 -34.89
C TRP D 103 -4.14 31.60 -34.00
N SER D 104 -4.46 32.89 -34.23
CA SER D 104 -3.74 33.98 -33.50
C SER D 104 -4.12 33.94 -32.02
N ALA D 105 -5.18 33.25 -31.69
CA ALA D 105 -5.63 33.09 -30.30
C ALA D 105 -4.48 32.46 -29.49
N TYR D 106 -3.70 31.57 -30.09
CA TYR D 106 -2.64 30.84 -29.35
C TYR D 106 -1.56 31.82 -28.86
N PRO D 107 -0.83 32.56 -29.71
CA PRO D 107 0.19 33.47 -29.19
C PRO D 107 -0.43 34.64 -28.41
N THR D 108 -1.52 35.19 -28.93
CA THR D 108 -2.13 36.33 -28.24
C THR D 108 -2.55 35.87 -26.83
N GLY D 109 -3.13 34.66 -26.72
CA GLY D 109 -3.58 34.18 -25.40
C GLY D 109 -2.45 34.03 -24.42
N VAL D 110 -1.21 33.79 -24.87
CA VAL D 110 -0.07 33.64 -23.92
C VAL D 110 0.18 34.97 -23.22
N ALA D 111 0.12 36.07 -23.96
CA ALA D 111 0.32 37.41 -23.33
C ALA D 111 -0.83 37.71 -22.42
N TRP D 112 -2.05 37.40 -22.89
CA TRP D 112 -3.24 37.54 -22.03
C TRP D 112 -2.99 36.78 -20.75
N ALA D 113 -2.64 35.51 -20.84
CA ALA D 113 -2.50 34.67 -19.62
C ALA D 113 -1.47 35.30 -18.67
N LEU D 114 -0.32 35.71 -19.18
CA LEU D 114 0.76 36.28 -18.35
C LEU D 114 0.22 37.51 -17.61
N ARG D 115 -0.60 38.30 -18.28
CA ARG D 115 -1.18 39.52 -17.71
C ARG D 115 -2.23 39.15 -16.65
N GLN D 116 -3.14 38.18 -16.88
CA GLN D 116 -4.07 37.64 -15.87
C GLN D 116 -3.28 37.08 -14.69
N ALA D 117 -2.04 36.57 -14.89
CA ALA D 117 -1.21 36.00 -13.79
C ALA D 117 -0.53 37.13 -13.00
N GLY D 118 -0.63 38.38 -13.49
CA GLY D 118 -0.16 39.56 -12.76
C GLY D 118 1.18 40.06 -13.26
N PHE D 119 1.64 39.60 -14.42
CA PHE D 119 2.86 40.12 -15.11
C PHE D 119 2.47 41.38 -15.88
N ASP D 120 2.25 42.46 -15.15
N ASP D 120 2.34 42.45 -15.10
CA ASP D 120 1.71 43.71 -15.76
CA ASP D 120 1.86 43.79 -15.50
C ASP D 120 2.84 44.43 -16.53
C ASP D 120 2.81 44.35 -16.56
N LYS D 121 4.08 43.93 -16.54
CA LYS D 121 5.08 44.48 -17.50
C LYS D 121 4.70 44.03 -18.92
N VAL D 122 3.98 42.92 -19.05
CA VAL D 122 3.69 42.35 -20.40
C VAL D 122 2.66 43.17 -21.17
N LYS D 123 3.06 43.80 -22.26
CA LYS D 123 2.17 44.61 -23.13
C LYS D 123 2.15 43.87 -24.47
N GLY D 124 1.95 44.61 -25.52
CA GLY D 124 1.79 44.08 -26.86
C GLY D 124 3.09 43.51 -27.45
N PHE D 125 2.97 43.01 -28.68
CA PHE D 125 4.13 42.48 -29.40
C PHE D 125 3.75 42.30 -30.87
N ASP D 126 4.79 42.31 -31.68
CA ASP D 126 4.72 41.91 -33.11
C ASP D 126 5.47 40.59 -33.21
N ALA D 127 4.89 39.59 -33.82
CA ALA D 127 5.65 38.36 -34.08
C ALA D 127 5.43 37.77 -35.47
N ALA D 128 6.40 36.93 -35.86
CA ALA D 128 6.38 36.11 -37.10
C ALA D 128 6.72 34.67 -36.73
N PHE D 129 5.95 33.70 -37.18
CA PHE D 129 6.19 32.28 -36.87
C PHE D 129 6.55 31.52 -38.13
N VAL D 130 7.56 30.65 -38.03
CA VAL D 130 7.90 29.66 -39.06
C VAL D 130 8.10 28.34 -38.35
N SER D 131 7.46 27.28 -38.85
CA SER D 131 7.44 26.01 -38.12
C SER D 131 7.71 24.84 -39.07
N CYS D 132 8.31 23.79 -38.54
CA CYS D 132 8.39 22.50 -39.26
C CYS D 132 7.76 21.39 -38.43
N VAL D 133 6.92 21.75 -37.47
CA VAL D 133 6.13 20.74 -36.72
C VAL D 133 4.87 20.52 -37.53
N PRO D 134 4.71 19.31 -38.13
CA PRO D 134 3.66 19.15 -39.13
C PRO D 134 2.25 19.37 -38.56
N LEU D 135 1.47 20.22 -39.20
CA LEU D 135 0.05 20.47 -38.86
C LEU D 135 -0.73 19.16 -38.91
N GLY D 136 -1.54 18.93 -37.89
CA GLY D 136 -2.49 17.82 -37.81
C GLY D 136 -1.84 16.52 -37.43
N SER D 137 -0.52 16.52 -37.18
CA SER D 137 0.28 15.29 -36.97
C SER D 137 0.09 14.74 -35.56
N GLY D 138 -0.57 15.48 -34.66
CA GLY D 138 -0.57 15.12 -33.24
C GLY D 138 0.79 15.26 -32.59
N LEU D 139 1.70 16.05 -33.18
CA LEU D 139 3.08 16.23 -32.63
C LEU D 139 3.20 17.62 -31.97
N SER D 140 2.06 18.26 -31.64
CA SER D 140 2.01 19.44 -30.76
C SER D 140 2.53 20.73 -31.40
N SER D 141 2.24 20.97 -32.67
N SER D 141 2.04 21.02 -32.59
CA SER D 141 2.55 22.31 -33.25
CA SER D 141 2.14 22.37 -33.18
C SER D 141 1.99 23.38 -32.30
C SER D 141 1.57 23.43 -32.21
N SER D 142 0.81 23.17 -31.70
N SER D 142 0.51 23.13 -31.47
CA SER D 142 0.18 24.17 -30.81
CA SER D 142 -0.13 24.13 -30.58
C SER D 142 1.13 24.52 -29.65
C SER D 142 0.84 24.49 -29.44
N ALA D 143 1.59 23.53 -28.89
CA ALA D 143 2.53 23.78 -27.79
C ALA D 143 3.80 24.43 -28.30
N ALA D 144 4.28 24.00 -29.46
CA ALA D 144 5.47 24.63 -30.08
C ALA D 144 5.21 26.14 -30.25
N MET D 145 3.98 26.50 -30.65
CA MET D 145 3.61 27.93 -30.84
C MET D 145 3.40 28.64 -29.48
N THR D 146 2.69 28.08 -28.56
CA THR D 146 2.41 28.77 -27.29
C THR D 146 3.66 28.81 -26.41
N CYS D 147 4.49 27.78 -26.45
CA CYS D 147 5.70 27.77 -25.60
C CYS D 147 6.80 28.69 -26.19
N SER D 148 6.87 28.70 -27.54
CA SER D 148 7.89 29.62 -28.14
C SER D 148 7.49 31.06 -27.74
N THR D 149 6.19 31.36 -27.80
CA THR D 149 5.66 32.72 -27.53
C THR D 149 5.91 33.08 -26.07
N ALA D 150 5.62 32.11 -25.18
CA ALA D 150 5.83 32.33 -23.75
C ALA D 150 7.31 32.59 -23.46
N LEU D 151 8.22 31.79 -24.03
CA LEU D 151 9.68 31.99 -23.76
C LEU D 151 10.13 33.36 -24.31
N ALA D 152 9.68 33.72 -25.49
CA ALA D 152 9.99 35.06 -26.08
C ALA D 152 9.49 36.21 -25.21
N LEU D 153 8.27 36.12 -24.75
CA LEU D 153 7.66 37.20 -23.95
C LEU D 153 8.38 37.27 -22.62
N ASP D 154 8.74 36.13 -22.04
CA ASP D 154 9.44 36.16 -20.75
C ASP D 154 10.78 36.88 -20.93
N ASP D 155 11.43 36.57 -22.04
CA ASP D 155 12.77 37.14 -22.31
C ASP D 155 12.64 38.66 -22.50
N VAL D 156 11.82 39.10 -23.45
CA VAL D 156 11.83 40.53 -23.83
C VAL D 156 11.25 41.39 -22.71
N TYR D 157 10.38 40.83 -21.87
CA TYR D 157 9.79 41.59 -20.75
C TYR D 157 10.57 41.38 -19.46
N GLY D 158 11.68 40.63 -19.53
CA GLY D 158 12.57 40.48 -18.38
C GLY D 158 11.84 39.88 -17.20
N LEU D 159 11.01 38.85 -17.39
CA LEU D 159 10.16 38.35 -16.27
C LEU D 159 11.03 37.44 -15.38
N GLY D 160 12.07 36.80 -15.94
CA GLY D 160 13.05 35.95 -15.23
C GLY D 160 12.63 34.49 -14.99
N TYR D 161 11.76 33.94 -15.80
CA TYR D 161 11.22 32.54 -15.70
C TYR D 161 11.87 31.60 -16.71
N GLY D 162 12.38 32.11 -17.83
CA GLY D 162 12.74 31.25 -18.97
C GLY D 162 14.00 30.43 -18.74
N ASP D 163 14.88 30.84 -17.82
CA ASP D 163 16.23 30.25 -17.76
C ASP D 163 16.34 29.13 -16.75
N SER D 164 15.23 28.70 -16.18
CA SER D 164 15.27 27.54 -15.26
C SER D 164 14.08 26.63 -15.53
N ASP D 165 14.25 25.41 -15.11
CA ASP D 165 13.18 24.40 -15.15
C ASP D 165 12.03 24.91 -14.26
N ALA D 166 12.31 25.25 -12.99
CA ALA D 166 11.23 25.72 -12.11
C ALA D 166 10.54 26.97 -12.69
N GLY D 167 11.32 27.90 -13.27
CA GLY D 167 10.72 29.13 -13.85
C GLY D 167 9.78 28.79 -15.00
N ARG D 168 10.25 27.87 -15.84
CA ARG D 168 9.51 27.52 -17.06
C ARG D 168 8.10 26.97 -16.70
N VAL D 169 7.90 26.36 -15.53
CA VAL D 169 6.54 25.93 -15.15
C VAL D 169 5.55 27.10 -15.25
N THR D 170 5.96 28.30 -14.85
CA THR D 170 5.09 29.48 -14.94
C THR D 170 4.69 29.73 -16.39
N LEU D 171 5.65 29.65 -17.31
CA LEU D 171 5.44 29.86 -18.77
C LEU D 171 4.60 28.72 -19.34
N ILE D 172 4.88 27.48 -18.91
CA ILE D 172 4.05 26.32 -19.29
C ILE D 172 2.61 26.60 -18.91
N ASN D 173 2.38 27.08 -17.70
CA ASN D 173 1.01 27.33 -17.28
C ASN D 173 0.35 28.38 -18.21
N ALA D 174 1.07 29.41 -18.61
CA ALA D 174 0.49 30.47 -19.44
C ALA D 174 0.17 29.95 -20.87
N ALA D 175 0.96 29.01 -21.35
CA ALA D 175 0.80 28.36 -22.66
C ALA D 175 -0.43 27.44 -22.64
N ILE D 176 -0.60 26.70 -21.52
CA ILE D 176 -1.75 25.79 -21.32
C ILE D 176 -3.00 26.66 -21.19
N LYS D 177 -2.89 27.76 -20.48
CA LYS D 177 -4.11 28.60 -20.27
C LYS D 177 -4.53 29.29 -21.56
N SER D 178 -3.59 29.78 -22.34
N SER D 178 -3.58 29.51 -22.49
CA SER D 178 -3.91 30.42 -23.61
CA SER D 178 -3.87 30.10 -23.82
C SER D 178 -4.82 29.48 -24.39
C SER D 178 -4.58 29.04 -24.66
N GLU D 179 -4.31 28.28 -24.57
N GLU D 179 -4.06 27.81 -24.70
CA GLU D 179 -4.91 27.25 -25.47
CA GLU D 179 -4.72 26.74 -25.49
C GLU D 179 -6.28 26.88 -24.91
C GLU D 179 -6.15 26.52 -24.97
N ASN D 180 -6.36 26.47 -23.65
CA ASN D 180 -7.66 26.10 -23.01
C ASN D 180 -8.67 27.27 -23.00
N GLU D 181 -8.25 28.47 -22.61
CA GLU D 181 -9.20 29.56 -22.29
C GLU D 181 -9.30 30.58 -23.42
N MET D 182 -8.20 30.87 -24.08
CA MET D 182 -8.26 31.84 -25.20
C MET D 182 -8.66 31.09 -26.46
N ALA D 183 -7.97 29.99 -26.85
CA ALA D 183 -8.26 29.30 -28.13
C ALA D 183 -9.44 28.34 -27.97
N GLY D 184 -9.83 28.04 -26.72
CA GLY D 184 -10.93 27.12 -26.43
C GLY D 184 -10.62 25.69 -26.86
N ALA D 185 -9.34 25.32 -26.94
CA ALA D 185 -8.87 23.98 -27.36
C ALA D 185 -8.46 23.25 -26.10
N SER D 186 -9.22 22.23 -25.71
CA SER D 186 -8.98 21.46 -24.49
C SER D 186 -7.60 20.78 -24.57
N THR D 187 -6.78 20.92 -23.55
CA THR D 187 -5.38 20.40 -23.54
C THR D 187 -5.01 20.06 -22.11
N GLY D 188 -4.37 18.91 -21.92
CA GLY D 188 -3.65 18.70 -20.66
C GLY D 188 -2.34 19.48 -20.76
N GLY D 189 -1.36 19.10 -19.95
CA GLY D 189 -0.07 19.78 -19.88
C GLY D 189 1.08 18.97 -20.41
N LEU D 190 0.84 17.76 -20.95
CA LEU D 190 1.89 16.93 -21.55
C LEU D 190 2.76 17.76 -22.49
N ASP D 191 2.13 18.37 -23.51
CA ASP D 191 2.86 18.86 -24.69
C ASP D 191 3.75 20.04 -24.29
N GLN D 192 3.23 20.86 -23.40
CA GLN D 192 3.91 22.09 -22.97
C GLN D 192 5.04 21.76 -22.00
N ASN D 193 4.85 20.78 -21.14
CA ASN D 193 5.94 20.26 -20.29
C ASN D 193 7.05 19.71 -21.19
N ALA D 194 6.70 18.92 -22.19
CA ALA D 194 7.70 18.36 -23.10
C ALA D 194 8.48 19.48 -23.77
N SER D 195 7.76 20.46 -24.32
CA SER D 195 8.37 21.43 -25.25
C SER D 195 9.35 22.32 -24.44
N MET D 196 9.12 22.48 -23.15
N MET D 196 9.15 22.50 -23.15
CA MET D 196 9.85 23.42 -22.27
CA MET D 196 9.97 23.44 -22.34
C MET D 196 10.86 22.70 -21.36
C MET D 196 10.80 22.73 -21.25
N ARG D 197 10.66 21.42 -21.06
CA ARG D 197 11.46 20.77 -19.97
C ARG D 197 12.23 19.53 -20.43
N CYS D 198 11.97 19.01 -21.63
CA CYS D 198 12.74 17.88 -22.15
C CYS D 198 14.21 18.30 -22.30
N THR D 199 15.10 17.29 -22.31
CA THR D 199 16.52 17.46 -22.58
C THR D 199 16.97 16.52 -23.70
N GLU D 200 18.01 16.96 -24.39
CA GLU D 200 18.65 16.15 -25.45
C GLU D 200 19.04 14.77 -24.90
N GLY D 201 18.66 13.73 -25.62
CA GLY D 201 19.02 12.33 -25.33
C GLY D 201 18.26 11.77 -24.16
N HIS D 202 17.20 12.44 -23.73
CA HIS D 202 16.38 11.99 -22.58
C HIS D 202 14.90 12.07 -22.90
N ALA D 203 14.12 11.20 -22.21
CA ALA D 203 12.66 11.30 -22.15
C ALA D 203 12.30 11.92 -20.81
N LEU D 204 11.18 12.62 -20.81
CA LEU D 204 10.73 13.30 -19.58
C LEU D 204 9.72 12.40 -18.87
N LEU D 205 10.12 11.80 -17.75
CA LEU D 205 9.12 11.07 -16.97
C LEU D 205 8.41 12.14 -16.12
N LEU D 206 7.20 12.45 -16.50
CA LEU D 206 6.41 13.56 -16.00
C LEU D 206 5.26 12.98 -15.19
N ASP D 207 5.23 13.38 -13.95
CA ASP D 207 4.20 13.02 -12.98
C ASP D 207 3.22 14.18 -12.87
N CYS D 208 1.99 13.99 -13.30
CA CYS D 208 1.02 15.09 -13.45
C CYS D 208 0.18 15.31 -12.18
N ARG D 209 0.51 14.71 -11.04
CA ARG D 209 -0.25 15.07 -9.81
C ARG D 209 -0.10 16.57 -9.56
N PRO D 210 -1.22 17.31 -9.43
CA PRO D 210 -1.16 18.78 -9.51
C PRO D 210 -0.45 19.40 -8.32
N GLU D 211 -0.34 18.66 -7.22
CA GLU D 211 0.23 19.21 -5.98
C GLU D 211 1.76 19.05 -5.96
N LEU D 212 2.35 18.32 -6.89
CA LEU D 212 3.81 18.17 -6.96
C LEU D 212 4.48 19.51 -7.34
N THR D 213 5.64 19.75 -6.75
CA THR D 213 6.46 20.90 -7.17
C THR D 213 7.20 20.52 -8.44
N PRO D 214 7.72 21.48 -9.19
CA PRO D 214 8.55 21.19 -10.35
C PRO D 214 9.77 20.29 -10.06
N LEU D 215 10.47 20.41 -8.95
N LEU D 215 10.34 20.49 -8.85
CA LEU D 215 11.60 19.47 -8.78
CA LEU D 215 11.47 19.77 -8.17
C LEU D 215 11.04 18.05 -8.63
C LEU D 215 11.13 18.27 -8.04
N GLU D 216 9.83 17.93 -8.06
CA GLU D 216 9.29 16.59 -7.70
C GLU D 216 8.71 15.87 -8.91
N ASN D 217 8.26 16.60 -9.90
CA ASN D 217 7.35 16.03 -10.92
C ASN D 217 8.04 15.68 -12.21
N VAL D 218 9.35 15.73 -12.30
CA VAL D 218 10.02 15.20 -13.53
C VAL D 218 11.26 14.40 -13.12
N SER D 219 11.48 13.34 -13.90
N SER D 219 11.61 13.43 -13.95
CA SER D 219 12.73 12.57 -14.04
CA SER D 219 12.92 12.73 -13.90
C SER D 219 13.27 12.73 -15.48
C SER D 219 13.38 12.39 -15.33
N GLN D 220 14.58 12.83 -15.67
CA GLN D 220 15.15 12.72 -17.03
C GLN D 220 15.58 11.25 -17.21
N GLN D 221 14.96 10.56 -18.13
CA GLN D 221 15.30 9.14 -18.41
C GLN D 221 16.18 9.10 -19.66
N GLU D 222 17.32 8.44 -19.59
CA GLU D 222 18.16 8.22 -20.78
C GLU D 222 17.31 7.56 -21.86
N PHE D 223 17.38 8.10 -23.06
CA PHE D 223 16.67 7.53 -24.20
C PHE D 223 17.64 7.58 -25.38
N ASP D 224 18.71 6.78 -25.26
CA ASP D 224 19.80 6.70 -26.27
C ASP D 224 19.49 5.54 -27.22
N LEU D 225 18.73 5.79 -28.29
CA LEU D 225 18.38 4.72 -29.26
C LEU D 225 19.64 4.22 -29.92
N ASP D 226 20.60 5.09 -30.20
CA ASP D 226 21.85 4.65 -30.88
C ASP D 226 22.56 3.54 -30.10
N LYS D 227 22.67 3.70 -28.79
CA LYS D 227 23.27 2.73 -27.83
C LYS D 227 22.76 1.31 -28.10
N TYR D 228 21.49 1.18 -28.49
CA TYR D 228 20.84 -0.13 -28.74
C TYR D 228 20.71 -0.41 -30.22
N ASN D 229 21.30 0.42 -31.09
CA ASN D 229 21.24 0.23 -32.57
C ASN D 229 19.78 0.24 -32.98
N LEU D 230 19.04 1.17 -32.38
CA LEU D 230 17.61 1.38 -32.68
C LEU D 230 17.41 2.73 -33.32
N GLU D 231 16.18 2.95 -33.79
N GLU D 231 16.22 2.93 -33.82
CA GLU D 231 15.67 4.18 -34.49
CA GLU D 231 15.73 4.28 -34.08
C GLU D 231 14.18 4.30 -34.13
C GLU D 231 14.25 4.26 -33.75
N LEU D 232 13.73 5.47 -33.62
CA LEU D 232 12.30 5.70 -33.42
C LEU D 232 11.75 6.20 -34.75
N LEU D 233 11.00 5.34 -35.43
CA LEU D 233 10.22 5.75 -36.61
C LEU D 233 9.00 6.54 -36.13
N VAL D 234 8.74 7.66 -36.75
CA VAL D 234 7.54 8.50 -36.50
C VAL D 234 6.90 8.74 -37.86
N VAL D 235 5.65 8.36 -38.00
CA VAL D 235 4.88 8.49 -39.25
C VAL D 235 3.59 9.25 -38.99
N ASP D 236 3.50 10.43 -39.61
CA ASP D 236 2.26 11.22 -39.62
C ASP D 236 1.34 10.57 -40.63
N THR D 237 0.22 10.00 -40.18
CA THR D 237 -0.69 9.29 -41.13
C THR D 237 -1.25 10.27 -42.17
N GLN D 238 -1.37 11.56 -41.81
CA GLN D 238 -2.14 12.58 -42.58
C GLN D 238 -3.59 12.13 -42.77
N ALA D 239 -4.12 11.35 -41.84
CA ALA D 239 -5.55 10.98 -41.90
C ALA D 239 -6.35 12.27 -41.74
N PRO D 240 -7.55 12.41 -42.34
CA PRO D 240 -8.36 13.61 -42.09
C PRO D 240 -8.82 13.60 -40.62
N HIS D 241 -8.90 14.77 -40.01
CA HIS D 241 -9.55 15.02 -38.68
C HIS D 241 -9.62 16.53 -38.47
N GLN D 242 -10.40 16.90 -37.45
CA GLN D 242 -10.77 18.30 -37.09
C GLN D 242 -10.17 18.59 -35.70
N LEU D 243 -9.35 19.65 -35.58
CA LEU D 243 -8.49 19.99 -34.39
C LEU D 243 -9.25 19.81 -33.08
N ASN D 244 -10.42 20.45 -32.95
CA ASN D 244 -11.23 20.39 -31.71
C ASN D 244 -12.67 19.94 -32.03
N ASP D 245 -12.85 18.67 -32.43
CA ASP D 245 -14.16 18.08 -32.81
C ASP D 245 -14.94 17.58 -31.58
N GLY D 246 -14.38 17.76 -30.39
CA GLY D 246 -15.11 17.50 -29.14
C GLY D 246 -14.85 16.12 -28.56
N GLN D 247 -14.23 15.19 -29.31
CA GLN D 247 -14.05 13.81 -28.81
C GLN D 247 -13.00 13.82 -27.70
N TYR D 248 -11.97 14.63 -27.82
CA TYR D 248 -10.92 14.75 -26.77
C TYR D 248 -11.58 15.22 -25.49
N ALA D 249 -12.37 16.29 -25.58
CA ALA D 249 -13.08 16.88 -24.42
C ALA D 249 -14.09 15.90 -23.84
N GLN D 250 -14.70 15.04 -24.65
CA GLN D 250 -15.65 14.01 -24.17
C GLN D 250 -14.87 12.99 -23.33
N ARG D 251 -13.70 12.53 -23.78
CA ARG D 251 -12.90 11.58 -22.98
C ARG D 251 -12.57 12.24 -21.64
N ARG D 252 -12.15 13.52 -21.66
CA ARG D 252 -11.83 14.24 -20.39
C ARG D 252 -13.06 14.26 -19.50
N ALA D 253 -14.23 14.57 -20.06
CA ALA D 253 -15.48 14.64 -19.26
C ALA D 253 -15.82 13.27 -18.66
N THR D 254 -15.64 12.20 -19.43
CA THR D 254 -15.91 10.83 -18.97
C THR D 254 -14.99 10.51 -17.80
N CYS D 255 -13.71 10.86 -17.91
CA CYS D 255 -12.74 10.64 -16.83
C CYS D 255 -13.14 11.43 -15.58
N GLU D 256 -13.54 12.67 -15.73
CA GLU D 256 -13.92 13.51 -14.58
C GLU D 256 -15.14 12.87 -13.92
N GLU D 257 -16.13 12.42 -14.69
N GLU D 257 -16.12 12.49 -14.74
CA GLU D 257 -17.36 11.84 -14.06
CA GLU D 257 -17.36 11.79 -14.29
C GLU D 257 -17.04 10.48 -13.41
C GLU D 257 -16.98 10.57 -13.43
N ALA D 258 -16.07 9.74 -13.93
CA ALA D 258 -15.63 8.47 -13.31
C ALA D 258 -15.03 8.85 -11.95
N ALA D 259 -14.12 9.82 -11.90
CA ALA D 259 -13.45 10.15 -10.62
C ALA D 259 -14.54 10.58 -9.60
N LYS D 260 -15.49 11.40 -10.03
CA LYS D 260 -16.60 11.87 -9.18
C LYS D 260 -17.41 10.68 -8.64
N ILE D 261 -17.74 9.73 -9.49
CA ILE D 261 -18.47 8.51 -9.04
C ILE D 261 -17.64 7.74 -8.02
N LEU D 262 -16.32 7.62 -8.28
CA LEU D 262 -15.43 6.88 -7.39
C LEU D 262 -15.10 7.68 -6.12
N GLY D 263 -15.48 8.97 -6.02
CA GLY D 263 -15.22 9.76 -4.79
C GLY D 263 -13.72 10.09 -4.67
N VAL D 264 -13.03 10.32 -5.80
CA VAL D 264 -11.59 10.67 -5.77
C VAL D 264 -11.39 11.96 -6.56
N ALA D 265 -10.30 12.66 -6.28
CA ALA D 265 -9.96 13.90 -7.02
C ALA D 265 -9.61 13.63 -8.46
N ASN D 266 -9.03 12.48 -8.70
CA ASN D 266 -8.58 12.16 -10.08
C ASN D 266 -8.32 10.65 -10.13
N LEU D 267 -8.25 10.13 -11.30
CA LEU D 267 -8.09 8.67 -11.54
C LEU D 267 -6.70 8.17 -11.14
N ARG D 268 -5.72 9.05 -10.99
CA ARG D 268 -4.42 8.60 -10.49
C ARG D 268 -4.58 8.01 -9.07
N VAL D 269 -5.46 8.59 -8.25
CA VAL D 269 -5.68 8.05 -6.89
C VAL D 269 -6.13 6.58 -7.07
N THR D 270 -7.13 6.40 -7.90
CA THR D 270 -7.66 5.07 -8.27
C THR D 270 -6.52 4.16 -8.76
N ALA D 271 -5.82 4.57 -9.81
CA ALA D 271 -4.74 3.76 -10.41
C ALA D 271 -3.74 3.35 -9.34
N ASP D 272 -3.31 4.30 -8.51
CA ASP D 272 -2.26 3.97 -7.55
C ASP D 272 -2.75 2.89 -6.58
N GLY D 273 -4.00 2.98 -6.12
CA GLY D 273 -4.57 1.99 -5.19
C GLY D 273 -4.61 0.62 -5.84
N ILE D 274 -4.94 0.57 -7.11
CA ILE D 274 -4.96 -0.71 -7.87
C ILE D 274 -3.55 -1.25 -8.00
N SER D 275 -2.63 -0.36 -8.38
N SER D 275 -2.59 -0.41 -8.38
CA SER D 275 -1.19 -0.67 -8.63
CA SER D 275 -1.21 -0.86 -8.69
C SER D 275 -0.62 -1.38 -7.41
C SER D 275 -0.49 -1.31 -7.41
N LYS D 276 -0.94 -0.84 -6.22
CA LYS D 276 -0.34 -1.22 -4.91
C LYS D 276 -1.01 -2.51 -4.38
N ALA D 277 -2.20 -2.89 -4.89
CA ALA D 277 -2.89 -4.12 -4.46
C ALA D 277 -2.06 -5.35 -4.82
N ASP D 278 -2.08 -6.37 -3.95
CA ASP D 278 -1.41 -7.66 -4.34
C ASP D 278 -2.17 -8.31 -5.51
N ASP D 279 -3.50 -8.20 -5.48
CA ASP D 279 -4.38 -8.72 -6.55
C ASP D 279 -4.87 -7.53 -7.33
N GLN D 280 -4.07 -7.18 -8.33
CA GLN D 280 -4.38 -5.99 -9.15
C GLN D 280 -5.63 -6.26 -9.99
N PHE D 281 -5.82 -7.50 -10.44
CA PHE D 281 -7.03 -7.81 -11.23
C PHE D 281 -8.28 -7.57 -10.41
N GLN D 282 -8.26 -8.02 -9.15
CA GLN D 282 -9.45 -7.86 -8.30
C GLN D 282 -9.66 -6.37 -8.00
N ALA D 283 -8.60 -5.65 -7.72
CA ALA D 283 -8.76 -4.24 -7.43
C ALA D 283 -9.41 -3.53 -8.62
N LEU D 284 -8.91 -3.78 -9.83
CA LEU D 284 -9.50 -3.17 -11.04
C LEU D 284 -10.98 -3.55 -11.15
N LYS D 285 -11.28 -4.83 -10.99
CA LYS D 285 -12.64 -5.33 -11.08
C LYS D 285 -13.54 -4.55 -10.11
N GLU D 286 -13.11 -4.37 -8.87
CA GLU D 286 -13.96 -3.71 -7.82
C GLU D 286 -14.14 -2.23 -8.21
N THR D 287 -13.14 -1.64 -8.84
CA THR D 287 -13.25 -0.26 -9.38
C THR D 287 -14.29 -0.22 -10.51
N LEU D 288 -14.12 -1.09 -11.51
CA LEU D 288 -15.01 -1.04 -12.70
C LEU D 288 -16.46 -1.33 -12.24
N ASP D 289 -16.66 -2.19 -11.22
CA ASP D 289 -18.04 -2.54 -10.76
C ASP D 289 -18.77 -1.34 -10.21
N ALA D 290 -18.05 -0.32 -9.74
CA ALA D 290 -18.70 0.88 -9.18
C ALA D 290 -19.12 1.83 -10.32
N LEU D 291 -18.76 1.54 -11.58
CA LEU D 291 -19.06 2.39 -12.74
C LEU D 291 -20.10 1.70 -13.60
N PRO D 292 -21.34 2.17 -13.60
CA PRO D 292 -22.41 1.44 -14.28
C PRO D 292 -22.36 1.48 -15.80
N ASP D 293 -21.68 2.48 -16.35
CA ASP D 293 -21.67 2.69 -17.80
C ASP D 293 -20.50 1.88 -18.40
N GLU D 294 -20.76 1.01 -19.36
N GLU D 294 -20.76 1.06 -19.41
CA GLU D 294 -19.72 0.14 -19.95
CA GLU D 294 -19.75 0.12 -19.98
C GLU D 294 -18.61 0.97 -20.57
C GLU D 294 -18.65 0.86 -20.72
N THR D 295 -18.95 2.04 -21.28
CA THR D 295 -17.97 2.86 -21.98
C THR D 295 -17.02 3.45 -20.92
N MET D 296 -17.57 3.95 -19.83
CA MET D 296 -16.76 4.56 -18.75
C MET D 296 -15.85 3.49 -18.13
N LYS D 297 -16.30 2.25 -18.02
CA LYS D 297 -15.40 1.18 -17.51
C LYS D 297 -14.18 1.06 -18.45
N LYS D 298 -14.41 1.09 -19.76
CA LYS D 298 -13.30 0.91 -20.72
C LYS D 298 -12.32 2.06 -20.52
N ARG D 299 -12.85 3.27 -20.35
CA ARG D 299 -11.98 4.49 -20.29
C ARG D 299 -11.09 4.36 -19.04
N VAL D 300 -11.67 4.01 -17.93
CA VAL D 300 -10.91 3.89 -16.66
C VAL D 300 -9.86 2.75 -16.78
N ARG D 301 -10.23 1.61 -17.36
CA ARG D 301 -9.28 0.53 -17.55
C ARG D 301 -8.09 1.08 -18.31
N HIS D 302 -8.34 1.79 -19.40
CA HIS D 302 -7.19 2.34 -20.17
C HIS D 302 -6.31 3.14 -19.21
N VAL D 303 -6.93 4.07 -18.50
CA VAL D 303 -6.12 5.05 -17.73
C VAL D 303 -5.27 4.28 -16.71
N VAL D 304 -5.91 3.36 -15.99
CA VAL D 304 -5.21 2.64 -14.90
C VAL D 304 -4.07 1.83 -15.50
N THR D 305 -4.33 1.05 -16.55
CA THR D 305 -3.27 0.20 -17.11
C THR D 305 -2.18 1.03 -17.78
N GLU D 306 -2.56 2.16 -18.37
CA GLU D 306 -1.59 3.00 -19.08
C GLU D 306 -0.59 3.59 -18.06
N ILE D 307 -1.09 4.03 -16.91
CA ILE D 307 -0.18 4.61 -15.91
C ILE D 307 0.84 3.53 -15.50
N GLU D 308 0.39 2.31 -15.26
CA GLU D 308 1.28 1.18 -14.94
C GLU D 308 2.24 0.87 -16.06
N ARG D 309 1.80 0.90 -17.30
CA ARG D 309 2.70 0.65 -18.44
C ARG D 309 3.81 1.69 -18.51
N VAL D 310 3.56 2.94 -18.14
CA VAL D 310 4.65 3.95 -18.08
C VAL D 310 5.70 3.48 -17.09
N ARG D 311 5.31 3.04 -15.89
CA ARG D 311 6.33 2.55 -14.91
C ARG D 311 7.06 1.34 -15.49
N SER D 312 6.34 0.44 -16.17
CA SER D 312 6.91 -0.77 -16.77
C SER D 312 7.88 -0.40 -17.90
N PHE D 313 7.58 0.63 -18.71
CA PHE D 313 8.39 1.01 -19.89
C PHE D 313 9.68 1.63 -19.34
N VAL D 314 9.57 2.51 -18.38
CA VAL D 314 10.77 3.15 -17.77
C VAL D 314 11.68 2.04 -17.24
N ARG D 315 11.16 1.03 -16.54
CA ARG D 315 12.02 -0.07 -16.04
C ARG D 315 12.66 -0.83 -17.22
N ALA D 316 11.84 -1.28 -18.16
CA ALA D 316 12.30 -2.08 -19.32
C ALA D 316 13.40 -1.35 -20.06
N PHE D 317 13.19 -0.09 -20.38
CA PHE D 317 14.13 0.68 -21.24
C PHE D 317 15.41 0.91 -20.44
N ALA D 318 15.30 1.18 -19.15
CA ALA D 318 16.50 1.40 -18.31
C ALA D 318 17.37 0.13 -18.28
N GLN D 319 16.73 -1.04 -18.36
CA GLN D 319 17.39 -2.37 -18.28
C GLN D 319 17.89 -2.82 -19.65
N GLY D 320 17.58 -2.06 -20.70
CA GLY D 320 17.86 -2.41 -22.09
C GLY D 320 17.04 -3.57 -22.59
N ASP D 321 15.88 -3.80 -21.99
CA ASP D 321 14.95 -4.85 -22.44
C ASP D 321 14.09 -4.28 -23.55
N ILE D 322 14.63 -4.24 -24.77
CA ILE D 322 13.97 -3.56 -25.90
C ILE D 322 12.71 -4.36 -26.28
N LYS D 323 12.77 -5.68 -26.25
CA LYS D 323 11.57 -6.49 -26.63
C LYS D 323 10.43 -6.12 -25.64
N ALA D 324 10.75 -6.03 -24.36
CA ALA D 324 9.71 -5.73 -23.34
C ALA D 324 9.19 -4.30 -23.57
N ALA D 325 10.07 -3.34 -23.82
CA ALA D 325 9.66 -1.93 -24.11
C ALA D 325 8.75 -1.92 -25.36
N GLY D 326 9.12 -2.68 -26.40
CA GLY D 326 8.26 -2.79 -27.58
C GLY D 326 6.88 -3.37 -27.24
N ARG D 327 6.83 -4.43 -26.43
CA ARG D 327 5.49 -5.02 -26.06
C ARG D 327 4.64 -4.00 -25.29
N LEU D 328 5.28 -3.14 -24.51
CA LEU D 328 4.56 -2.08 -23.76
C LEU D 328 4.02 -1.02 -24.74
N PHE D 329 4.79 -0.64 -25.80
CA PHE D 329 4.24 0.21 -26.88
C PHE D 329 2.95 -0.43 -27.40
N ASN D 330 3.07 -1.72 -27.70
CA ASN D 330 1.97 -2.43 -28.39
C ASN D 330 0.73 -2.44 -27.50
N ALA D 331 0.92 -2.72 -26.20
CA ALA D 331 -0.19 -2.78 -25.22
C ALA D 331 -0.87 -1.41 -25.03
N SER D 332 -0.08 -0.34 -25.03
CA SER D 332 -0.59 1.04 -25.00
C SER D 332 -1.50 1.25 -26.21
N HIS D 333 -1.00 1.00 -27.39
CA HIS D 333 -1.80 1.14 -28.64
C HIS D 333 -3.09 0.33 -28.56
N ASP D 334 -2.97 -0.95 -28.18
CA ASP D 334 -4.16 -1.82 -28.20
C ASP D 334 -5.21 -1.31 -27.23
N SER D 335 -4.77 -0.77 -26.10
CA SER D 335 -5.68 -0.15 -25.12
C SER D 335 -6.31 1.11 -25.69
N LEU D 336 -5.52 1.97 -26.33
CA LEU D 336 -6.07 3.19 -26.95
C LEU D 336 -7.11 2.80 -27.99
N ALA D 337 -6.86 1.74 -28.76
CA ALA D 337 -7.81 1.31 -29.84
C ALA D 337 -9.12 0.77 -29.22
N ALA D 338 -8.99 -0.18 -28.31
CA ALA D 338 -10.11 -1.02 -27.85
C ALA D 338 -10.84 -0.38 -26.68
N ASP D 339 -10.10 0.19 -25.72
CA ASP D 339 -10.73 0.67 -24.46
C ASP D 339 -10.91 2.19 -24.49
N TYR D 340 -9.95 2.93 -25.05
CA TYR D 340 -10.08 4.42 -25.08
C TYR D 340 -10.77 4.89 -26.39
N GLU D 341 -10.79 4.04 -27.40
CA GLU D 341 -11.45 4.25 -28.69
C GLU D 341 -11.04 5.60 -29.27
N VAL D 342 -9.73 5.86 -29.33
CA VAL D 342 -9.22 7.11 -29.96
C VAL D 342 -8.37 6.78 -31.18
N THR D 343 -8.40 5.56 -31.69
CA THR D 343 -7.68 5.28 -32.97
C THR D 343 -8.66 5.39 -34.14
N VAL D 344 -8.05 5.43 -35.31
CA VAL D 344 -8.74 5.42 -36.62
C VAL D 344 -8.01 4.38 -37.47
N PRO D 345 -8.66 3.92 -38.55
CA PRO D 345 -8.05 2.88 -39.36
C PRO D 345 -6.59 3.21 -39.77
N GLU D 346 -6.30 4.48 -40.10
CA GLU D 346 -4.96 4.82 -40.61
C GLU D 346 -3.92 4.51 -39.53
N LEU D 347 -4.27 4.79 -38.26
CA LEU D 347 -3.32 4.53 -37.16
C LEU D 347 -3.16 3.03 -37.00
N ASP D 348 -4.27 2.30 -36.98
CA ASP D 348 -4.30 0.85 -36.67
C ASP D 348 -3.56 0.08 -37.75
N ILE D 349 -3.71 0.53 -38.99
CA ILE D 349 -3.09 -0.12 -40.16
C ILE D 349 -1.59 0.20 -40.18
N ALA D 350 -1.24 1.47 -39.92
CA ALA D 350 0.18 1.84 -39.84
C ALA D 350 0.87 0.98 -38.78
N VAL D 351 0.24 0.86 -37.61
CA VAL D 351 0.82 0.07 -36.51
C VAL D 351 0.94 -1.39 -36.96
N ASP D 352 -0.08 -1.92 -37.57
CA ASP D 352 -0.03 -3.34 -38.02
C ASP D 352 1.14 -3.55 -39.00
N VAL D 353 1.34 -2.63 -39.95
CA VAL D 353 2.41 -2.79 -40.96
C VAL D 353 3.73 -2.80 -40.18
N ALA D 354 3.92 -1.87 -39.24
CA ALA D 354 5.17 -1.81 -38.45
C ALA D 354 5.38 -3.14 -37.71
N ARG D 355 4.38 -3.62 -37.01
CA ARG D 355 4.49 -4.90 -36.25
C ARG D 355 4.85 -6.07 -37.17
N LYS D 356 4.27 -6.11 -38.36
CA LYS D 356 4.46 -7.23 -39.32
C LYS D 356 5.82 -7.06 -40.03
N ASN D 357 6.49 -5.92 -39.89
CA ASN D 357 7.73 -5.66 -40.65
C ASN D 357 8.84 -5.43 -39.66
N GLY D 358 8.68 -5.94 -38.44
CA GLY D 358 9.78 -6.21 -37.50
C GLY D 358 9.97 -5.13 -36.49
N ALA D 359 9.03 -4.19 -36.33
CA ALA D 359 9.04 -3.24 -35.19
C ALA D 359 9.03 -4.03 -33.87
N TYR D 360 9.85 -3.64 -32.89
CA TYR D 360 9.77 -4.18 -31.52
C TYR D 360 8.39 -3.85 -30.99
N GLY D 361 7.90 -2.67 -31.32
CA GLY D 361 6.55 -2.25 -30.93
C GLY D 361 6.17 -0.97 -31.66
N ALA D 362 4.88 -0.69 -31.72
CA ALA D 362 4.33 0.44 -32.50
C ALA D 362 3.03 0.87 -31.86
N ARG D 363 2.85 2.16 -31.87
CA ARG D 363 1.65 2.77 -31.24
C ARG D 363 1.37 4.16 -31.78
N MET D 364 0.11 4.55 -31.73
CA MET D 364 -0.28 5.96 -31.97
C MET D 364 0.39 6.77 -30.87
N THR D 365 0.66 8.02 -31.13
CA THR D 365 1.18 8.98 -30.13
C THR D 365 0.29 10.23 -30.15
N GLY D 366 0.19 10.87 -29.00
CA GLY D 366 -0.65 12.06 -28.85
C GLY D 366 -2.12 11.77 -28.61
N GLY D 367 -3.01 12.72 -28.91
CA GLY D 367 -4.44 12.67 -28.61
C GLY D 367 -5.15 11.54 -29.33
N GLY D 368 -4.76 11.25 -30.56
CA GLY D 368 -5.47 10.25 -31.36
C GLY D 368 -6.41 10.92 -32.33
N PHE D 369 -7.37 10.13 -32.82
CA PHE D 369 -8.40 10.56 -33.81
C PHE D 369 -7.79 10.86 -35.19
N GLY D 370 -6.54 10.51 -35.37
CA GLY D 370 -5.69 10.79 -36.52
C GLY D 370 -4.31 11.03 -36.01
N GLY D 371 -3.47 11.64 -36.79
CA GLY D 371 -2.13 12.02 -36.32
C GLY D 371 -1.13 10.93 -36.59
N SER D 372 -0.21 10.77 -35.66
CA SER D 372 1.03 10.03 -35.87
C SER D 372 1.05 8.67 -35.17
N ILE D 373 1.90 7.79 -35.69
CA ILE D 373 2.35 6.59 -34.96
C ILE D 373 3.85 6.69 -34.76
N ILE D 374 4.33 5.89 -33.84
CA ILE D 374 5.74 5.71 -33.55
C ILE D 374 6.00 4.21 -33.47
N ALA D 375 7.25 3.83 -33.73
CA ALA D 375 7.66 2.44 -33.69
C ALA D 375 9.14 2.39 -33.31
N LEU D 376 9.45 1.48 -32.42
CA LEU D 376 10.85 1.15 -32.06
C LEU D 376 11.31 0.14 -33.09
N VAL D 377 12.33 0.49 -33.87
CA VAL D 377 12.79 -0.39 -34.98
C VAL D 377 14.30 -0.50 -34.93
N ASP D 378 14.87 -1.53 -35.53
CA ASP D 378 16.34 -1.60 -35.66
C ASP D 378 16.82 -0.38 -36.47
N LYS D 379 17.98 0.16 -36.11
CA LYS D 379 18.57 1.30 -36.84
C LYS D 379 18.68 0.98 -38.33
N GLY D 380 18.23 1.89 -39.19
CA GLY D 380 18.27 1.72 -40.65
C GLY D 380 17.05 1.02 -41.23
N GLN D 381 16.10 0.58 -40.40
CA GLN D 381 14.87 -0.08 -40.90
C GLN D 381 13.71 0.91 -41.03
N GLY D 382 13.84 2.12 -40.48
CA GLY D 382 12.76 3.10 -40.44
C GLY D 382 12.28 3.48 -41.83
N HIS D 383 13.19 3.75 -42.76
CA HIS D 383 12.79 4.18 -44.13
C HIS D 383 11.99 3.04 -44.79
N GLU D 384 12.49 1.81 -44.68
CA GLU D 384 11.83 0.64 -45.32
C GLU D 384 10.42 0.49 -44.72
N ILE D 385 10.29 0.58 -43.41
CA ILE D 385 8.95 0.42 -42.77
C ILE D 385 8.04 1.57 -43.18
N ALA D 386 8.55 2.81 -43.21
CA ALA D 386 7.75 3.96 -43.61
C ALA D 386 7.23 3.72 -45.02
N GLN D 387 8.09 3.25 -45.92
CA GLN D 387 7.69 3.03 -47.32
C GLN D 387 6.60 1.94 -47.36
N LYS D 388 6.74 0.86 -46.59
CA LYS D 388 5.71 -0.22 -46.55
C LYS D 388 4.39 0.38 -46.08
N ILE D 389 4.43 1.30 -45.11
CA ILE D 389 3.22 1.98 -44.64
C ILE D 389 2.60 2.80 -45.76
N ALA D 390 3.41 3.60 -46.44
CA ALA D 390 2.94 4.42 -47.57
C ALA D 390 2.32 3.52 -48.66
N ASP D 391 2.97 2.41 -48.95
CA ASP D 391 2.54 1.49 -50.05
C ASP D 391 1.17 0.91 -49.68
N ARG D 392 1.04 0.50 -48.42
CA ARG D 392 -0.21 -0.04 -47.86
C ARG D 392 -1.29 1.04 -47.93
N PHE D 393 -0.98 2.26 -47.54
CA PHE D 393 -1.96 3.35 -47.56
C PHE D 393 -2.48 3.56 -49.00
N GLU D 394 -1.60 3.48 -50.00
CA GLU D 394 -1.99 3.72 -51.40
C GLU D 394 -3.03 2.64 -51.73
N LYS D 395 -2.78 1.43 -51.27
CA LYS D 395 -3.67 0.28 -51.61
C LYS D 395 -5.00 0.39 -50.86
N GLU D 396 -4.98 1.01 -49.68
CA GLU D 396 -6.17 1.24 -48.83
C GLU D 396 -7.02 2.37 -49.40
N GLY D 397 -6.40 3.26 -50.21
CA GLY D 397 -6.99 4.50 -50.74
C GLY D 397 -6.93 5.64 -49.72
N PHE D 398 -6.00 5.57 -48.78
CA PHE D 398 -5.75 6.65 -47.79
C PHE D 398 -4.84 7.73 -48.37
N ASN D 399 -4.93 8.92 -47.78
CA ASN D 399 -3.92 9.99 -47.95
C ASN D 399 -2.54 9.39 -47.76
N ALA D 400 -1.58 9.86 -48.53
CA ALA D 400 -0.17 9.48 -48.37
C ALA D 400 0.29 9.91 -46.97
N PRO D 401 1.12 9.10 -46.27
CA PRO D 401 1.69 9.52 -45.01
C PRO D 401 3.03 10.18 -45.23
N ARG D 402 3.59 10.74 -44.18
CA ARG D 402 4.96 11.32 -44.20
C ARG D 402 5.63 10.98 -42.90
N ALA D 403 6.94 10.78 -42.94
CA ALA D 403 7.70 10.36 -41.75
C ALA D 403 8.52 11.54 -41.27
N LEU D 404 9.09 11.38 -40.10
CA LEU D 404 9.90 12.44 -39.45
C LEU D 404 11.08 11.72 -38.83
N PRO D 405 12.34 12.19 -38.95
CA PRO D 405 13.39 11.69 -38.07
C PRO D 405 13.02 12.13 -36.65
N ALA D 406 13.39 11.31 -35.68
CA ALA D 406 12.98 11.55 -34.29
C ALA D 406 14.02 10.88 -33.40
N PHE D 407 14.57 11.70 -32.56
CA PHE D 407 15.52 11.40 -31.47
C PHE D 407 15.17 12.42 -30.41
N ALA D 408 15.55 12.12 -29.19
CA ALA D 408 15.23 13.01 -28.07
C ALA D 408 16.10 14.25 -28.17
N ALA D 409 15.44 15.35 -28.46
CA ALA D 409 16.07 16.67 -28.74
C ALA D 409 15.90 17.64 -27.60
N ALA D 410 16.50 18.82 -27.76
CA ALA D 410 16.47 19.90 -26.75
C ALA D 410 15.09 20.55 -26.67
N SER D 411 14.84 21.19 -25.52
CA SER D 411 13.62 21.95 -25.22
C SER D 411 13.73 23.34 -25.85
N ALA D 412 12.72 24.15 -25.65
CA ALA D 412 12.65 25.53 -26.17
C ALA D 412 13.90 26.28 -25.78
N SER D 413 14.28 27.21 -26.63
CA SER D 413 15.45 28.03 -26.30
C SER D 413 15.39 29.34 -27.10
N ARG D 414 16.17 30.32 -26.65
N ARG D 414 16.16 30.33 -26.67
N ARG D 414 16.17 30.31 -26.63
CA ARG D 414 16.52 31.44 -27.53
CA ARG D 414 16.43 31.47 -27.57
CA ARG D 414 16.68 31.42 -27.47
C ARG D 414 17.33 30.85 -28.69
C ARG D 414 17.40 30.99 -28.65
C ARG D 414 17.33 30.79 -28.71
N GLU D 415 17.14 31.37 -29.90
CA GLU D 415 17.92 31.01 -31.11
C GLU D 415 18.81 32.24 -31.43
N ALA D 416 20.11 32.08 -31.35
CA ALA D 416 21.08 33.18 -31.61
C ALA D 416 20.93 33.77 -33.03
N LYS D 417 21.03 35.12 -33.12
CA LYS D 417 21.16 35.90 -34.39
C LYS D 417 22.28 35.26 -35.24
N LEU D 418 22.11 35.25 -36.56
CA LEU D 418 23.09 34.71 -37.56
C LEU D 418 24.41 35.50 -37.50
#